data_1TJD
# 
_entry.id   1TJD 
# 
_audit_conform.dict_name       mmcif_pdbx.dic 
_audit_conform.dict_version    5.398 
_audit_conform.dict_location   http://mmcif.pdb.org/dictionaries/ascii/mmcif_pdbx.dic 
# 
loop_
_database_2.database_id 
_database_2.database_code 
_database_2.pdbx_database_accession 
_database_2.pdbx_DOI 
PDB   1TJD         pdb_00001tjd 10.2210/pdb1tjd/pdb 
RCSB  RCSB022683   ?            ?                   
WWPDB D_1000022683 ?            ?                   
# 
loop_
_pdbx_audit_revision_history.ordinal 
_pdbx_audit_revision_history.data_content_type 
_pdbx_audit_revision_history.major_revision 
_pdbx_audit_revision_history.minor_revision 
_pdbx_audit_revision_history.revision_date 
1 'Structure model' 1 0 2004-10-05 
2 'Structure model' 1 1 2008-04-30 
3 'Structure model' 1 2 2011-07-13 
4 'Structure model' 1 3 2023-08-23 
5 'Structure model' 1 4 2024-10-30 
# 
_pdbx_audit_revision_details.ordinal             1 
_pdbx_audit_revision_details.revision_ordinal    1 
_pdbx_audit_revision_details.data_content_type   'Structure model' 
_pdbx_audit_revision_details.provider            repository 
_pdbx_audit_revision_details.type                'Initial release' 
_pdbx_audit_revision_details.description         ? 
_pdbx_audit_revision_details.details             ? 
# 
loop_
_pdbx_audit_revision_group.ordinal 
_pdbx_audit_revision_group.revision_ordinal 
_pdbx_audit_revision_group.data_content_type 
_pdbx_audit_revision_group.group 
1 2 'Structure model' 'Version format compliance' 
2 3 'Structure model' 'Version format compliance' 
3 4 'Structure model' 'Data collection'           
4 4 'Structure model' 'Database references'       
5 4 'Structure model' 'Refinement description'    
6 5 'Structure model' 'Structure summary'         
# 
loop_
_pdbx_audit_revision_category.ordinal 
_pdbx_audit_revision_category.revision_ordinal 
_pdbx_audit_revision_category.data_content_type 
_pdbx_audit_revision_category.category 
1 4 'Structure model' chem_comp_atom                
2 4 'Structure model' chem_comp_bond                
3 4 'Structure model' database_2                    
4 4 'Structure model' diffrn_source                 
5 4 'Structure model' pdbx_initial_refinement_model 
6 5 'Structure model' pdbx_entry_details            
7 5 'Structure model' pdbx_modification_feature     
# 
loop_
_pdbx_audit_revision_item.ordinal 
_pdbx_audit_revision_item.revision_ordinal 
_pdbx_audit_revision_item.data_content_type 
_pdbx_audit_revision_item.item 
1 4 'Structure model' '_database_2.pdbx_DOI'                 
2 4 'Structure model' '_database_2.pdbx_database_accession'  
3 4 'Structure model' '_diffrn_source.pdbx_synchrotron_site' 
# 
_pdbx_database_status.status_code                     REL 
_pdbx_database_status.entry_id                        1TJD 
_pdbx_database_status.recvd_initial_deposition_date   2004-06-04 
_pdbx_database_status.deposit_site                    RCSB 
_pdbx_database_status.process_site                    RCSB 
_pdbx_database_status.status_code_sf                  REL 
_pdbx_database_status.SG_entry                        . 
_pdbx_database_status.pdb_format_compatible           Y 
_pdbx_database_status.status_code_mr                  ? 
_pdbx_database_status.status_code_cs                  ? 
_pdbx_database_status.status_code_nmr_data            ? 
_pdbx_database_status.methods_development_category    ? 
# 
loop_
_audit_author.name 
_audit_author.pdbx_ordinal 
'Banaszak, K.'   1 
'Mechin, I.'     2 
'Frost, G.'      3 
'Rypniewski, W.' 4 
# 
_citation.id                        primary 
_citation.title                     'Structure of the reduced disulfide-bond isomerase DsbC from Escherichia coli.' 
_citation.journal_abbrev            'Acta Crystallogr.,Sect.D' 
_citation.journal_volume            60 
_citation.page_first                1747 
_citation.page_last                 1752 
_citation.year                      2004 
_citation.journal_id_ASTM           ABCRE6 
_citation.country                   DK 
_citation.journal_id_ISSN           0907-4449 
_citation.journal_id_CSD            0766 
_citation.book_publisher            ? 
_citation.pdbx_database_id_PubMed   15388920 
_citation.pdbx_database_id_DOI      10.1107/S0907444904018359 
# 
loop_
_citation_author.citation_id 
_citation_author.name 
_citation_author.ordinal 
_citation_author.identifier_ORCID 
primary 'Banaszak, K.'   1 ? 
primary 'Mechin, I.'     2 ? 
primary 'Frost, G.'      3 ? 
primary 'Rypniewski, W.' 4 ? 
# 
loop_
_entity.id 
_entity.type 
_entity.src_method 
_entity.pdbx_description 
_entity.formula_weight 
_entity.pdbx_number_of_molecules 
_entity.pdbx_ec 
_entity.pdbx_mutation 
_entity.pdbx_fragment 
_entity.details 
1 polymer man 'Thiol:disulfide interchange protein dsbC' 23488.016 1  5.3.4.1 ? ? ? 
2 water   nat water                                      18.015    71 ?       ? ? ? 
# 
_entity_poly.entity_id                      1 
_entity_poly.type                           'polypeptide(L)' 
_entity_poly.nstd_linkage                   no 
_entity_poly.nstd_monomer                   no 
_entity_poly.pdbx_seq_one_letter_code       
;DDAAIQQTLAKMGIKSSDIQPAPVAGMKTVLTNSGVLYITDDGKHIIQGPMYDVSGTAPVNVTNKMLLKQLNALEKEMIV
YKAPQEKHVITVFTDITCGYCHKLHEQMADYNALGITVRYLAFPRQGLDSDAEKEMKAIWCAKDKNKAFDDVMAGKSVAP
ASCDVDIADHYALGVQLGVSGTPAVVLSNGTLVPGYQPPKEMKEFLDEHQKMTSGK
;
_entity_poly.pdbx_seq_one_letter_code_can   
;DDAAIQQTLAKMGIKSSDIQPAPVAGMKTVLTNSGVLYITDDGKHIIQGPMYDVSGTAPVNVTNKMLLKQLNALEKEMIV
YKAPQEKHVITVFTDITCGYCHKLHEQMADYNALGITVRYLAFPRQGLDSDAEKEMKAIWCAKDKNKAFDDVMAGKSVAP
ASCDVDIADHYALGVQLGVSGTPAVVLSNGTLVPGYQPPKEMKEFLDEHQKMTSGK
;
_entity_poly.pdbx_strand_id                 A 
_entity_poly.pdbx_target_identifier         ? 
# 
_pdbx_entity_nonpoly.entity_id   2 
_pdbx_entity_nonpoly.name        water 
_pdbx_entity_nonpoly.comp_id     HOH 
# 
loop_
_entity_poly_seq.entity_id 
_entity_poly_seq.num 
_entity_poly_seq.mon_id 
_entity_poly_seq.hetero 
1 1   ASP n 
1 2   ASP n 
1 3   ALA n 
1 4   ALA n 
1 5   ILE n 
1 6   GLN n 
1 7   GLN n 
1 8   THR n 
1 9   LEU n 
1 10  ALA n 
1 11  LYS n 
1 12  MET n 
1 13  GLY n 
1 14  ILE n 
1 15  LYS n 
1 16  SER n 
1 17  SER n 
1 18  ASP n 
1 19  ILE n 
1 20  GLN n 
1 21  PRO n 
1 22  ALA n 
1 23  PRO n 
1 24  VAL n 
1 25  ALA n 
1 26  GLY n 
1 27  MET n 
1 28  LYS n 
1 29  THR n 
1 30  VAL n 
1 31  LEU n 
1 32  THR n 
1 33  ASN n 
1 34  SER n 
1 35  GLY n 
1 36  VAL n 
1 37  LEU n 
1 38  TYR n 
1 39  ILE n 
1 40  THR n 
1 41  ASP n 
1 42  ASP n 
1 43  GLY n 
1 44  LYS n 
1 45  HIS n 
1 46  ILE n 
1 47  ILE n 
1 48  GLN n 
1 49  GLY n 
1 50  PRO n 
1 51  MET n 
1 52  TYR n 
1 53  ASP n 
1 54  VAL n 
1 55  SER n 
1 56  GLY n 
1 57  THR n 
1 58  ALA n 
1 59  PRO n 
1 60  VAL n 
1 61  ASN n 
1 62  VAL n 
1 63  THR n 
1 64  ASN n 
1 65  LYS n 
1 66  MET n 
1 67  LEU n 
1 68  LEU n 
1 69  LYS n 
1 70  GLN n 
1 71  LEU n 
1 72  ASN n 
1 73  ALA n 
1 74  LEU n 
1 75  GLU n 
1 76  LYS n 
1 77  GLU n 
1 78  MET n 
1 79  ILE n 
1 80  VAL n 
1 81  TYR n 
1 82  LYS n 
1 83  ALA n 
1 84  PRO n 
1 85  GLN n 
1 86  GLU n 
1 87  LYS n 
1 88  HIS n 
1 89  VAL n 
1 90  ILE n 
1 91  THR n 
1 92  VAL n 
1 93  PHE n 
1 94  THR n 
1 95  ASP n 
1 96  ILE n 
1 97  THR n 
1 98  CYS n 
1 99  GLY n 
1 100 TYR n 
1 101 CYS n 
1 102 HIS n 
1 103 LYS n 
1 104 LEU n 
1 105 HIS n 
1 106 GLU n 
1 107 GLN n 
1 108 MET n 
1 109 ALA n 
1 110 ASP n 
1 111 TYR n 
1 112 ASN n 
1 113 ALA n 
1 114 LEU n 
1 115 GLY n 
1 116 ILE n 
1 117 THR n 
1 118 VAL n 
1 119 ARG n 
1 120 TYR n 
1 121 LEU n 
1 122 ALA n 
1 123 PHE n 
1 124 PRO n 
1 125 ARG n 
1 126 GLN n 
1 127 GLY n 
1 128 LEU n 
1 129 ASP n 
1 130 SER n 
1 131 ASP n 
1 132 ALA n 
1 133 GLU n 
1 134 LYS n 
1 135 GLU n 
1 136 MET n 
1 137 LYS n 
1 138 ALA n 
1 139 ILE n 
1 140 TRP n 
1 141 CYS n 
1 142 ALA n 
1 143 LYS n 
1 144 ASP n 
1 145 LYS n 
1 146 ASN n 
1 147 LYS n 
1 148 ALA n 
1 149 PHE n 
1 150 ASP n 
1 151 ASP n 
1 152 VAL n 
1 153 MET n 
1 154 ALA n 
1 155 GLY n 
1 156 LYS n 
1 157 SER n 
1 158 VAL n 
1 159 ALA n 
1 160 PRO n 
1 161 ALA n 
1 162 SER n 
1 163 CYS n 
1 164 ASP n 
1 165 VAL n 
1 166 ASP n 
1 167 ILE n 
1 168 ALA n 
1 169 ASP n 
1 170 HIS n 
1 171 TYR n 
1 172 ALA n 
1 173 LEU n 
1 174 GLY n 
1 175 VAL n 
1 176 GLN n 
1 177 LEU n 
1 178 GLY n 
1 179 VAL n 
1 180 SER n 
1 181 GLY n 
1 182 THR n 
1 183 PRO n 
1 184 ALA n 
1 185 VAL n 
1 186 VAL n 
1 187 LEU n 
1 188 SER n 
1 189 ASN n 
1 190 GLY n 
1 191 THR n 
1 192 LEU n 
1 193 VAL n 
1 194 PRO n 
1 195 GLY n 
1 196 TYR n 
1 197 GLN n 
1 198 PRO n 
1 199 PRO n 
1 200 LYS n 
1 201 GLU n 
1 202 MET n 
1 203 LYS n 
1 204 GLU n 
1 205 PHE n 
1 206 LEU n 
1 207 ASP n 
1 208 GLU n 
1 209 HIS n 
1 210 GLN n 
1 211 LYS n 
1 212 MET n 
1 213 THR n 
1 214 SER n 
1 215 GLY n 
1 216 LYS n 
# 
_entity_src_gen.entity_id                          1 
_entity_src_gen.pdbx_src_id                        1 
_entity_src_gen.pdbx_alt_source_flag               sample 
_entity_src_gen.pdbx_seq_type                      ? 
_entity_src_gen.pdbx_beg_seq_num                   ? 
_entity_src_gen.pdbx_end_seq_num                   ? 
_entity_src_gen.gene_src_common_name               ? 
_entity_src_gen.gene_src_genus                     Escherichia 
_entity_src_gen.pdbx_gene_src_gene                 'DSBC, XPRA, B2893, Z4231, ECS3765' 
_entity_src_gen.gene_src_species                   ? 
_entity_src_gen.gene_src_strain                    ? 
_entity_src_gen.gene_src_tissue                    ? 
_entity_src_gen.gene_src_tissue_fraction           ? 
_entity_src_gen.gene_src_details                   ? 
_entity_src_gen.pdbx_gene_src_fragment             ? 
_entity_src_gen.pdbx_gene_src_scientific_name      'Escherichia coli' 
_entity_src_gen.pdbx_gene_src_ncbi_taxonomy_id     562 
_entity_src_gen.pdbx_gene_src_variant              ? 
_entity_src_gen.pdbx_gene_src_cell_line            ? 
_entity_src_gen.pdbx_gene_src_atcc                 ? 
_entity_src_gen.pdbx_gene_src_organ                ? 
_entity_src_gen.pdbx_gene_src_organelle            ? 
_entity_src_gen.pdbx_gene_src_cell                 ? 
_entity_src_gen.pdbx_gene_src_cellular_location    ? 
_entity_src_gen.host_org_common_name               ? 
_entity_src_gen.pdbx_host_org_scientific_name      'Escherichia coli' 
_entity_src_gen.pdbx_host_org_ncbi_taxonomy_id     562 
_entity_src_gen.host_org_genus                     Escherichia 
_entity_src_gen.pdbx_host_org_gene                 ? 
_entity_src_gen.pdbx_host_org_organ                ? 
_entity_src_gen.host_org_species                   ? 
_entity_src_gen.pdbx_host_org_tissue               ? 
_entity_src_gen.pdbx_host_org_tissue_fraction      ? 
_entity_src_gen.pdbx_host_org_strain               'BL21 (DE2)' 
_entity_src_gen.pdbx_host_org_variant              ? 
_entity_src_gen.pdbx_host_org_cell_line            ? 
_entity_src_gen.pdbx_host_org_atcc                 ? 
_entity_src_gen.pdbx_host_org_culture_collection   ? 
_entity_src_gen.pdbx_host_org_cell                 ? 
_entity_src_gen.pdbx_host_org_organelle            ? 
_entity_src_gen.pdbx_host_org_cellular_location    ? 
_entity_src_gen.pdbx_host_org_vector_type          plasmid 
_entity_src_gen.pdbx_host_org_vector               ? 
_entity_src_gen.host_org_details                   ? 
_entity_src_gen.expression_system_id               ? 
_entity_src_gen.plasmid_name                       pDM801 
_entity_src_gen.plasmid_details                    ? 
_entity_src_gen.pdbx_description                   ? 
# 
loop_
_chem_comp.id 
_chem_comp.type 
_chem_comp.mon_nstd_flag 
_chem_comp.name 
_chem_comp.pdbx_synonyms 
_chem_comp.formula 
_chem_comp.formula_weight 
ALA 'L-peptide linking' y ALANINE         ? 'C3 H7 N O2'     89.093  
ARG 'L-peptide linking' y ARGININE        ? 'C6 H15 N4 O2 1' 175.209 
ASN 'L-peptide linking' y ASPARAGINE      ? 'C4 H8 N2 O3'    132.118 
ASP 'L-peptide linking' y 'ASPARTIC ACID' ? 'C4 H7 N O4'     133.103 
CYS 'L-peptide linking' y CYSTEINE        ? 'C3 H7 N O2 S'   121.158 
GLN 'L-peptide linking' y GLUTAMINE       ? 'C5 H10 N2 O3'   146.144 
GLU 'L-peptide linking' y 'GLUTAMIC ACID' ? 'C5 H9 N O4'     147.129 
GLY 'peptide linking'   y GLYCINE         ? 'C2 H5 N O2'     75.067  
HIS 'L-peptide linking' y HISTIDINE       ? 'C6 H10 N3 O2 1' 156.162 
HOH non-polymer         . WATER           ? 'H2 O'           18.015  
ILE 'L-peptide linking' y ISOLEUCINE      ? 'C6 H13 N O2'    131.173 
LEU 'L-peptide linking' y LEUCINE         ? 'C6 H13 N O2'    131.173 
LYS 'L-peptide linking' y LYSINE          ? 'C6 H15 N2 O2 1' 147.195 
MET 'L-peptide linking' y METHIONINE      ? 'C5 H11 N O2 S'  149.211 
PHE 'L-peptide linking' y PHENYLALANINE   ? 'C9 H11 N O2'    165.189 
PRO 'L-peptide linking' y PROLINE         ? 'C5 H9 N O2'     115.130 
SER 'L-peptide linking' y SERINE          ? 'C3 H7 N O3'     105.093 
THR 'L-peptide linking' y THREONINE       ? 'C4 H9 N O3'     119.119 
TRP 'L-peptide linking' y TRYPTOPHAN      ? 'C11 H12 N2 O2'  204.225 
TYR 'L-peptide linking' y TYROSINE        ? 'C9 H11 N O3'    181.189 
VAL 'L-peptide linking' y VALINE          ? 'C5 H11 N O2'    117.146 
# 
loop_
_pdbx_poly_seq_scheme.asym_id 
_pdbx_poly_seq_scheme.entity_id 
_pdbx_poly_seq_scheme.seq_id 
_pdbx_poly_seq_scheme.mon_id 
_pdbx_poly_seq_scheme.ndb_seq_num 
_pdbx_poly_seq_scheme.pdb_seq_num 
_pdbx_poly_seq_scheme.auth_seq_num 
_pdbx_poly_seq_scheme.pdb_mon_id 
_pdbx_poly_seq_scheme.auth_mon_id 
_pdbx_poly_seq_scheme.pdb_strand_id 
_pdbx_poly_seq_scheme.pdb_ins_code 
_pdbx_poly_seq_scheme.hetero 
A 1 1   ASP 1   1   1   ASP ASP A . n 
A 1 2   ASP 2   2   2   ASP ASP A . n 
A 1 3   ALA 3   3   3   ALA ALA A . n 
A 1 4   ALA 4   4   4   ALA ALA A . n 
A 1 5   ILE 5   5   5   ILE ILE A . n 
A 1 6   GLN 6   6   6   GLN GLN A . n 
A 1 7   GLN 7   7   7   GLN GLN A . n 
A 1 8   THR 8   8   8   THR THR A . n 
A 1 9   LEU 9   9   9   LEU LEU A . n 
A 1 10  ALA 10  10  10  ALA ALA A . n 
A 1 11  LYS 11  11  11  LYS LYS A . n 
A 1 12  MET 12  12  12  MET MET A . n 
A 1 13  GLY 13  13  13  GLY GLY A . n 
A 1 14  ILE 14  14  14  ILE ILE A . n 
A 1 15  LYS 15  15  15  LYS LYS A . n 
A 1 16  SER 16  16  16  SER SER A . n 
A 1 17  SER 17  17  17  SER SER A . n 
A 1 18  ASP 18  18  18  ASP ASP A . n 
A 1 19  ILE 19  19  19  ILE ILE A . n 
A 1 20  GLN 20  20  20  GLN GLN A . n 
A 1 21  PRO 21  21  21  PRO PRO A . n 
A 1 22  ALA 22  22  22  ALA ALA A . n 
A 1 23  PRO 23  23  23  PRO PRO A . n 
A 1 24  VAL 24  24  24  VAL VAL A . n 
A 1 25  ALA 25  25  25  ALA ALA A . n 
A 1 26  GLY 26  26  26  GLY GLY A . n 
A 1 27  MET 27  27  27  MET MET A . n 
A 1 28  LYS 28  28  28  LYS LYS A . n 
A 1 29  THR 29  29  29  THR THR A . n 
A 1 30  VAL 30  30  30  VAL VAL A . n 
A 1 31  LEU 31  31  31  LEU LEU A . n 
A 1 32  THR 32  32  32  THR THR A . n 
A 1 33  ASN 33  33  33  ASN ASN A . n 
A 1 34  SER 34  34  34  SER SER A . n 
A 1 35  GLY 35  35  35  GLY GLY A . n 
A 1 36  VAL 36  36  36  VAL VAL A . n 
A 1 37  LEU 37  37  37  LEU LEU A . n 
A 1 38  TYR 38  38  38  TYR TYR A . n 
A 1 39  ILE 39  39  39  ILE ILE A . n 
A 1 40  THR 40  40  40  THR THR A . n 
A 1 41  ASP 41  41  41  ASP ASP A . n 
A 1 42  ASP 42  42  42  ASP ASP A . n 
A 1 43  GLY 43  43  43  GLY GLY A . n 
A 1 44  LYS 44  44  44  LYS LYS A . n 
A 1 45  HIS 45  45  45  HIS HIS A . n 
A 1 46  ILE 46  46  46  ILE ILE A . n 
A 1 47  ILE 47  47  47  ILE ILE A . n 
A 1 48  GLN 48  48  48  GLN GLN A . n 
A 1 49  GLY 49  49  49  GLY GLY A . n 
A 1 50  PRO 50  50  50  PRO PRO A . n 
A 1 51  MET 51  51  51  MET MET A . n 
A 1 52  TYR 52  52  52  TYR TYR A . n 
A 1 53  ASP 53  53  53  ASP ASP A . n 
A 1 54  VAL 54  54  54  VAL VAL A . n 
A 1 55  SER 55  55  55  SER SER A . n 
A 1 56  GLY 56  56  56  GLY GLY A . n 
A 1 57  THR 57  57  57  THR THR A . n 
A 1 58  ALA 58  58  58  ALA ALA A . n 
A 1 59  PRO 59  59  59  PRO PRO A . n 
A 1 60  VAL 60  60  60  VAL VAL A . n 
A 1 61  ASN 61  61  61  ASN ASN A . n 
A 1 62  VAL 62  62  62  VAL VAL A . n 
A 1 63  THR 63  63  63  THR THR A . n 
A 1 64  ASN 64  64  64  ASN ASN A . n 
A 1 65  LYS 65  65  65  LYS LYS A . n 
A 1 66  MET 66  66  66  MET MET A . n 
A 1 67  LEU 67  67  67  LEU LEU A . n 
A 1 68  LEU 68  68  68  LEU LEU A . n 
A 1 69  LYS 69  69  69  LYS LYS A . n 
A 1 70  GLN 70  70  70  GLN GLN A . n 
A 1 71  LEU 71  71  71  LEU LEU A . n 
A 1 72  ASN 72  72  72  ASN ASN A . n 
A 1 73  ALA 73  73  73  ALA ALA A . n 
A 1 74  LEU 74  74  74  LEU LEU A . n 
A 1 75  GLU 75  75  75  GLU GLU A . n 
A 1 76  LYS 76  76  76  LYS LYS A . n 
A 1 77  GLU 77  77  77  GLU GLU A . n 
A 1 78  MET 78  78  78  MET MET A . n 
A 1 79  ILE 79  79  79  ILE ILE A . n 
A 1 80  VAL 80  80  80  VAL VAL A . n 
A 1 81  TYR 81  81  81  TYR TYR A . n 
A 1 82  LYS 82  82  82  LYS LYS A . n 
A 1 83  ALA 83  83  83  ALA ALA A . n 
A 1 84  PRO 84  84  84  PRO PRO A . n 
A 1 85  GLN 85  85  85  GLN GLN A . n 
A 1 86  GLU 86  86  86  GLU GLU A . n 
A 1 87  LYS 87  87  87  LYS LYS A . n 
A 1 88  HIS 88  88  88  HIS HIS A . n 
A 1 89  VAL 89  89  89  VAL VAL A . n 
A 1 90  ILE 90  90  90  ILE ILE A . n 
A 1 91  THR 91  91  91  THR THR A . n 
A 1 92  VAL 92  92  92  VAL VAL A . n 
A 1 93  PHE 93  93  93  PHE PHE A . n 
A 1 94  THR 94  94  94  THR THR A . n 
A 1 95  ASP 95  95  95  ASP ASP A . n 
A 1 96  ILE 96  96  96  ILE ILE A . n 
A 1 97  THR 97  97  97  THR THR A . n 
A 1 98  CYS 98  98  98  CYS CYS A . n 
A 1 99  GLY 99  99  99  GLY GLY A . n 
A 1 100 TYR 100 100 100 TYR TYR A . n 
A 1 101 CYS 101 101 101 CYS CYS A . n 
A 1 102 HIS 102 102 102 HIS HIS A . n 
A 1 103 LYS 103 103 103 LYS LYS A . n 
A 1 104 LEU 104 104 104 LEU LEU A . n 
A 1 105 HIS 105 105 105 HIS HIS A . n 
A 1 106 GLU 106 106 106 GLU GLU A . n 
A 1 107 GLN 107 107 107 GLN GLN A . n 
A 1 108 MET 108 108 108 MET MET A . n 
A 1 109 ALA 109 109 109 ALA ALA A . n 
A 1 110 ASP 110 110 110 ASP ASP A . n 
A 1 111 TYR 111 111 111 TYR TYR A . n 
A 1 112 ASN 112 112 112 ASN ASN A . n 
A 1 113 ALA 113 113 113 ALA ALA A . n 
A 1 114 LEU 114 114 114 LEU LEU A . n 
A 1 115 GLY 115 115 115 GLY GLY A . n 
A 1 116 ILE 116 116 116 ILE ILE A . n 
A 1 117 THR 117 117 117 THR THR A . n 
A 1 118 VAL 118 118 118 VAL VAL A . n 
A 1 119 ARG 119 119 119 ARG ARG A . n 
A 1 120 TYR 120 120 120 TYR TYR A . n 
A 1 121 LEU 121 121 121 LEU LEU A . n 
A 1 122 ALA 122 122 122 ALA ALA A . n 
A 1 123 PHE 123 123 123 PHE PHE A . n 
A 1 124 PRO 124 124 124 PRO PRO A . n 
A 1 125 ARG 125 125 125 ARG ARG A . n 
A 1 126 GLN 126 126 126 GLN GLN A . n 
A 1 127 GLY 127 127 127 GLY GLY A . n 
A 1 128 LEU 128 128 128 LEU LEU A . n 
A 1 129 ASP 129 129 129 ASP ASP A . n 
A 1 130 SER 130 130 130 SER SER A . n 
A 1 131 ASP 131 131 131 ASP ASP A . n 
A 1 132 ALA 132 132 132 ALA ALA A . n 
A 1 133 GLU 133 133 133 GLU GLU A . n 
A 1 134 LYS 134 134 134 LYS LYS A . n 
A 1 135 GLU 135 135 135 GLU GLU A . n 
A 1 136 MET 136 136 136 MET MET A . n 
A 1 137 LYS 137 137 137 LYS LYS A . n 
A 1 138 ALA 138 138 138 ALA ALA A . n 
A 1 139 ILE 139 139 139 ILE ILE A . n 
A 1 140 TRP 140 140 140 TRP TRP A . n 
A 1 141 CYS 141 141 141 CYS CYS A . n 
A 1 142 ALA 142 142 142 ALA ALA A . n 
A 1 143 LYS 143 143 143 LYS LYS A . n 
A 1 144 ASP 144 144 144 ASP ASP A . n 
A 1 145 LYS 145 145 145 LYS LYS A . n 
A 1 146 ASN 146 146 146 ASN ASN A . n 
A 1 147 LYS 147 147 147 LYS LYS A . n 
A 1 148 ALA 148 148 148 ALA ALA A . n 
A 1 149 PHE 149 149 149 PHE PHE A . n 
A 1 150 ASP 150 150 150 ASP ASP A . n 
A 1 151 ASP 151 151 151 ASP ASP A . n 
A 1 152 VAL 152 152 152 VAL VAL A . n 
A 1 153 MET 153 153 153 MET MET A . n 
A 1 154 ALA 154 154 154 ALA ALA A . n 
A 1 155 GLY 155 155 155 GLY GLY A . n 
A 1 156 LYS 156 156 156 LYS LYS A . n 
A 1 157 SER 157 157 157 SER SER A . n 
A 1 158 VAL 158 158 158 VAL VAL A . n 
A 1 159 ALA 159 159 159 ALA ALA A . n 
A 1 160 PRO 160 160 160 PRO PRO A . n 
A 1 161 ALA 161 161 161 ALA ALA A . n 
A 1 162 SER 162 162 162 SER SER A . n 
A 1 163 CYS 163 163 163 CYS CYS A . n 
A 1 164 ASP 164 164 164 ASP ASP A . n 
A 1 165 VAL 165 165 165 VAL VAL A . n 
A 1 166 ASP 166 166 166 ASP ASP A . n 
A 1 167 ILE 167 167 167 ILE ILE A . n 
A 1 168 ALA 168 168 168 ALA ALA A . n 
A 1 169 ASP 169 169 169 ASP ASP A . n 
A 1 170 HIS 170 170 170 HIS HIS A . n 
A 1 171 TYR 171 171 171 TYR TYR A . n 
A 1 172 ALA 172 172 172 ALA ALA A . n 
A 1 173 LEU 173 173 173 LEU LEU A . n 
A 1 174 GLY 174 174 174 GLY GLY A . n 
A 1 175 VAL 175 175 175 VAL VAL A . n 
A 1 176 GLN 176 176 176 GLN GLN A . n 
A 1 177 LEU 177 177 177 LEU LEU A . n 
A 1 178 GLY 178 178 178 GLY GLY A . n 
A 1 179 VAL 179 179 179 VAL VAL A . n 
A 1 180 SER 180 180 180 SER SER A . n 
A 1 181 GLY 181 181 181 GLY GLY A . n 
A 1 182 THR 182 182 182 THR THR A . n 
A 1 183 PRO 183 183 183 PRO PRO A . n 
A 1 184 ALA 184 184 184 ALA ALA A . n 
A 1 185 VAL 185 185 185 VAL VAL A . n 
A 1 186 VAL 186 186 186 VAL VAL A . n 
A 1 187 LEU 187 187 187 LEU LEU A . n 
A 1 188 SER 188 188 188 SER SER A . n 
A 1 189 ASN 189 189 189 ASN ASN A . n 
A 1 190 GLY 190 190 190 GLY GLY A . n 
A 1 191 THR 191 191 191 THR THR A . n 
A 1 192 LEU 192 192 192 LEU LEU A . n 
A 1 193 VAL 193 193 193 VAL VAL A . n 
A 1 194 PRO 194 194 194 PRO PRO A . n 
A 1 195 GLY 195 195 195 GLY GLY A . n 
A 1 196 TYR 196 196 196 TYR TYR A . n 
A 1 197 GLN 197 197 197 GLN GLN A . n 
A 1 198 PRO 198 198 198 PRO PRO A . n 
A 1 199 PRO 199 199 199 PRO PRO A . n 
A 1 200 LYS 200 200 200 LYS LYS A . n 
A 1 201 GLU 201 201 201 GLU GLU A . n 
A 1 202 MET 202 202 202 MET MET A . n 
A 1 203 LYS 203 203 203 LYS LYS A . n 
A 1 204 GLU 204 204 204 GLU GLU A . n 
A 1 205 PHE 205 205 205 PHE PHE A . n 
A 1 206 LEU 206 206 206 LEU LEU A . n 
A 1 207 ASP 207 207 207 ASP ASP A . n 
A 1 208 GLU 208 208 208 GLU GLU A . n 
A 1 209 HIS 209 209 209 HIS HIS A . n 
A 1 210 GLN 210 210 210 GLN GLN A . n 
A 1 211 LYS 211 211 211 LYS LYS A . n 
A 1 212 MET 212 212 212 MET MET A . n 
A 1 213 THR 213 213 213 THR THR A . n 
A 1 214 SER 214 214 214 SER SER A . n 
A 1 215 GLY 215 215 215 GLY GLY A . n 
A 1 216 LYS 216 216 216 LYS LYS A . n 
# 
loop_
_pdbx_nonpoly_scheme.asym_id 
_pdbx_nonpoly_scheme.entity_id 
_pdbx_nonpoly_scheme.mon_id 
_pdbx_nonpoly_scheme.ndb_seq_num 
_pdbx_nonpoly_scheme.pdb_seq_num 
_pdbx_nonpoly_scheme.auth_seq_num 
_pdbx_nonpoly_scheme.pdb_mon_id 
_pdbx_nonpoly_scheme.auth_mon_id 
_pdbx_nonpoly_scheme.pdb_strand_id 
_pdbx_nonpoly_scheme.pdb_ins_code 
B 2 HOH 1  217 1  HOH HOH A . 
B 2 HOH 2  218 2  HOH HOH A . 
B 2 HOH 3  219 3  HOH HOH A . 
B 2 HOH 4  220 4  HOH HOH A . 
B 2 HOH 5  221 5  HOH HOH A . 
B 2 HOH 6  222 6  HOH HOH A . 
B 2 HOH 7  223 7  HOH HOH A . 
B 2 HOH 8  224 8  HOH HOH A . 
B 2 HOH 9  225 9  HOH HOH A . 
B 2 HOH 10 226 10 HOH HOH A . 
B 2 HOH 11 227 11 HOH HOH A . 
B 2 HOH 12 228 12 HOH HOH A . 
B 2 HOH 13 229 13 HOH HOH A . 
B 2 HOH 14 230 14 HOH HOH A . 
B 2 HOH 15 231 15 HOH HOH A . 
B 2 HOH 16 232 16 HOH HOH A . 
B 2 HOH 17 233 17 HOH HOH A . 
B 2 HOH 18 234 18 HOH HOH A . 
B 2 HOH 19 235 19 HOH HOH A . 
B 2 HOH 20 236 20 HOH HOH A . 
B 2 HOH 21 237 21 HOH HOH A . 
B 2 HOH 22 238 22 HOH HOH A . 
B 2 HOH 23 239 23 HOH HOH A . 
B 2 HOH 24 240 24 HOH HOH A . 
B 2 HOH 25 241 25 HOH HOH A . 
B 2 HOH 26 242 26 HOH HOH A . 
B 2 HOH 27 243 27 HOH HOH A . 
B 2 HOH 28 244 28 HOH HOH A . 
B 2 HOH 29 245 29 HOH HOH A . 
B 2 HOH 30 246 30 HOH HOH A . 
B 2 HOH 31 247 31 HOH HOH A . 
B 2 HOH 32 248 32 HOH HOH A . 
B 2 HOH 33 249 33 HOH HOH A . 
B 2 HOH 34 250 34 HOH HOH A . 
B 2 HOH 35 251 35 HOH HOH A . 
B 2 HOH 36 252 36 HOH HOH A . 
B 2 HOH 37 253 37 HOH HOH A . 
B 2 HOH 38 254 38 HOH HOH A . 
B 2 HOH 39 255 39 HOH HOH A . 
B 2 HOH 40 256 40 HOH HOH A . 
B 2 HOH 41 257 41 HOH HOH A . 
B 2 HOH 42 258 42 HOH HOH A . 
B 2 HOH 43 259 43 HOH HOH A . 
B 2 HOH 44 260 44 HOH HOH A . 
B 2 HOH 45 261 45 HOH HOH A . 
B 2 HOH 46 262 46 HOH HOH A . 
B 2 HOH 47 263 47 HOH HOH A . 
B 2 HOH 48 264 48 HOH HOH A . 
B 2 HOH 49 265 49 HOH HOH A . 
B 2 HOH 50 266 50 HOH HOH A . 
B 2 HOH 51 267 51 HOH HOH A . 
B 2 HOH 52 268 52 HOH HOH A . 
B 2 HOH 53 269 53 HOH HOH A . 
B 2 HOH 54 270 54 HOH HOH A . 
B 2 HOH 55 271 55 HOH HOH A . 
B 2 HOH 56 272 56 HOH HOH A . 
B 2 HOH 57 273 57 HOH HOH A . 
B 2 HOH 58 274 58 HOH HOH A . 
B 2 HOH 59 275 59 HOH HOH A . 
B 2 HOH 60 276 60 HOH HOH A . 
B 2 HOH 61 277 61 HOH HOH A . 
B 2 HOH 62 278 62 HOH HOH A . 
B 2 HOH 63 279 63 HOH HOH A . 
B 2 HOH 64 280 64 HOH HOH A . 
B 2 HOH 65 281 65 HOH HOH A . 
B 2 HOH 66 282 66 HOH HOH A . 
B 2 HOH 67 283 67 HOH HOH A . 
B 2 HOH 68 284 68 HOH HOH A . 
B 2 HOH 69 285 69 HOH HOH A . 
B 2 HOH 70 286 70 HOH HOH A . 
B 2 HOH 71 287 71 HOH HOH A . 
# 
loop_
_pdbx_unobs_or_zero_occ_atoms.id 
_pdbx_unobs_or_zero_occ_atoms.PDB_model_num 
_pdbx_unobs_or_zero_occ_atoms.polymer_flag 
_pdbx_unobs_or_zero_occ_atoms.occupancy_flag 
_pdbx_unobs_or_zero_occ_atoms.auth_asym_id 
_pdbx_unobs_or_zero_occ_atoms.auth_comp_id 
_pdbx_unobs_or_zero_occ_atoms.auth_seq_id 
_pdbx_unobs_or_zero_occ_atoms.PDB_ins_code 
_pdbx_unobs_or_zero_occ_atoms.auth_atom_id 
_pdbx_unobs_or_zero_occ_atoms.label_alt_id 
_pdbx_unobs_or_zero_occ_atoms.label_asym_id 
_pdbx_unobs_or_zero_occ_atoms.label_comp_id 
_pdbx_unobs_or_zero_occ_atoms.label_seq_id 
_pdbx_unobs_or_zero_occ_atoms.label_atom_id 
1  1 Y 0 A ASP 1   ? N   ? A ASP 1   N   
2  1 Y 0 A ASP 1   ? CA  ? A ASP 1   CA  
3  1 Y 0 A ASP 1   ? CB  ? A ASP 1   CB  
4  1 Y 0 A ASP 1   ? CG  ? A ASP 1   CG  
5  1 Y 0 A ASP 1   ? OD1 ? A ASP 1   OD1 
6  1 Y 0 A ASP 1   ? OD2 ? A ASP 1   OD2 
7  1 Y 0 A GLN 6   ? CG  ? A GLN 6   CG  
8  1 Y 0 A GLN 6   ? CD  ? A GLN 6   CD  
9  1 Y 0 A GLN 6   ? OE1 ? A GLN 6   OE1 
10 1 Y 0 A GLN 6   ? NE2 ? A GLN 6   NE2 
11 1 Y 0 A GLN 7   ? CD  ? A GLN 7   CD  
12 1 Y 0 A GLN 7   ? OE1 ? A GLN 7   OE1 
13 1 Y 0 A GLN 7   ? NE2 ? A GLN 7   NE2 
14 1 Y 0 A LEU 9   ? CG  ? A LEU 9   CG  
15 1 Y 0 A LEU 9   ? CD1 ? A LEU 9   CD1 
16 1 Y 0 A LEU 9   ? CD2 ? A LEU 9   CD2 
17 1 Y 0 A ILE 14  ? CG1 ? A ILE 14  CG1 
18 1 Y 0 A ILE 14  ? CG2 ? A ILE 14  CG2 
19 1 Y 0 A ILE 14  ? CD1 ? A ILE 14  CD1 
20 1 Y 0 A LYS 15  ? CG  ? A LYS 15  CG  
21 1 Y 0 A LYS 15  ? CD  ? A LYS 15  CD  
22 1 Y 0 A LYS 15  ? CE  ? A LYS 15  CE  
23 1 Y 0 A LYS 15  ? NZ  ? A LYS 15  NZ  
24 1 Y 0 A SER 16  ? CB  ? A SER 16  CB  
25 1 Y 0 A SER 16  ? OG  ? A SER 16  OG  
26 1 Y 0 A SER 17  ? OG  ? A SER 17  OG  
27 1 Y 0 A LYS 28  ? CE  ? A LYS 28  CE  
28 1 Y 0 A LYS 28  ? NZ  ? A LYS 28  NZ  
29 1 Y 0 A LYS 44  ? CD  ? A LYS 44  CD  
30 1 Y 0 A LYS 44  ? CE  ? A LYS 44  CE  
31 1 Y 0 A LYS 44  ? NZ  ? A LYS 44  NZ  
32 1 Y 0 A LYS 69  ? CD  ? A LYS 69  CD  
33 1 Y 0 A LYS 69  ? CE  ? A LYS 69  CE  
34 1 Y 0 A LYS 69  ? NZ  ? A LYS 69  NZ  
35 1 Y 0 A LYS 82  ? NZ  ? A LYS 82  NZ  
36 1 Y 0 A LYS 87  ? CD  ? A LYS 87  CD  
37 1 Y 0 A LYS 87  ? CE  ? A LYS 87  CE  
38 1 Y 0 A LYS 87  ? NZ  ? A LYS 87  NZ  
39 1 Y 0 A LYS 103 ? NZ  ? A LYS 103 NZ  
40 1 Y 0 A GLN 126 ? CD  ? A GLN 126 CD  
41 1 Y 0 A GLN 126 ? OE1 ? A GLN 126 OE1 
42 1 Y 0 A GLN 126 ? NE2 ? A GLN 126 NE2 
43 1 Y 0 A LYS 143 ? CG  ? A LYS 143 CG  
44 1 Y 0 A LYS 143 ? CD  ? A LYS 143 CD  
45 1 Y 0 A LYS 143 ? CE  ? A LYS 143 CE  
46 1 Y 0 A LYS 143 ? NZ  ? A LYS 143 NZ  
47 1 Y 0 A LYS 147 ? NZ  ? A LYS 147 NZ  
48 1 Y 0 A GLU 208 ? CG  ? A GLU 208 CG  
49 1 Y 0 A GLU 208 ? CD  ? A GLU 208 CD  
50 1 Y 0 A GLU 208 ? OE1 ? A GLU 208 OE1 
51 1 Y 0 A GLU 208 ? OE2 ? A GLU 208 OE2 
52 1 Y 0 A LYS 211 ? NZ  ? A LYS 211 NZ  
53 1 Y 0 A LYS 216 ? OXT ? A LYS 216 OXT 
# 
loop_
_software.name 
_software.classification 
_software.version 
_software.citation_id 
_software.pdbx_ordinal 
REFMAC    refinement       5.1.24 ? 1 
DENZO     'data reduction' .      ? 2 
SCALEPACK 'data scaling'   .      ? 3 
AMoRE     phasing          .      ? 4 
# 
_cell.entry_id           1TJD 
_cell.length_a           41.897 
_cell.length_b           145.799 
_cell.length_c           73.582 
_cell.angle_alpha        90.00 
_cell.angle_beta         90.00 
_cell.angle_gamma        90.00 
_cell.Z_PDB              8 
_cell.pdbx_unique_axis   ? 
# 
_symmetry.entry_id                         1TJD 
_symmetry.space_group_name_H-M             'C 2 2 21' 
_symmetry.pdbx_full_space_group_name_H-M   ? 
_symmetry.cell_setting                     ? 
_symmetry.Int_Tables_number                20 
_symmetry.space_group_name_Hall            ? 
# 
_exptl.entry_id          1TJD 
_exptl.method            'X-RAY DIFFRACTION' 
_exptl.crystals_number   1 
# 
_exptl_crystal.id                    1 
_exptl_crystal.density_meas          ? 
_exptl_crystal.density_Matthews      2.4 
_exptl_crystal.density_percent_sol   50 
_exptl_crystal.description           ? 
_exptl_crystal.F_000                 ? 
_exptl_crystal.preparation           ? 
# 
_exptl_crystal_grow.crystal_id      1 
_exptl_crystal_grow.method          'VAPOR DIFFUSION, HANGING DROP' 
_exptl_crystal_grow.temp            293 
_exptl_crystal_grow.temp_details    ? 
_exptl_crystal_grow.pH              8.4 
_exptl_crystal_grow.pdbx_details    
'0.2 M LiSO4, 0.1 M Tris pH 8.4 and 20% w/v PEG 4000, VAPOR DIFFUSION, HANGING DROP, temperature 293K' 
_exptl_crystal_grow.pdbx_pH_range   . 
# 
_diffrn.id                     1 
_diffrn.ambient_temp           100 
_diffrn.ambient_temp_details   ? 
_diffrn.crystal_id             1 
# 
_diffrn_detector.diffrn_id              1 
_diffrn_detector.detector               'IMAGE PLATE' 
_diffrn_detector.type                   MARRESEARCH 
_diffrn_detector.pdbx_collection_date   1998-10-19 
_diffrn_detector.details                ? 
# 
_diffrn_radiation.diffrn_id                        1 
_diffrn_radiation.wavelength_id                    1 
_diffrn_radiation.pdbx_monochromatic_or_laue_m_l   M 
_diffrn_radiation.monochromator                    'Si 111 CHANNEL' 
_diffrn_radiation.pdbx_diffrn_protocol             'SINGLE WAVELENGTH' 
_diffrn_radiation.pdbx_scattering_type             x-ray 
# 
_diffrn_radiation_wavelength.id           1 
_diffrn_radiation_wavelength.wavelength   0.906 
_diffrn_radiation_wavelength.wt           1.0 
# 
_diffrn_source.diffrn_id                   1 
_diffrn_source.source                      SYNCHROTRON 
_diffrn_source.type                        'EMBL/DESY, HAMBURG BEAMLINE X11' 
_diffrn_source.pdbx_synchrotron_site       'EMBL/DESY, HAMBURG' 
_diffrn_source.pdbx_synchrotron_beamline   X11 
_diffrn_source.pdbx_wavelength             ? 
_diffrn_source.pdbx_wavelength_list        0.906 
# 
_reflns.entry_id                     1TJD 
_reflns.observed_criterion_sigma_F   0 
_reflns.observed_criterion_sigma_I   0 
_reflns.d_resolution_high            2.5 
_reflns.d_resolution_low             17 
_reflns.number_all                   8103 
_reflns.number_obs                   7953 
_reflns.percent_possible_obs         100 
_reflns.pdbx_Rmerge_I_obs            0.081 
_reflns.pdbx_Rsym_value              0.081 
_reflns.pdbx_netI_over_sigmaI        14 
_reflns.B_iso_Wilson_estimate        42 
_reflns.pdbx_redundancy              11 
_reflns.R_free_details               ? 
_reflns.limit_h_max                  ? 
_reflns.limit_h_min                  ? 
_reflns.limit_k_max                  ? 
_reflns.limit_k_min                  ? 
_reflns.limit_l_max                  ? 
_reflns.limit_l_min                  ? 
_reflns.observed_criterion_F_max     ? 
_reflns.observed_criterion_F_min     ? 
_reflns.pdbx_chi_squared             ? 
_reflns.pdbx_scaling_rejects         ? 
_reflns.pdbx_diffrn_id               1 
_reflns.pdbx_ordinal                 1 
# 
_reflns_shell.d_res_high             2.5 
_reflns_shell.d_res_low              2.54 
_reflns_shell.percent_possible_all   100 
_reflns_shell.Rmerge_I_obs           0.386 
_reflns_shell.pdbx_Rsym_value        0.386 
_reflns_shell.meanI_over_sigI_obs    2.6 
_reflns_shell.pdbx_redundancy        5 
_reflns_shell.percent_possible_obs   ? 
_reflns_shell.number_unique_all      435 
_reflns_shell.number_measured_all    ? 
_reflns_shell.number_measured_obs    ? 
_reflns_shell.number_unique_obs      ? 
_reflns_shell.pdbx_chi_squared       ? 
_reflns_shell.pdbx_diffrn_id         ? 
_reflns_shell.pdbx_ordinal           1 
# 
_refine.entry_id                                 1TJD 
_refine.ls_number_reflns_obs                     7953 
_refine.ls_number_reflns_all                     8103 
_refine.pdbx_ls_sigma_I                          0 
_refine.pdbx_ls_sigma_F                          0 
_refine.pdbx_data_cutoff_high_absF               ? 
_refine.pdbx_data_cutoff_low_absF                ? 
_refine.pdbx_data_cutoff_high_rms_absF           ? 
_refine.ls_d_res_low                             16.74 
_refine.ls_d_res_high                            2.50 
_refine.ls_percent_reflns_obs                    100.00 
_refine.ls_R_factor_obs                          0.2043 
_refine.ls_R_factor_all                          0.2043 
_refine.ls_R_factor_R_work                       0.2031 
_refine.ls_R_factor_R_free                       0.26964 
_refine.ls_R_factor_R_free_error                 ? 
_refine.ls_R_factor_R_free_error_details         ? 
_refine.ls_percent_reflns_R_free                 1.9 
_refine.ls_number_reflns_R_free                  150 
_refine.ls_number_parameters                     ? 
_refine.ls_number_restraints                     ? 
_refine.occupancy_min                            ? 
_refine.occupancy_max                            ? 
_refine.correlation_coeff_Fo_to_Fc               0.933 
_refine.correlation_coeff_Fo_to_Fc_free          0.896 
_refine.B_iso_mean                               35.045 
_refine.aniso_B[1][1]                            0.38 
_refine.aniso_B[2][2]                            0.59 
_refine.aniso_B[3][3]                            -0.98 
_refine.aniso_B[1][2]                            0.00 
_refine.aniso_B[1][3]                            0.00 
_refine.aniso_B[2][3]                            0.00 
_refine.solvent_model_details                    'BABINET MODEL WITH MASK' 
_refine.solvent_model_param_ksol                 ? 
_refine.solvent_model_param_bsol                 ? 
_refine.pdbx_solvent_vdw_probe_radii             1.40 
_refine.pdbx_solvent_ion_probe_radii             0.80 
_refine.pdbx_solvent_shrinkage_radii             0.80 
_refine.pdbx_ls_cross_valid_method               THROUGHOUT 
_refine.details                                  ? 
_refine.pdbx_starting_model                      'PDB entry 1EEJ' 
_refine.pdbx_method_to_determine_struct          'MOLECULAR REPLACEMENT' 
_refine.pdbx_isotropic_thermal_model             isotropic 
_refine.pdbx_stereochemistry_target_values       'MAXIMUM LIKELIHOOD' 
_refine.pdbx_stereochem_target_val_spec_case     ? 
_refine.pdbx_R_Free_selection_details            RANDOM 
_refine.pdbx_overall_ESU_R                       0.576 
_refine.pdbx_overall_ESU_R_Free                  0.310 
_refine.overall_SU_ML                            0.190 
_refine.overall_SU_B                             8.374 
_refine.ls_redundancy_reflns_obs                 ? 
_refine.B_iso_min                                ? 
_refine.B_iso_max                                ? 
_refine.overall_SU_R_Cruickshank_DPI             ? 
_refine.overall_SU_R_free                        ? 
_refine.ls_wR_factor_R_free                      ? 
_refine.ls_wR_factor_R_work                      ? 
_refine.overall_FOM_free_R_set                   ? 
_refine.overall_FOM_work_R_set                   ? 
_refine.pdbx_refine_id                           'X-RAY DIFFRACTION' 
_refine.pdbx_diffrn_id                           1 
_refine.pdbx_TLS_residual_ADP_flag               ? 
_refine.pdbx_overall_phase_error                 ? 
_refine.pdbx_overall_SU_R_free_Cruickshank_DPI   ? 
_refine.pdbx_overall_SU_R_Blow_DPI               ? 
_refine.pdbx_overall_SU_R_free_Blow_DPI          ? 
# 
_refine_analyze.entry_id                        1TJD 
_refine_analyze.Luzzati_coordinate_error_obs    ? 
_refine_analyze.Luzzati_sigma_a_obs             0.1898 
_refine_analyze.Luzzati_d_res_low_obs           ? 
_refine_analyze.Luzzati_coordinate_error_free   ? 
_refine_analyze.Luzzati_sigma_a_free            ? 
_refine_analyze.Luzzati_d_res_low_free          ? 
_refine_analyze.number_disordered_residues      ? 
_refine_analyze.occupancy_sum_non_hydrogen      ? 
_refine_analyze.occupancy_sum_hydrogen          ? 
_refine_analyze.pdbx_Luzzati_d_res_high_obs     ? 
_refine_analyze.pdbx_refine_id                  'X-RAY DIFFRACTION' 
# 
_refine_hist.pdbx_refine_id                   'X-RAY DIFFRACTION' 
_refine_hist.cycle_id                         LAST 
_refine_hist.pdbx_number_atoms_protein        1643 
_refine_hist.pdbx_number_atoms_nucleic_acid   0 
_refine_hist.pdbx_number_atoms_ligand         0 
_refine_hist.number_atoms_solvent             71 
_refine_hist.number_atoms_total               1714 
_refine_hist.d_res_high                       2.50 
_refine_hist.d_res_low                        16.74 
# 
loop_
_refine_ls_restr.type 
_refine_ls_restr.dev_ideal 
_refine_ls_restr.dev_ideal_target 
_refine_ls_restr.weight 
_refine_ls_restr.number 
_refine_ls_restr.pdbx_refine_id 
_refine_ls_restr.pdbx_restraint_function 
r_bond_refined_d         0.011 0.022 ? 1621 'X-RAY DIFFRACTION' ? 
r_angle_refined_deg      1.271 1.961 ? 2203 'X-RAY DIFFRACTION' ? 
r_dihedral_angle_1_deg   5.801 5.000 ? 214  'X-RAY DIFFRACTION' ? 
r_chiral_restr           0.075 0.200 ? 255  'X-RAY DIFFRACTION' ? 
r_gen_planes_refined     0.004 0.020 ? 1208 'X-RAY DIFFRACTION' ? 
r_nbd_refined            0.200 0.200 ? 703  'X-RAY DIFFRACTION' ? 
r_xyhbond_nbd_refined    0.147 0.200 ? 81   'X-RAY DIFFRACTION' ? 
r_symmetry_vdw_refined   0.230 0.200 ? 58   'X-RAY DIFFRACTION' ? 
r_symmetry_hbond_refined 0.119 0.200 ? 5    'X-RAY DIFFRACTION' ? 
r_mcbond_it              0.619 1.500 ? 1070 'X-RAY DIFFRACTION' ? 
r_mcangle_it             1.213 2.000 ? 1716 'X-RAY DIFFRACTION' ? 
r_scbond_it              2.094 3.000 ? 551  'X-RAY DIFFRACTION' ? 
r_scangle_it             3.280 4.500 ? 487  'X-RAY DIFFRACTION' ? 
# 
_refine_ls_shell.pdbx_total_number_of_bins_used   20 
_refine_ls_shell.d_res_high                       2.500 
_refine_ls_shell.d_res_low                        2.563 
_refine_ls_shell.number_reflns_R_work             566 
_refine_ls_shell.R_factor_R_work                  0.222 
_refine_ls_shell.percent_reflns_obs               100 
_refine_ls_shell.R_factor_R_free                  0.42 
_refine_ls_shell.R_factor_R_free_error            ? 
_refine_ls_shell.percent_reflns_R_free            ? 
_refine_ls_shell.number_reflns_R_free             7 
_refine_ls_shell.number_reflns_obs                566 
_refine_ls_shell.redundancy_reflns_obs            ? 
_refine_ls_shell.number_reflns_all                ? 
_refine_ls_shell.pdbx_refine_id                   'X-RAY DIFFRACTION' 
_refine_ls_shell.R_factor_all                     ? 
# 
_struct.entry_id                  1TJD 
_struct.title                     'The crystal structure of the reduced disulphide bond isomerase, DsbC, from Escherichia coli' 
_struct.pdbx_model_details        ? 
_struct.pdbx_CASP_flag            ? 
_struct.pdbx_model_type_details   ? 
# 
_struct_keywords.entry_id        1TJD 
_struct_keywords.pdbx_keywords   ISOMERASE 
_struct_keywords.text            'dimer, ISOMERASE' 
# 
loop_
_struct_asym.id 
_struct_asym.pdbx_blank_PDB_chainid_flag 
_struct_asym.pdbx_modified 
_struct_asym.entity_id 
_struct_asym.details 
A N N 1 ? 
B N N 2 ? 
# 
_struct_ref.id                         1 
_struct_ref.db_name                    UNP 
_struct_ref.db_code                    DSBC_ECOLI 
_struct_ref.pdbx_db_accession          P21892 
_struct_ref.entity_id                  1 
_struct_ref.pdbx_seq_one_letter_code   
;DDAAIQQTLAKMGIKSSDIQPAPVAGMKTVLTNSGVLYITDDGKHIIQGPMYDVSGTAPVNVTNKMLLKQLNALEKEMIV
YKAPQEKHVITVFTDITCGYCHKLHEQMADYNALGITVRYLAFPRQGLDSDAEKEMKAIWCAKDKNKAFDDVMAGKSVAP
ASCDVDIADHYALGVQLGVSGTPAVVLSNGTLVPGYQPPKEMKEFLDEHQKMTSGK
;
_struct_ref.pdbx_align_begin           1 
_struct_ref.pdbx_db_isoform            ? 
# 
_struct_ref_seq.align_id                      1 
_struct_ref_seq.ref_id                        1 
_struct_ref_seq.pdbx_PDB_id_code              1TJD 
_struct_ref_seq.pdbx_strand_id                A 
_struct_ref_seq.seq_align_beg                 1 
_struct_ref_seq.pdbx_seq_align_beg_ins_code   ? 
_struct_ref_seq.seq_align_end                 216 
_struct_ref_seq.pdbx_seq_align_end_ins_code   ? 
_struct_ref_seq.pdbx_db_accession             P21892 
_struct_ref_seq.db_align_beg                  21 
_struct_ref_seq.pdbx_db_align_beg_ins_code    ? 
_struct_ref_seq.db_align_end                  236 
_struct_ref_seq.pdbx_db_align_end_ins_code    ? 
_struct_ref_seq.pdbx_auth_seq_align_beg       1 
_struct_ref_seq.pdbx_auth_seq_align_end       216 
# 
_pdbx_struct_assembly.id                   1 
_pdbx_struct_assembly.details              author_defined_assembly 
_pdbx_struct_assembly.method_details       ? 
_pdbx_struct_assembly.oligomeric_details   dimeric 
_pdbx_struct_assembly.oligomeric_count     2 
# 
_pdbx_struct_assembly_gen.assembly_id       1 
_pdbx_struct_assembly_gen.oper_expression   1,2 
_pdbx_struct_assembly_gen.asym_id_list      A,B 
# 
loop_
_pdbx_struct_oper_list.id 
_pdbx_struct_oper_list.type 
_pdbx_struct_oper_list.name 
_pdbx_struct_oper_list.symmetry_operation 
_pdbx_struct_oper_list.matrix[1][1] 
_pdbx_struct_oper_list.matrix[1][2] 
_pdbx_struct_oper_list.matrix[1][3] 
_pdbx_struct_oper_list.vector[1] 
_pdbx_struct_oper_list.matrix[2][1] 
_pdbx_struct_oper_list.matrix[2][2] 
_pdbx_struct_oper_list.matrix[2][3] 
_pdbx_struct_oper_list.vector[2] 
_pdbx_struct_oper_list.matrix[3][1] 
_pdbx_struct_oper_list.matrix[3][2] 
_pdbx_struct_oper_list.matrix[3][3] 
_pdbx_struct_oper_list.vector[3] 
1 'identity operation'         1_555 x,y,z     1.0000000000 0.0000000000  0.0000000000  0.0000000000  0.0000000000  1.0000000000  0.0000000000 0.0000000000  0.0000000000  0.0000000000 1.0000000000  0.0000000000  
2 'crystal symmetry operation' 4_565 x,-y+1,-z 0.1302344208 -0.9678294412 -0.2152792801 21.6330796316 -0.9678294412 -0.1712393376 0.1843454964 27.2959155423 -0.2152792801 0.1843454964 -0.9589950832 -9.1385453217 
# 
_struct_biol.id                    1 
_struct_biol.details               
;The biological assembly is a dimer generated from the monomer 
in the asymmetric unit by the operations: -X, Y, Z-1/2
;
_struct_biol.pdbx_parent_biol_id   ? 
# 
loop_
_struct_conf.conf_type_id 
_struct_conf.id 
_struct_conf.pdbx_PDB_helix_id 
_struct_conf.beg_label_comp_id 
_struct_conf.beg_label_asym_id 
_struct_conf.beg_label_seq_id 
_struct_conf.pdbx_beg_PDB_ins_code 
_struct_conf.end_label_comp_id 
_struct_conf.end_label_asym_id 
_struct_conf.end_label_seq_id 
_struct_conf.pdbx_end_PDB_ins_code 
_struct_conf.beg_auth_comp_id 
_struct_conf.beg_auth_asym_id 
_struct_conf.beg_auth_seq_id 
_struct_conf.end_auth_comp_id 
_struct_conf.end_auth_asym_id 
_struct_conf.end_auth_seq_id 
_struct_conf.pdbx_PDB_helix_class 
_struct_conf.details 
_struct_conf.pdbx_PDB_helix_length 
HELX_P HELX_P1 1 ALA A 3   ? GLY A 13  ? ALA A 3   GLY A 13  1 ? 11 
HELX_P HELX_P2 2 VAL A 62  ? LEU A 74  ? VAL A 62  LEU A 74  1 ? 13 
HELX_P HELX_P3 3 GLU A 75  ? MET A 78  ? GLU A 75  MET A 78  5 ? 4  
HELX_P HELX_P4 4 CYS A 98  ? GLN A 107 ? CYS A 98  GLN A 107 1 ? 10 
HELX_P HELX_P5 5 GLN A 107 ? LEU A 114 ? GLN A 107 LEU A 114 1 ? 8  
HELX_P HELX_P6 6 SER A 130 ? CYS A 141 ? SER A 130 CYS A 141 1 ? 12 
HELX_P HELX_P7 7 ASP A 144 ? GLY A 155 ? ASP A 144 GLY A 155 1 ? 12 
HELX_P HELX_P8 8 ASP A 166 ? LEU A 177 ? ASP A 166 LEU A 177 1 ? 12 
HELX_P HELX_P9 9 PRO A 198 ? SER A 214 ? PRO A 198 SER A 214 1 ? 17 
# 
_struct_conf_type.id          HELX_P 
_struct_conf_type.criteria    ? 
_struct_conf_type.reference   ? 
# 
_struct_conn.id                            disulf1 
_struct_conn.conn_type_id                  disulf 
_struct_conn.pdbx_leaving_atom_flag        ? 
_struct_conn.pdbx_PDB_id                   ? 
_struct_conn.ptnr1_label_asym_id           A 
_struct_conn.ptnr1_label_comp_id           CYS 
_struct_conn.ptnr1_label_seq_id            141 
_struct_conn.ptnr1_label_atom_id           SG 
_struct_conn.pdbx_ptnr1_label_alt_id       ? 
_struct_conn.pdbx_ptnr1_PDB_ins_code       ? 
_struct_conn.pdbx_ptnr1_standard_comp_id   ? 
_struct_conn.ptnr1_symmetry                1_555 
_struct_conn.ptnr2_label_asym_id           A 
_struct_conn.ptnr2_label_comp_id           CYS 
_struct_conn.ptnr2_label_seq_id            163 
_struct_conn.ptnr2_label_atom_id           SG 
_struct_conn.pdbx_ptnr2_label_alt_id       ? 
_struct_conn.pdbx_ptnr2_PDB_ins_code       ? 
_struct_conn.ptnr1_auth_asym_id            A 
_struct_conn.ptnr1_auth_comp_id            CYS 
_struct_conn.ptnr1_auth_seq_id             141 
_struct_conn.ptnr2_auth_asym_id            A 
_struct_conn.ptnr2_auth_comp_id            CYS 
_struct_conn.ptnr2_auth_seq_id             163 
_struct_conn.ptnr2_symmetry                1_555 
_struct_conn.pdbx_ptnr3_label_atom_id      ? 
_struct_conn.pdbx_ptnr3_label_seq_id       ? 
_struct_conn.pdbx_ptnr3_label_comp_id      ? 
_struct_conn.pdbx_ptnr3_label_asym_id      ? 
_struct_conn.pdbx_ptnr3_label_alt_id       ? 
_struct_conn.pdbx_ptnr3_PDB_ins_code       ? 
_struct_conn.details                       ? 
_struct_conn.pdbx_dist_value               2.052 
_struct_conn.pdbx_value_order              ? 
_struct_conn.pdbx_role                     ? 
# 
_struct_conn_type.id          disulf 
_struct_conn_type.criteria    ? 
_struct_conn_type.reference   ? 
# 
_pdbx_modification_feature.ordinal                            1 
_pdbx_modification_feature.label_comp_id                      CYS 
_pdbx_modification_feature.label_asym_id                      A 
_pdbx_modification_feature.label_seq_id                       141 
_pdbx_modification_feature.label_alt_id                       ? 
_pdbx_modification_feature.modified_residue_label_comp_id     CYS 
_pdbx_modification_feature.modified_residue_label_asym_id     A 
_pdbx_modification_feature.modified_residue_label_seq_id      163 
_pdbx_modification_feature.modified_residue_label_alt_id      ? 
_pdbx_modification_feature.auth_comp_id                       CYS 
_pdbx_modification_feature.auth_asym_id                       A 
_pdbx_modification_feature.auth_seq_id                        141 
_pdbx_modification_feature.PDB_ins_code                       ? 
_pdbx_modification_feature.symmetry                           1_555 
_pdbx_modification_feature.modified_residue_auth_comp_id      CYS 
_pdbx_modification_feature.modified_residue_auth_asym_id      A 
_pdbx_modification_feature.modified_residue_auth_seq_id       163 
_pdbx_modification_feature.modified_residue_PDB_ins_code      ? 
_pdbx_modification_feature.modified_residue_symmetry          1_555 
_pdbx_modification_feature.comp_id_linking_atom               SG 
_pdbx_modification_feature.modified_residue_id_linking_atom   SG 
_pdbx_modification_feature.modified_residue_id                . 
_pdbx_modification_feature.ref_pcm_id                         . 
_pdbx_modification_feature.ref_comp_id                        . 
_pdbx_modification_feature.type                               None 
_pdbx_modification_feature.category                           'Disulfide bridge' 
# 
loop_
_struct_mon_prot_cis.pdbx_id 
_struct_mon_prot_cis.label_comp_id 
_struct_mon_prot_cis.label_seq_id 
_struct_mon_prot_cis.label_asym_id 
_struct_mon_prot_cis.label_alt_id 
_struct_mon_prot_cis.pdbx_PDB_ins_code 
_struct_mon_prot_cis.auth_comp_id 
_struct_mon_prot_cis.auth_seq_id 
_struct_mon_prot_cis.auth_asym_id 
_struct_mon_prot_cis.pdbx_label_comp_id_2 
_struct_mon_prot_cis.pdbx_label_seq_id_2 
_struct_mon_prot_cis.pdbx_label_asym_id_2 
_struct_mon_prot_cis.pdbx_PDB_ins_code_2 
_struct_mon_prot_cis.pdbx_auth_comp_id_2 
_struct_mon_prot_cis.pdbx_auth_seq_id_2 
_struct_mon_prot_cis.pdbx_auth_asym_id_2 
_struct_mon_prot_cis.pdbx_PDB_model_num 
_struct_mon_prot_cis.pdbx_omega_angle 
1 GLY 49  A . ? GLY 49  A PRO 50  A ? PRO 50  A 1 0.26  
2 THR 182 A . ? THR 182 A PRO 183 A ? PRO 183 A 1 -3.53 
# 
loop_
_struct_sheet.id 
_struct_sheet.type 
_struct_sheet.number_strands 
_struct_sheet.details 
A ? 4 ? 
B ? 2 ? 
C ? 5 ? 
# 
loop_
_struct_sheet_order.sheet_id 
_struct_sheet_order.range_id_1 
_struct_sheet_order.range_id_2 
_struct_sheet_order.offset 
_struct_sheet_order.sense 
A 1 2 ? anti-parallel 
A 2 3 ? anti-parallel 
A 3 4 ? anti-parallel 
B 1 2 ? anti-parallel 
C 1 2 ? anti-parallel 
C 2 3 ? parallel      
C 3 4 ? anti-parallel 
C 4 5 ? anti-parallel 
# 
loop_
_struct_sheet_range.sheet_id 
_struct_sheet_range.id 
_struct_sheet_range.beg_label_comp_id 
_struct_sheet_range.beg_label_asym_id 
_struct_sheet_range.beg_label_seq_id 
_struct_sheet_range.pdbx_beg_PDB_ins_code 
_struct_sheet_range.end_label_comp_id 
_struct_sheet_range.end_label_asym_id 
_struct_sheet_range.end_label_seq_id 
_struct_sheet_range.pdbx_end_PDB_ins_code 
_struct_sheet_range.beg_auth_comp_id 
_struct_sheet_range.beg_auth_asym_id 
_struct_sheet_range.beg_auth_seq_id 
_struct_sheet_range.end_auth_comp_id 
_struct_sheet_range.end_auth_asym_id 
_struct_sheet_range.end_auth_seq_id 
A 1 ASP A 18  ? PRO A 21  ? ASP A 18  PRO A 21  
A 2 MET A 27  ? THR A 32  ? MET A 27  THR A 32  
A 3 GLY A 35  ? THR A 40  ? GLY A 35  THR A 40  
A 4 ILE A 46  ? ILE A 47  ? ILE A 46  ILE A 47  
B 1 TYR A 52  ? ASP A 53  ? TYR A 52  ASP A 53  
B 2 VAL A 60  ? ASN A 61  ? VAL A 60  ASN A 61  
C 1 ILE A 79  ? TYR A 81  ? ILE A 79  TYR A 81  
C 2 ILE A 116 ? ALA A 122 ? ILE A 116 ALA A 122 
C 3 HIS A 88  ? THR A 94  ? HIS A 88  THR A 94  
C 4 ALA A 184 ? VAL A 186 ? ALA A 184 VAL A 186 
C 5 LEU A 192 ? PRO A 194 ? LEU A 192 PRO A 194 
# 
loop_
_pdbx_struct_sheet_hbond.sheet_id 
_pdbx_struct_sheet_hbond.range_id_1 
_pdbx_struct_sheet_hbond.range_id_2 
_pdbx_struct_sheet_hbond.range_1_label_atom_id 
_pdbx_struct_sheet_hbond.range_1_label_comp_id 
_pdbx_struct_sheet_hbond.range_1_label_asym_id 
_pdbx_struct_sheet_hbond.range_1_label_seq_id 
_pdbx_struct_sheet_hbond.range_1_PDB_ins_code 
_pdbx_struct_sheet_hbond.range_1_auth_atom_id 
_pdbx_struct_sheet_hbond.range_1_auth_comp_id 
_pdbx_struct_sheet_hbond.range_1_auth_asym_id 
_pdbx_struct_sheet_hbond.range_1_auth_seq_id 
_pdbx_struct_sheet_hbond.range_2_label_atom_id 
_pdbx_struct_sheet_hbond.range_2_label_comp_id 
_pdbx_struct_sheet_hbond.range_2_label_asym_id 
_pdbx_struct_sheet_hbond.range_2_label_seq_id 
_pdbx_struct_sheet_hbond.range_2_PDB_ins_code 
_pdbx_struct_sheet_hbond.range_2_auth_atom_id 
_pdbx_struct_sheet_hbond.range_2_auth_comp_id 
_pdbx_struct_sheet_hbond.range_2_auth_asym_id 
_pdbx_struct_sheet_hbond.range_2_auth_seq_id 
A 1 2 N GLN A 20  ? N GLN A 20  O THR A 29  ? O THR A 29  
A 2 3 N VAL A 30  ? N VAL A 30  O LEU A 37  ? O LEU A 37  
A 3 4 N TYR A 38  ? N TYR A 38  O ILE A 47  ? O ILE A 47  
B 1 2 N ASP A 53  ? N ASP A 53  O VAL A 60  ? O VAL A 60  
C 1 2 N ILE A 79  ? N ILE A 79  O TYR A 120 ? O TYR A 120 
C 2 3 O THR A 117 ? O THR A 117 N HIS A 88  ? N HIS A 88  
C 3 4 N THR A 91  ? N THR A 91  O VAL A 186 ? O VAL A 186 
C 4 5 N VAL A 185 ? N VAL A 185 O VAL A 193 ? O VAL A 193 
# 
_pdbx_entry_details.entry_id                   1TJD 
_pdbx_entry_details.compound_details           ? 
_pdbx_entry_details.source_details             ? 
_pdbx_entry_details.nonpolymer_details         ? 
_pdbx_entry_details.sequence_details           ? 
_pdbx_entry_details.has_ligand_of_interest     ? 
_pdbx_entry_details.has_protein_modification   Y 
# 
loop_
_pdbx_validate_close_contact.id 
_pdbx_validate_close_contact.PDB_model_num 
_pdbx_validate_close_contact.auth_atom_id_1 
_pdbx_validate_close_contact.auth_asym_id_1 
_pdbx_validate_close_contact.auth_comp_id_1 
_pdbx_validate_close_contact.auth_seq_id_1 
_pdbx_validate_close_contact.PDB_ins_code_1 
_pdbx_validate_close_contact.label_alt_id_1 
_pdbx_validate_close_contact.auth_atom_id_2 
_pdbx_validate_close_contact.auth_asym_id_2 
_pdbx_validate_close_contact.auth_comp_id_2 
_pdbx_validate_close_contact.auth_seq_id_2 
_pdbx_validate_close_contact.PDB_ins_code_2 
_pdbx_validate_close_contact.label_alt_id_2 
_pdbx_validate_close_contact.dist 
1 1 OE1 A GLU 208 ? ? CE  A MET 212 ? ? 1.31 
2 1 CB  A ASP 1   ? ? O   A ASP 41  ? ? 1.58 
3 1 CD1 A ILE 5   ? ? NZ  A LYS 28  ? ? 1.90 
4 1 O   A ASP 2   ? ? NE2 A GLN 6   ? ? 1.90 
5 1 O   A ILE 5   ? ? CD1 A LEU 9   ? ? 1.91 
6 1 O   A LEU 128 ? ? OE1 A GLU 133 ? ? 2.03 
7 1 NZ  A LYS 103 ? ? O   A HOH 282 ? ? 2.13 
8 1 CB  A ASP 1   ? ? C   A ASP 41  ? ? 2.18 
# 
loop_
_pdbx_validate_rmsd_bond.id 
_pdbx_validate_rmsd_bond.PDB_model_num 
_pdbx_validate_rmsd_bond.auth_atom_id_1 
_pdbx_validate_rmsd_bond.auth_asym_id_1 
_pdbx_validate_rmsd_bond.auth_comp_id_1 
_pdbx_validate_rmsd_bond.auth_seq_id_1 
_pdbx_validate_rmsd_bond.PDB_ins_code_1 
_pdbx_validate_rmsd_bond.label_alt_id_1 
_pdbx_validate_rmsd_bond.auth_atom_id_2 
_pdbx_validate_rmsd_bond.auth_asym_id_2 
_pdbx_validate_rmsd_bond.auth_comp_id_2 
_pdbx_validate_rmsd_bond.auth_seq_id_2 
_pdbx_validate_rmsd_bond.PDB_ins_code_2 
_pdbx_validate_rmsd_bond.label_alt_id_2 
_pdbx_validate_rmsd_bond.bond_value 
_pdbx_validate_rmsd_bond.bond_target_value 
_pdbx_validate_rmsd_bond.bond_deviation 
_pdbx_validate_rmsd_bond.bond_standard_deviation 
_pdbx_validate_rmsd_bond.linker_flag 
1 1 CB A GLN 6   ? ? CG  A GLN 6   ? ? 1.320 1.521 -0.201 0.027 N 
2 1 CG A GLN 7   ? ? CD  A GLN 7   ? ? 1.696 1.506 0.190  0.023 N 
3 1 CB A ILE 14  ? ? CG1 A ILE 14  ? ? 1.289 1.536 -0.247 0.028 N 
4 1 CB A ILE 14  ? ? CG2 A ILE 14  ? ? 1.712 1.524 0.188  0.031 N 
5 1 CB A SER 17  ? ? OG  A SER 17  ? ? 1.319 1.418 -0.099 0.013 N 
6 1 CD A LYS 28  ? ? CE  A LYS 28  ? ? 1.698 1.508 0.190  0.025 N 
7 1 CE A LYS 82  ? ? NZ  A LYS 82  ? ? 1.719 1.486 0.233  0.025 N 
8 1 CG A GLN 126 ? ? CD  A GLN 126 ? ? 1.354 1.506 -0.152 0.023 N 
9 1 C  A LYS 216 ? ? OXT A LYS 216 ? ? 1.403 1.229 0.174  0.019 N 
# 
loop_
_pdbx_validate_rmsd_angle.id 
_pdbx_validate_rmsd_angle.PDB_model_num 
_pdbx_validate_rmsd_angle.auth_atom_id_1 
_pdbx_validate_rmsd_angle.auth_asym_id_1 
_pdbx_validate_rmsd_angle.auth_comp_id_1 
_pdbx_validate_rmsd_angle.auth_seq_id_1 
_pdbx_validate_rmsd_angle.PDB_ins_code_1 
_pdbx_validate_rmsd_angle.label_alt_id_1 
_pdbx_validate_rmsd_angle.auth_atom_id_2 
_pdbx_validate_rmsd_angle.auth_asym_id_2 
_pdbx_validate_rmsd_angle.auth_comp_id_2 
_pdbx_validate_rmsd_angle.auth_seq_id_2 
_pdbx_validate_rmsd_angle.PDB_ins_code_2 
_pdbx_validate_rmsd_angle.label_alt_id_2 
_pdbx_validate_rmsd_angle.auth_atom_id_3 
_pdbx_validate_rmsd_angle.auth_asym_id_3 
_pdbx_validate_rmsd_angle.auth_comp_id_3 
_pdbx_validate_rmsd_angle.auth_seq_id_3 
_pdbx_validate_rmsd_angle.PDB_ins_code_3 
_pdbx_validate_rmsd_angle.label_alt_id_3 
_pdbx_validate_rmsd_angle.angle_value 
_pdbx_validate_rmsd_angle.angle_target_value 
_pdbx_validate_rmsd_angle.angle_deviation 
_pdbx_validate_rmsd_angle.angle_standard_deviation 
_pdbx_validate_rmsd_angle.linker_flag 
1 1 CB A ASP 1   ? ? CA A ASP 1   ? ? C   A ASP 1   ? ? 127.07 110.40 16.67 2.00 N 
2 1 CA A GLN 6   ? ? CB A GLN 6   ? ? CG  A GLN 6   ? ? 129.45 113.40 16.05 2.20 N 
3 1 CB A LEU 9   ? ? CG A LEU 9   ? ? CD1 A LEU 9   ? ? 127.90 111.00 16.90 1.70 N 
4 1 CG A LYS 28  ? ? CD A LYS 28  ? ? CE  A LYS 28  ? ? 136.13 111.90 24.23 3.00 N 
5 1 CB A LYS 44  ? ? CG A LYS 44  ? ? CD  A LYS 44  ? ? 132.85 111.60 21.25 2.60 N 
6 1 CB A LYS 69  ? ? CG A LYS 69  ? ? CD  A LYS 69  ? ? 134.32 111.60 22.72 2.60 N 
7 1 CA A LEU 104 ? ? CB A LEU 104 ? ? CG  A LEU 104 ? ? 130.64 115.30 15.34 2.30 N 
8 1 CD A LYS 211 ? ? CE A LYS 211 ? ? NZ  A LYS 211 ? ? 126.88 111.70 15.18 2.30 N 
# 
loop_
_pdbx_validate_torsion.id 
_pdbx_validate_torsion.PDB_model_num 
_pdbx_validate_torsion.auth_comp_id 
_pdbx_validate_torsion.auth_asym_id 
_pdbx_validate_torsion.auth_seq_id 
_pdbx_validate_torsion.PDB_ins_code 
_pdbx_validate_torsion.label_alt_id 
_pdbx_validate_torsion.phi 
_pdbx_validate_torsion.psi 
1 1 ALA A 10  ? ? -75.50  41.38   
2 1 LYS A 11  ? ? -166.36 -3.09   
3 1 LYS A 15  ? ? -91.73  -87.81  
4 1 VAL A 54  ? ? -108.16 48.44   
5 1 ASP A 129 ? ? -101.96 68.89   
6 1 CYS A 163 ? ? -165.10 -167.88 
# 
_pdbx_validate_peptide_omega.id               1 
_pdbx_validate_peptide_omega.PDB_model_num    1 
_pdbx_validate_peptide_omega.auth_comp_id_1   ASP 
_pdbx_validate_peptide_omega.auth_asym_id_1   A 
_pdbx_validate_peptide_omega.auth_seq_id_1    1 
_pdbx_validate_peptide_omega.PDB_ins_code_1   ? 
_pdbx_validate_peptide_omega.label_alt_id_1   ? 
_pdbx_validate_peptide_omega.auth_comp_id_2   ASP 
_pdbx_validate_peptide_omega.auth_asym_id_2   A 
_pdbx_validate_peptide_omega.auth_seq_id_2    2 
_pdbx_validate_peptide_omega.PDB_ins_code_2   ? 
_pdbx_validate_peptide_omega.label_alt_id_2   ? 
_pdbx_validate_peptide_omega.omega            -129.79 
# 
loop_
_chem_comp_atom.comp_id 
_chem_comp_atom.atom_id 
_chem_comp_atom.type_symbol 
_chem_comp_atom.pdbx_aromatic_flag 
_chem_comp_atom.pdbx_stereo_config 
_chem_comp_atom.pdbx_ordinal 
ALA N    N N N 1   
ALA CA   C N S 2   
ALA C    C N N 3   
ALA O    O N N 4   
ALA CB   C N N 5   
ALA OXT  O N N 6   
ALA H    H N N 7   
ALA H2   H N N 8   
ALA HA   H N N 9   
ALA HB1  H N N 10  
ALA HB2  H N N 11  
ALA HB3  H N N 12  
ALA HXT  H N N 13  
ARG N    N N N 14  
ARG CA   C N S 15  
ARG C    C N N 16  
ARG O    O N N 17  
ARG CB   C N N 18  
ARG CG   C N N 19  
ARG CD   C N N 20  
ARG NE   N N N 21  
ARG CZ   C N N 22  
ARG NH1  N N N 23  
ARG NH2  N N N 24  
ARG OXT  O N N 25  
ARG H    H N N 26  
ARG H2   H N N 27  
ARG HA   H N N 28  
ARG HB2  H N N 29  
ARG HB3  H N N 30  
ARG HG2  H N N 31  
ARG HG3  H N N 32  
ARG HD2  H N N 33  
ARG HD3  H N N 34  
ARG HE   H N N 35  
ARG HH11 H N N 36  
ARG HH12 H N N 37  
ARG HH21 H N N 38  
ARG HH22 H N N 39  
ARG HXT  H N N 40  
ASN N    N N N 41  
ASN CA   C N S 42  
ASN C    C N N 43  
ASN O    O N N 44  
ASN CB   C N N 45  
ASN CG   C N N 46  
ASN OD1  O N N 47  
ASN ND2  N N N 48  
ASN OXT  O N N 49  
ASN H    H N N 50  
ASN H2   H N N 51  
ASN HA   H N N 52  
ASN HB2  H N N 53  
ASN HB3  H N N 54  
ASN HD21 H N N 55  
ASN HD22 H N N 56  
ASN HXT  H N N 57  
ASP N    N N N 58  
ASP CA   C N S 59  
ASP C    C N N 60  
ASP O    O N N 61  
ASP CB   C N N 62  
ASP CG   C N N 63  
ASP OD1  O N N 64  
ASP OD2  O N N 65  
ASP OXT  O N N 66  
ASP H    H N N 67  
ASP H2   H N N 68  
ASP HA   H N N 69  
ASP HB2  H N N 70  
ASP HB3  H N N 71  
ASP HD2  H N N 72  
ASP HXT  H N N 73  
CYS N    N N N 74  
CYS CA   C N R 75  
CYS C    C N N 76  
CYS O    O N N 77  
CYS CB   C N N 78  
CYS SG   S N N 79  
CYS OXT  O N N 80  
CYS H    H N N 81  
CYS H2   H N N 82  
CYS HA   H N N 83  
CYS HB2  H N N 84  
CYS HB3  H N N 85  
CYS HG   H N N 86  
CYS HXT  H N N 87  
GLN N    N N N 88  
GLN CA   C N S 89  
GLN C    C N N 90  
GLN O    O N N 91  
GLN CB   C N N 92  
GLN CG   C N N 93  
GLN CD   C N N 94  
GLN OE1  O N N 95  
GLN NE2  N N N 96  
GLN OXT  O N N 97  
GLN H    H N N 98  
GLN H2   H N N 99  
GLN HA   H N N 100 
GLN HB2  H N N 101 
GLN HB3  H N N 102 
GLN HG2  H N N 103 
GLN HG3  H N N 104 
GLN HE21 H N N 105 
GLN HE22 H N N 106 
GLN HXT  H N N 107 
GLU N    N N N 108 
GLU CA   C N S 109 
GLU C    C N N 110 
GLU O    O N N 111 
GLU CB   C N N 112 
GLU CG   C N N 113 
GLU CD   C N N 114 
GLU OE1  O N N 115 
GLU OE2  O N N 116 
GLU OXT  O N N 117 
GLU H    H N N 118 
GLU H2   H N N 119 
GLU HA   H N N 120 
GLU HB2  H N N 121 
GLU HB3  H N N 122 
GLU HG2  H N N 123 
GLU HG3  H N N 124 
GLU HE2  H N N 125 
GLU HXT  H N N 126 
GLY N    N N N 127 
GLY CA   C N N 128 
GLY C    C N N 129 
GLY O    O N N 130 
GLY OXT  O N N 131 
GLY H    H N N 132 
GLY H2   H N N 133 
GLY HA2  H N N 134 
GLY HA3  H N N 135 
GLY HXT  H N N 136 
HIS N    N N N 137 
HIS CA   C N S 138 
HIS C    C N N 139 
HIS O    O N N 140 
HIS CB   C N N 141 
HIS CG   C Y N 142 
HIS ND1  N Y N 143 
HIS CD2  C Y N 144 
HIS CE1  C Y N 145 
HIS NE2  N Y N 146 
HIS OXT  O N N 147 
HIS H    H N N 148 
HIS H2   H N N 149 
HIS HA   H N N 150 
HIS HB2  H N N 151 
HIS HB3  H N N 152 
HIS HD1  H N N 153 
HIS HD2  H N N 154 
HIS HE1  H N N 155 
HIS HE2  H N N 156 
HIS HXT  H N N 157 
HOH O    O N N 158 
HOH H1   H N N 159 
HOH H2   H N N 160 
ILE N    N N N 161 
ILE CA   C N S 162 
ILE C    C N N 163 
ILE O    O N N 164 
ILE CB   C N S 165 
ILE CG1  C N N 166 
ILE CG2  C N N 167 
ILE CD1  C N N 168 
ILE OXT  O N N 169 
ILE H    H N N 170 
ILE H2   H N N 171 
ILE HA   H N N 172 
ILE HB   H N N 173 
ILE HG12 H N N 174 
ILE HG13 H N N 175 
ILE HG21 H N N 176 
ILE HG22 H N N 177 
ILE HG23 H N N 178 
ILE HD11 H N N 179 
ILE HD12 H N N 180 
ILE HD13 H N N 181 
ILE HXT  H N N 182 
LEU N    N N N 183 
LEU CA   C N S 184 
LEU C    C N N 185 
LEU O    O N N 186 
LEU CB   C N N 187 
LEU CG   C N N 188 
LEU CD1  C N N 189 
LEU CD2  C N N 190 
LEU OXT  O N N 191 
LEU H    H N N 192 
LEU H2   H N N 193 
LEU HA   H N N 194 
LEU HB2  H N N 195 
LEU HB3  H N N 196 
LEU HG   H N N 197 
LEU HD11 H N N 198 
LEU HD12 H N N 199 
LEU HD13 H N N 200 
LEU HD21 H N N 201 
LEU HD22 H N N 202 
LEU HD23 H N N 203 
LEU HXT  H N N 204 
LYS N    N N N 205 
LYS CA   C N S 206 
LYS C    C N N 207 
LYS O    O N N 208 
LYS CB   C N N 209 
LYS CG   C N N 210 
LYS CD   C N N 211 
LYS CE   C N N 212 
LYS NZ   N N N 213 
LYS OXT  O N N 214 
LYS H    H N N 215 
LYS H2   H N N 216 
LYS HA   H N N 217 
LYS HB2  H N N 218 
LYS HB3  H N N 219 
LYS HG2  H N N 220 
LYS HG3  H N N 221 
LYS HD2  H N N 222 
LYS HD3  H N N 223 
LYS HE2  H N N 224 
LYS HE3  H N N 225 
LYS HZ1  H N N 226 
LYS HZ2  H N N 227 
LYS HZ3  H N N 228 
LYS HXT  H N N 229 
MET N    N N N 230 
MET CA   C N S 231 
MET C    C N N 232 
MET O    O N N 233 
MET CB   C N N 234 
MET CG   C N N 235 
MET SD   S N N 236 
MET CE   C N N 237 
MET OXT  O N N 238 
MET H    H N N 239 
MET H2   H N N 240 
MET HA   H N N 241 
MET HB2  H N N 242 
MET HB3  H N N 243 
MET HG2  H N N 244 
MET HG3  H N N 245 
MET HE1  H N N 246 
MET HE2  H N N 247 
MET HE3  H N N 248 
MET HXT  H N N 249 
PHE N    N N N 250 
PHE CA   C N S 251 
PHE C    C N N 252 
PHE O    O N N 253 
PHE CB   C N N 254 
PHE CG   C Y N 255 
PHE CD1  C Y N 256 
PHE CD2  C Y N 257 
PHE CE1  C Y N 258 
PHE CE2  C Y N 259 
PHE CZ   C Y N 260 
PHE OXT  O N N 261 
PHE H    H N N 262 
PHE H2   H N N 263 
PHE HA   H N N 264 
PHE HB2  H N N 265 
PHE HB3  H N N 266 
PHE HD1  H N N 267 
PHE HD2  H N N 268 
PHE HE1  H N N 269 
PHE HE2  H N N 270 
PHE HZ   H N N 271 
PHE HXT  H N N 272 
PRO N    N N N 273 
PRO CA   C N S 274 
PRO C    C N N 275 
PRO O    O N N 276 
PRO CB   C N N 277 
PRO CG   C N N 278 
PRO CD   C N N 279 
PRO OXT  O N N 280 
PRO H    H N N 281 
PRO HA   H N N 282 
PRO HB2  H N N 283 
PRO HB3  H N N 284 
PRO HG2  H N N 285 
PRO HG3  H N N 286 
PRO HD2  H N N 287 
PRO HD3  H N N 288 
PRO HXT  H N N 289 
SER N    N N N 290 
SER CA   C N S 291 
SER C    C N N 292 
SER O    O N N 293 
SER CB   C N N 294 
SER OG   O N N 295 
SER OXT  O N N 296 
SER H    H N N 297 
SER H2   H N N 298 
SER HA   H N N 299 
SER HB2  H N N 300 
SER HB3  H N N 301 
SER HG   H N N 302 
SER HXT  H N N 303 
THR N    N N N 304 
THR CA   C N S 305 
THR C    C N N 306 
THR O    O N N 307 
THR CB   C N R 308 
THR OG1  O N N 309 
THR CG2  C N N 310 
THR OXT  O N N 311 
THR H    H N N 312 
THR H2   H N N 313 
THR HA   H N N 314 
THR HB   H N N 315 
THR HG1  H N N 316 
THR HG21 H N N 317 
THR HG22 H N N 318 
THR HG23 H N N 319 
THR HXT  H N N 320 
TRP N    N N N 321 
TRP CA   C N S 322 
TRP C    C N N 323 
TRP O    O N N 324 
TRP CB   C N N 325 
TRP CG   C Y N 326 
TRP CD1  C Y N 327 
TRP CD2  C Y N 328 
TRP NE1  N Y N 329 
TRP CE2  C Y N 330 
TRP CE3  C Y N 331 
TRP CZ2  C Y N 332 
TRP CZ3  C Y N 333 
TRP CH2  C Y N 334 
TRP OXT  O N N 335 
TRP H    H N N 336 
TRP H2   H N N 337 
TRP HA   H N N 338 
TRP HB2  H N N 339 
TRP HB3  H N N 340 
TRP HD1  H N N 341 
TRP HE1  H N N 342 
TRP HE3  H N N 343 
TRP HZ2  H N N 344 
TRP HZ3  H N N 345 
TRP HH2  H N N 346 
TRP HXT  H N N 347 
TYR N    N N N 348 
TYR CA   C N S 349 
TYR C    C N N 350 
TYR O    O N N 351 
TYR CB   C N N 352 
TYR CG   C Y N 353 
TYR CD1  C Y N 354 
TYR CD2  C Y N 355 
TYR CE1  C Y N 356 
TYR CE2  C Y N 357 
TYR CZ   C Y N 358 
TYR OH   O N N 359 
TYR OXT  O N N 360 
TYR H    H N N 361 
TYR H2   H N N 362 
TYR HA   H N N 363 
TYR HB2  H N N 364 
TYR HB3  H N N 365 
TYR HD1  H N N 366 
TYR HD2  H N N 367 
TYR HE1  H N N 368 
TYR HE2  H N N 369 
TYR HH   H N N 370 
TYR HXT  H N N 371 
VAL N    N N N 372 
VAL CA   C N S 373 
VAL C    C N N 374 
VAL O    O N N 375 
VAL CB   C N N 376 
VAL CG1  C N N 377 
VAL CG2  C N N 378 
VAL OXT  O N N 379 
VAL H    H N N 380 
VAL H2   H N N 381 
VAL HA   H N N 382 
VAL HB   H N N 383 
VAL HG11 H N N 384 
VAL HG12 H N N 385 
VAL HG13 H N N 386 
VAL HG21 H N N 387 
VAL HG22 H N N 388 
VAL HG23 H N N 389 
VAL HXT  H N N 390 
# 
loop_
_chem_comp_bond.comp_id 
_chem_comp_bond.atom_id_1 
_chem_comp_bond.atom_id_2 
_chem_comp_bond.value_order 
_chem_comp_bond.pdbx_aromatic_flag 
_chem_comp_bond.pdbx_stereo_config 
_chem_comp_bond.pdbx_ordinal 
ALA N   CA   sing N N 1   
ALA N   H    sing N N 2   
ALA N   H2   sing N N 3   
ALA CA  C    sing N N 4   
ALA CA  CB   sing N N 5   
ALA CA  HA   sing N N 6   
ALA C   O    doub N N 7   
ALA C   OXT  sing N N 8   
ALA CB  HB1  sing N N 9   
ALA CB  HB2  sing N N 10  
ALA CB  HB3  sing N N 11  
ALA OXT HXT  sing N N 12  
ARG N   CA   sing N N 13  
ARG N   H    sing N N 14  
ARG N   H2   sing N N 15  
ARG CA  C    sing N N 16  
ARG CA  CB   sing N N 17  
ARG CA  HA   sing N N 18  
ARG C   O    doub N N 19  
ARG C   OXT  sing N N 20  
ARG CB  CG   sing N N 21  
ARG CB  HB2  sing N N 22  
ARG CB  HB3  sing N N 23  
ARG CG  CD   sing N N 24  
ARG CG  HG2  sing N N 25  
ARG CG  HG3  sing N N 26  
ARG CD  NE   sing N N 27  
ARG CD  HD2  sing N N 28  
ARG CD  HD3  sing N N 29  
ARG NE  CZ   sing N N 30  
ARG NE  HE   sing N N 31  
ARG CZ  NH1  sing N N 32  
ARG CZ  NH2  doub N N 33  
ARG NH1 HH11 sing N N 34  
ARG NH1 HH12 sing N N 35  
ARG NH2 HH21 sing N N 36  
ARG NH2 HH22 sing N N 37  
ARG OXT HXT  sing N N 38  
ASN N   CA   sing N N 39  
ASN N   H    sing N N 40  
ASN N   H2   sing N N 41  
ASN CA  C    sing N N 42  
ASN CA  CB   sing N N 43  
ASN CA  HA   sing N N 44  
ASN C   O    doub N N 45  
ASN C   OXT  sing N N 46  
ASN CB  CG   sing N N 47  
ASN CB  HB2  sing N N 48  
ASN CB  HB3  sing N N 49  
ASN CG  OD1  doub N N 50  
ASN CG  ND2  sing N N 51  
ASN ND2 HD21 sing N N 52  
ASN ND2 HD22 sing N N 53  
ASN OXT HXT  sing N N 54  
ASP N   CA   sing N N 55  
ASP N   H    sing N N 56  
ASP N   H2   sing N N 57  
ASP CA  C    sing N N 58  
ASP CA  CB   sing N N 59  
ASP CA  HA   sing N N 60  
ASP C   O    doub N N 61  
ASP C   OXT  sing N N 62  
ASP CB  CG   sing N N 63  
ASP CB  HB2  sing N N 64  
ASP CB  HB3  sing N N 65  
ASP CG  OD1  doub N N 66  
ASP CG  OD2  sing N N 67  
ASP OD2 HD2  sing N N 68  
ASP OXT HXT  sing N N 69  
CYS N   CA   sing N N 70  
CYS N   H    sing N N 71  
CYS N   H2   sing N N 72  
CYS CA  C    sing N N 73  
CYS CA  CB   sing N N 74  
CYS CA  HA   sing N N 75  
CYS C   O    doub N N 76  
CYS C   OXT  sing N N 77  
CYS CB  SG   sing N N 78  
CYS CB  HB2  sing N N 79  
CYS CB  HB3  sing N N 80  
CYS SG  HG   sing N N 81  
CYS OXT HXT  sing N N 82  
GLN N   CA   sing N N 83  
GLN N   H    sing N N 84  
GLN N   H2   sing N N 85  
GLN CA  C    sing N N 86  
GLN CA  CB   sing N N 87  
GLN CA  HA   sing N N 88  
GLN C   O    doub N N 89  
GLN C   OXT  sing N N 90  
GLN CB  CG   sing N N 91  
GLN CB  HB2  sing N N 92  
GLN CB  HB3  sing N N 93  
GLN CG  CD   sing N N 94  
GLN CG  HG2  sing N N 95  
GLN CG  HG3  sing N N 96  
GLN CD  OE1  doub N N 97  
GLN CD  NE2  sing N N 98  
GLN NE2 HE21 sing N N 99  
GLN NE2 HE22 sing N N 100 
GLN OXT HXT  sing N N 101 
GLU N   CA   sing N N 102 
GLU N   H    sing N N 103 
GLU N   H2   sing N N 104 
GLU CA  C    sing N N 105 
GLU CA  CB   sing N N 106 
GLU CA  HA   sing N N 107 
GLU C   O    doub N N 108 
GLU C   OXT  sing N N 109 
GLU CB  CG   sing N N 110 
GLU CB  HB2  sing N N 111 
GLU CB  HB3  sing N N 112 
GLU CG  CD   sing N N 113 
GLU CG  HG2  sing N N 114 
GLU CG  HG3  sing N N 115 
GLU CD  OE1  doub N N 116 
GLU CD  OE2  sing N N 117 
GLU OE2 HE2  sing N N 118 
GLU OXT HXT  sing N N 119 
GLY N   CA   sing N N 120 
GLY N   H    sing N N 121 
GLY N   H2   sing N N 122 
GLY CA  C    sing N N 123 
GLY CA  HA2  sing N N 124 
GLY CA  HA3  sing N N 125 
GLY C   O    doub N N 126 
GLY C   OXT  sing N N 127 
GLY OXT HXT  sing N N 128 
HIS N   CA   sing N N 129 
HIS N   H    sing N N 130 
HIS N   H2   sing N N 131 
HIS CA  C    sing N N 132 
HIS CA  CB   sing N N 133 
HIS CA  HA   sing N N 134 
HIS C   O    doub N N 135 
HIS C   OXT  sing N N 136 
HIS CB  CG   sing N N 137 
HIS CB  HB2  sing N N 138 
HIS CB  HB3  sing N N 139 
HIS CG  ND1  sing Y N 140 
HIS CG  CD2  doub Y N 141 
HIS ND1 CE1  doub Y N 142 
HIS ND1 HD1  sing N N 143 
HIS CD2 NE2  sing Y N 144 
HIS CD2 HD2  sing N N 145 
HIS CE1 NE2  sing Y N 146 
HIS CE1 HE1  sing N N 147 
HIS NE2 HE2  sing N N 148 
HIS OXT HXT  sing N N 149 
HOH O   H1   sing N N 150 
HOH O   H2   sing N N 151 
ILE N   CA   sing N N 152 
ILE N   H    sing N N 153 
ILE N   H2   sing N N 154 
ILE CA  C    sing N N 155 
ILE CA  CB   sing N N 156 
ILE CA  HA   sing N N 157 
ILE C   O    doub N N 158 
ILE C   OXT  sing N N 159 
ILE CB  CG1  sing N N 160 
ILE CB  CG2  sing N N 161 
ILE CB  HB   sing N N 162 
ILE CG1 CD1  sing N N 163 
ILE CG1 HG12 sing N N 164 
ILE CG1 HG13 sing N N 165 
ILE CG2 HG21 sing N N 166 
ILE CG2 HG22 sing N N 167 
ILE CG2 HG23 sing N N 168 
ILE CD1 HD11 sing N N 169 
ILE CD1 HD12 sing N N 170 
ILE CD1 HD13 sing N N 171 
ILE OXT HXT  sing N N 172 
LEU N   CA   sing N N 173 
LEU N   H    sing N N 174 
LEU N   H2   sing N N 175 
LEU CA  C    sing N N 176 
LEU CA  CB   sing N N 177 
LEU CA  HA   sing N N 178 
LEU C   O    doub N N 179 
LEU C   OXT  sing N N 180 
LEU CB  CG   sing N N 181 
LEU CB  HB2  sing N N 182 
LEU CB  HB3  sing N N 183 
LEU CG  CD1  sing N N 184 
LEU CG  CD2  sing N N 185 
LEU CG  HG   sing N N 186 
LEU CD1 HD11 sing N N 187 
LEU CD1 HD12 sing N N 188 
LEU CD1 HD13 sing N N 189 
LEU CD2 HD21 sing N N 190 
LEU CD2 HD22 sing N N 191 
LEU CD2 HD23 sing N N 192 
LEU OXT HXT  sing N N 193 
LYS N   CA   sing N N 194 
LYS N   H    sing N N 195 
LYS N   H2   sing N N 196 
LYS CA  C    sing N N 197 
LYS CA  CB   sing N N 198 
LYS CA  HA   sing N N 199 
LYS C   O    doub N N 200 
LYS C   OXT  sing N N 201 
LYS CB  CG   sing N N 202 
LYS CB  HB2  sing N N 203 
LYS CB  HB3  sing N N 204 
LYS CG  CD   sing N N 205 
LYS CG  HG2  sing N N 206 
LYS CG  HG3  sing N N 207 
LYS CD  CE   sing N N 208 
LYS CD  HD2  sing N N 209 
LYS CD  HD3  sing N N 210 
LYS CE  NZ   sing N N 211 
LYS CE  HE2  sing N N 212 
LYS CE  HE3  sing N N 213 
LYS NZ  HZ1  sing N N 214 
LYS NZ  HZ2  sing N N 215 
LYS NZ  HZ3  sing N N 216 
LYS OXT HXT  sing N N 217 
MET N   CA   sing N N 218 
MET N   H    sing N N 219 
MET N   H2   sing N N 220 
MET CA  C    sing N N 221 
MET CA  CB   sing N N 222 
MET CA  HA   sing N N 223 
MET C   O    doub N N 224 
MET C   OXT  sing N N 225 
MET CB  CG   sing N N 226 
MET CB  HB2  sing N N 227 
MET CB  HB3  sing N N 228 
MET CG  SD   sing N N 229 
MET CG  HG2  sing N N 230 
MET CG  HG3  sing N N 231 
MET SD  CE   sing N N 232 
MET CE  HE1  sing N N 233 
MET CE  HE2  sing N N 234 
MET CE  HE3  sing N N 235 
MET OXT HXT  sing N N 236 
PHE N   CA   sing N N 237 
PHE N   H    sing N N 238 
PHE N   H2   sing N N 239 
PHE CA  C    sing N N 240 
PHE CA  CB   sing N N 241 
PHE CA  HA   sing N N 242 
PHE C   O    doub N N 243 
PHE C   OXT  sing N N 244 
PHE CB  CG   sing N N 245 
PHE CB  HB2  sing N N 246 
PHE CB  HB3  sing N N 247 
PHE CG  CD1  doub Y N 248 
PHE CG  CD2  sing Y N 249 
PHE CD1 CE1  sing Y N 250 
PHE CD1 HD1  sing N N 251 
PHE CD2 CE2  doub Y N 252 
PHE CD2 HD2  sing N N 253 
PHE CE1 CZ   doub Y N 254 
PHE CE1 HE1  sing N N 255 
PHE CE2 CZ   sing Y N 256 
PHE CE2 HE2  sing N N 257 
PHE CZ  HZ   sing N N 258 
PHE OXT HXT  sing N N 259 
PRO N   CA   sing N N 260 
PRO N   CD   sing N N 261 
PRO N   H    sing N N 262 
PRO CA  C    sing N N 263 
PRO CA  CB   sing N N 264 
PRO CA  HA   sing N N 265 
PRO C   O    doub N N 266 
PRO C   OXT  sing N N 267 
PRO CB  CG   sing N N 268 
PRO CB  HB2  sing N N 269 
PRO CB  HB3  sing N N 270 
PRO CG  CD   sing N N 271 
PRO CG  HG2  sing N N 272 
PRO CG  HG3  sing N N 273 
PRO CD  HD2  sing N N 274 
PRO CD  HD3  sing N N 275 
PRO OXT HXT  sing N N 276 
SER N   CA   sing N N 277 
SER N   H    sing N N 278 
SER N   H2   sing N N 279 
SER CA  C    sing N N 280 
SER CA  CB   sing N N 281 
SER CA  HA   sing N N 282 
SER C   O    doub N N 283 
SER C   OXT  sing N N 284 
SER CB  OG   sing N N 285 
SER CB  HB2  sing N N 286 
SER CB  HB3  sing N N 287 
SER OG  HG   sing N N 288 
SER OXT HXT  sing N N 289 
THR N   CA   sing N N 290 
THR N   H    sing N N 291 
THR N   H2   sing N N 292 
THR CA  C    sing N N 293 
THR CA  CB   sing N N 294 
THR CA  HA   sing N N 295 
THR C   O    doub N N 296 
THR C   OXT  sing N N 297 
THR CB  OG1  sing N N 298 
THR CB  CG2  sing N N 299 
THR CB  HB   sing N N 300 
THR OG1 HG1  sing N N 301 
THR CG2 HG21 sing N N 302 
THR CG2 HG22 sing N N 303 
THR CG2 HG23 sing N N 304 
THR OXT HXT  sing N N 305 
TRP N   CA   sing N N 306 
TRP N   H    sing N N 307 
TRP N   H2   sing N N 308 
TRP CA  C    sing N N 309 
TRP CA  CB   sing N N 310 
TRP CA  HA   sing N N 311 
TRP C   O    doub N N 312 
TRP C   OXT  sing N N 313 
TRP CB  CG   sing N N 314 
TRP CB  HB2  sing N N 315 
TRP CB  HB3  sing N N 316 
TRP CG  CD1  doub Y N 317 
TRP CG  CD2  sing Y N 318 
TRP CD1 NE1  sing Y N 319 
TRP CD1 HD1  sing N N 320 
TRP CD2 CE2  doub Y N 321 
TRP CD2 CE3  sing Y N 322 
TRP NE1 CE2  sing Y N 323 
TRP NE1 HE1  sing N N 324 
TRP CE2 CZ2  sing Y N 325 
TRP CE3 CZ3  doub Y N 326 
TRP CE3 HE3  sing N N 327 
TRP CZ2 CH2  doub Y N 328 
TRP CZ2 HZ2  sing N N 329 
TRP CZ3 CH2  sing Y N 330 
TRP CZ3 HZ3  sing N N 331 
TRP CH2 HH2  sing N N 332 
TRP OXT HXT  sing N N 333 
TYR N   CA   sing N N 334 
TYR N   H    sing N N 335 
TYR N   H2   sing N N 336 
TYR CA  C    sing N N 337 
TYR CA  CB   sing N N 338 
TYR CA  HA   sing N N 339 
TYR C   O    doub N N 340 
TYR C   OXT  sing N N 341 
TYR CB  CG   sing N N 342 
TYR CB  HB2  sing N N 343 
TYR CB  HB3  sing N N 344 
TYR CG  CD1  doub Y N 345 
TYR CG  CD2  sing Y N 346 
TYR CD1 CE1  sing Y N 347 
TYR CD1 HD1  sing N N 348 
TYR CD2 CE2  doub Y N 349 
TYR CD2 HD2  sing N N 350 
TYR CE1 CZ   doub Y N 351 
TYR CE1 HE1  sing N N 352 
TYR CE2 CZ   sing Y N 353 
TYR CE2 HE2  sing N N 354 
TYR CZ  OH   sing N N 355 
TYR OH  HH   sing N N 356 
TYR OXT HXT  sing N N 357 
VAL N   CA   sing N N 358 
VAL N   H    sing N N 359 
VAL N   H2   sing N N 360 
VAL CA  C    sing N N 361 
VAL CA  CB   sing N N 362 
VAL CA  HA   sing N N 363 
VAL C   O    doub N N 364 
VAL C   OXT  sing N N 365 
VAL CB  CG1  sing N N 366 
VAL CB  CG2  sing N N 367 
VAL CB  HB   sing N N 368 
VAL CG1 HG11 sing N N 369 
VAL CG1 HG12 sing N N 370 
VAL CG1 HG13 sing N N 371 
VAL CG2 HG21 sing N N 372 
VAL CG2 HG22 sing N N 373 
VAL CG2 HG23 sing N N 374 
VAL OXT HXT  sing N N 375 
# 
_pdbx_initial_refinement_model.id               1 
_pdbx_initial_refinement_model.entity_id_list   ? 
_pdbx_initial_refinement_model.type             'experimental model' 
_pdbx_initial_refinement_model.source_name      PDB 
_pdbx_initial_refinement_model.accession_code   1EEJ 
_pdbx_initial_refinement_model.details          'PDB entry 1EEJ' 
# 
_atom_sites.entry_id                    1TJD 
_atom_sites.fract_transf_matrix[1][1]   -0.01794260 
_atom_sites.fract_transf_matrix[1][2]   0.01536440 
_atom_sites.fract_transf_matrix[1][3]   0.00341758 
_atom_sites.fract_transf_matrix[2][1]   0.00430308 
_atom_sites.fract_transf_matrix[2][2]   0.00524719 
_atom_sites.fract_transf_matrix[2][3]   -0.00099821 
_atom_sites.fract_transf_matrix[3][1]   -0.00276179 
_atom_sites.fract_transf_matrix[3][2]   -0.00026601 
_atom_sites.fract_transf_matrix[3][3]   -0.01330375 
_atom_sites.fract_transf_vector[1]      0.198490 
_atom_sites.fract_transf_vector[2]      0.377299 
_atom_sites.fract_transf_vector[3]      -0.027285 
# 
loop_
_atom_type.symbol 
C 
N 
O 
S 
# 
loop_
_atom_site.group_PDB 
_atom_site.id 
_atom_site.type_symbol 
_atom_site.label_atom_id 
_atom_site.label_alt_id 
_atom_site.label_comp_id 
_atom_site.label_asym_id 
_atom_site.label_entity_id 
_atom_site.label_seq_id 
_atom_site.pdbx_PDB_ins_code 
_atom_site.Cartn_x 
_atom_site.Cartn_y 
_atom_site.Cartn_z 
_atom_site.occupancy 
_atom_site.B_iso_or_equiv 
_atom_site.pdbx_formal_charge 
_atom_site.auth_seq_id 
_atom_site.auth_comp_id 
_atom_site.auth_asym_id 
_atom_site.auth_atom_id 
_atom_site.pdbx_PDB_model_num 
ATOM   1    N N   . ASP A 1 1   ? 26.177  10.939  -0.056  0.00 73.33 ? 1   ASP A N   1 
ATOM   2    C CA  . ASP A 1 1   ? 27.282  9.987   -0.138  0.00 81.66 ? 1   ASP A CA  1 
ATOM   3    C C   . ASP A 1 1   ? 26.936  9.113   -1.299  1.00 77.92 ? 1   ASP A C   1 
ATOM   4    O O   . ASP A 1 1   ? 27.510  8.025   -1.390  1.00 77.77 ? 1   ASP A O   1 
ATOM   5    C CB  . ASP A 1 1   ? 27.674  9.538   1.270   0.00 81.91 ? 1   ASP A CB  1 
ATOM   6    C CG  . ASP A 1 1   ? 29.178  9.592   1.511   0.00 99.37 ? 1   ASP A CG  1 
ATOM   7    O OD1 . ASP A 1 1   ? 29.715  10.672  1.970   0.00 99.40 ? 1   ASP A OD1 1 
ATOM   8    O OD2 . ASP A 1 1   ? 29.901  8.561   1.247   0.00 78.40 ? 1   ASP A OD2 1 
ATOM   9    N N   . ASP A 1 2   ? 26.239  9.651   -2.295  1.00 77.88 ? 2   ASP A N   1 
ATOM   10   C CA  . ASP A 1 2   ? 25.036  9.016   -2.824  1.00 77.84 ? 2   ASP A CA  1 
ATOM   11   C C   . ASP A 1 2   ? 25.340  7.750   -3.630  1.00 77.60 ? 2   ASP A C   1 
ATOM   12   O O   . ASP A 1 2   ? 24.439  6.963   -3.922  1.00 77.63 ? 2   ASP A O   1 
ATOM   13   C CB  . ASP A 1 2   ? 24.231  10.010  -3.662  1.00 77.95 ? 2   ASP A CB  1 
ATOM   14   C CG  . ASP A 1 2   ? 22.834  10.263  -3.098  1.00 78.81 ? 2   ASP A CG  1 
ATOM   15   O OD1 . ASP A 1 2   ? 22.728  10.838  -1.989  1.00 79.20 ? 2   ASP A OD1 1 
ATOM   16   O OD2 . ASP A 1 2   ? 21.782  9.929   -3.698  1.00 79.07 ? 2   ASP A OD2 1 
ATOM   17   N N   . ALA A 1 3   ? 26.612  7.560   -3.978  1.00 77.29 ? 3   ALA A N   1 
ATOM   18   C CA  . ALA A 1 3   ? 27.070  6.372   -4.703  1.00 76.83 ? 3   ALA A CA  1 
ATOM   19   C C   . ALA A 1 3   ? 27.446  5.217   -3.757  1.00 76.40 ? 3   ALA A C   1 
ATOM   20   O O   . ALA A 1 3   ? 27.112  4.051   -4.018  1.00 76.41 ? 3   ALA A O   1 
ATOM   21   C CB  . ALA A 1 3   ? 28.243  6.727   -5.621  1.00 76.84 ? 3   ALA A CB  1 
ATOM   22   N N   . ALA A 1 4   ? 28.138  5.551   -2.665  1.00 75.68 ? 4   ALA A N   1 
ATOM   23   C CA  . ALA A 1 4   ? 28.551  4.578   -1.643  1.00 74.82 ? 4   ALA A CA  1 
ATOM   24   C C   . ALA A 1 4   ? 27.379  3.769   -1.058  1.00 74.03 ? 4   ALA A C   1 
ATOM   25   O O   . ALA A 1 4   ? 27.519  2.574   -0.782  1.00 73.93 ? 4   ALA A O   1 
ATOM   26   C CB  . ALA A 1 4   ? 29.339  5.281   -0.526  1.00 74.93 ? 4   ALA A CB  1 
ATOM   27   N N   . ILE A 1 5   ? 26.237  4.433   -0.878  1.00 72.92 ? 5   ILE A N   1 
ATOM   28   C CA  . ILE A 1 5   ? 24.997  3.799   -0.428  1.00 71.92 ? 5   ILE A CA  1 
ATOM   29   C C   . ILE A 1 5   ? 24.626  2.565   -1.275  1.00 71.42 ? 5   ILE A C   1 
ATOM   30   O O   . ILE A 1 5   ? 24.305  1.505   -0.732  1.00 71.25 ? 5   ILE A O   1 
ATOM   31   C CB  . ILE A 1 5   ? 23.839  4.848   -0.408  1.00 71.92 ? 5   ILE A CB  1 
ATOM   32   C CG1 . ILE A 1 5   ? 24.074  5.890   0.690   1.00 71.46 ? 5   ILE A CG1 1 
ATOM   33   C CG2 . ILE A 1 5   ? 22.466  4.181   -0.245  1.00 71.65 ? 5   ILE A CG2 1 
ATOM   34   C CD1 . ILE A 1 5   ? 23.325  7.189   0.488   1.00 71.12 ? 5   ILE A CD1 1 
ATOM   35   N N   . GLN A 1 6   ? 24.689  2.704   -2.599  1.00 70.75 ? 6   GLN A N   1 
ATOM   36   C CA  . GLN A 1 6   ? 24.317  1.622   -3.513  1.00 70.09 ? 6   GLN A CA  1 
ATOM   37   C C   . GLN A 1 6   ? 25.351  0.487   -3.558  1.00 69.51 ? 6   GLN A C   1 
ATOM   38   O O   . GLN A 1 6   ? 25.042  -0.619  -4.009  1.00 69.29 ? 6   GLN A O   1 
ATOM   39   C CB  . GLN A 1 6   ? 24.040  2.167   -4.918  1.00 70.28 ? 6   GLN A CB  1 
ATOM   40   C CG  . GLN A 1 6   ? 23.490  3.311   -5.280  0.00 47.15 ? 6   GLN A CG  1 
ATOM   41   C CD  . GLN A 1 6   ? 24.232  4.617   -5.578  0.00 53.50 ? 6   GLN A CD  1 
ATOM   42   O OE1 . GLN A 1 6   ? 25.311  4.612   -6.182  0.00 59.97 ? 6   GLN A OE1 1 
ATOM   43   N NE2 . GLN A 1 6   ? 23.699  5.750   -5.186  0.00 55.19 ? 6   GLN A NE2 1 
ATOM   44   N N   . GLN A 1 7   ? 26.568  0.771   -3.089  1.00 68.83 ? 7   GLN A N   1 
ATOM   45   C CA  . GLN A 1 7   ? 27.592  -0.259  -2.861  1.00 68.00 ? 7   GLN A CA  1 
ATOM   46   C C   . GLN A 1 7   ? 27.249  -1.108  -1.628  1.00 67.19 ? 7   GLN A C   1 
ATOM   47   O O   . GLN A 1 7   ? 27.544  -2.301  -1.582  1.00 67.12 ? 7   GLN A O   1 
ATOM   48   C CB  . GLN A 1 7   ? 28.980  0.383   -2.697  1.00 68.10 ? 7   GLN A CB  1 
ATOM   49   C CG  . GLN A 1 7   ? 30.023  -0.081  -3.705  1.00 68.02 ? 7   GLN A CG  1 
ATOM   50   C CD  . GLN A 1 7   ? 31.335  0.958   -3.430  0.00 83.15 ? 7   GLN A CD  1 
ATOM   51   O OE1 . GLN A 1 7   ? 31.472  1.586   -2.381  0.00 83.66 ? 7   GLN A OE1 1 
ATOM   52   N NE2 . GLN A 1 7   ? 32.261  0.983   -4.360  0.00 53.12 ? 7   GLN A NE2 1 
ATOM   53   N N   . THR A 1 8   ? 26.627  -0.472  -0.636  1.00 66.34 ? 8   THR A N   1 
ATOM   54   C CA  . THR A 1 8   ? 26.201  -1.127  0.598   1.00 65.33 ? 8   THR A CA  1 
ATOM   55   C C   . THR A 1 8   ? 24.986  -2.013  0.341   1.00 64.85 ? 8   THR A C   1 
ATOM   56   O O   . THR A 1 8   ? 24.913  -3.141  0.842   1.00 64.71 ? 8   THR A O   1 
ATOM   57   C CB  . THR A 1 8   ? 25.916  -0.065  1.691   1.00 65.30 ? 8   THR A CB  1 
ATOM   58   O OG1 . THR A 1 8   ? 27.155  0.430   2.204   1.00 64.33 ? 8   THR A OG1 1 
ATOM   59   C CG2 . THR A 1 8   ? 25.267  -0.679  2.920   1.00 65.40 ? 8   THR A CG2 1 
ATOM   60   N N   . LEU A 1 9   ? 24.038  -1.501  -0.443  1.00 64.10 ? 9   LEU A N   1 
ATOM   61   C CA  . LEU A 1 9   ? 22.909  -2.308  -0.912  1.00 63.56 ? 9   LEU A CA  1 
ATOM   62   C C   . LEU A 1 9   ? 23.403  -3.473  -1.801  1.00 63.05 ? 9   LEU A C   1 
ATOM   63   O O   . LEU A 1 9   ? 22.903  -4.599  -1.708  1.00 63.03 ? 9   LEU A O   1 
ATOM   64   C CB  . LEU A 1 9   ? 21.877  -1.433  -1.639  1.00 63.58 ? 9   LEU A CB  1 
ATOM   65   C CG  . LEU A 1 9   ? 21.728  -0.217  -1.060  0.00 33.03 ? 9   LEU A CG  1 
ATOM   66   C CD1 . LEU A 1 9   ? 22.542  1.050   -1.315  0.00 39.12 ? 9   LEU A CD1 1 
ATOM   67   C CD2 . LEU A 1 9   ? 20.282  0.139   -1.419  0.00 35.03 ? 9   LEU A CD2 1 
ATOM   68   N N   . ALA A 1 10  ? 24.407  -3.196  -2.635  1.00 62.35 ? 10  ALA A N   1 
ATOM   69   C CA  . ALA A 1 10  ? 25.090  -4.235  -3.416  1.00 61.54 ? 10  ALA A CA  1 
ATOM   70   C C   . ALA A 1 10  ? 26.062  -5.091  -2.570  1.00 60.67 ? 10  ALA A C   1 
ATOM   71   O O   . ALA A 1 10  ? 27.183  -5.391  -3.001  1.00 60.89 ? 10  ALA A O   1 
ATOM   72   C CB  . ALA A 1 10  ? 25.804  -3.620  -4.636  1.00 61.71 ? 10  ALA A CB  1 
ATOM   73   N N   . LYS A 1 11  ? 25.624  -5.440  -1.357  1.00 59.19 ? 11  LYS A N   1 
ATOM   74   C CA  . LYS A 1 11  ? 26.185  -6.531  -0.544  1.00 57.48 ? 11  LYS A CA  1 
ATOM   75   C C   . LYS A 1 11  ? 25.224  -6.849  0.607   1.00 56.03 ? 11  LYS A C   1 
ATOM   76   O O   . LYS A 1 11  ? 25.462  -7.768  1.397   1.00 56.48 ? 11  LYS A O   1 
ATOM   77   C CB  . LYS A 1 11  ? 27.612  -6.257  -0.030  1.00 57.80 ? 11  LYS A CB  1 
ATOM   78   C CG  . LYS A 1 11  ? 27.891  -4.863  0.525   1.00 58.49 ? 11  LYS A CG  1 
ATOM   79   C CD  . LYS A 1 11  ? 29.385  -4.701  0.828   1.00 60.00 ? 11  LYS A CD  1 
ATOM   80   C CE  . LYS A 1 11  ? 29.668  -3.522  1.764   1.00 60.47 ? 11  LYS A CE  1 
ATOM   81   N NZ  . LYS A 1 11  ? 30.105  -2.305  1.014   1.00 60.27 ? 11  LYS A NZ  1 
ATOM   82   N N   . MET A 1 12  ? 24.144  -6.069  0.690   1.00 53.63 ? 12  MET A N   1 
ATOM   83   C CA  . MET A 1 12  ? 23.033  -6.325  1.611   1.00 50.43 ? 12  MET A CA  1 
ATOM   84   C C   . MET A 1 12  ? 22.009  -7.208  0.889   1.00 52.20 ? 12  MET A C   1 
ATOM   85   O O   . MET A 1 12  ? 21.102  -7.773  1.514   1.00 52.00 ? 12  MET A O   1 
ATOM   86   C CB  . MET A 1 12  ? 22.385  -4.992  2.061   1.00 47.68 ? 12  MET A CB  1 
ATOM   87   C CG  . MET A 1 12  ? 22.733  -4.491  3.491   1.00 34.63 ? 12  MET A CG  1 
ATOM   88   S SD  . MET A 1 12  ? 24.537  -4.124  3.796   1.00 2.00  ? 12  MET A SD  1 
ATOM   89   C CE  . MET A 1 12  ? 25.129  -5.894  4.086   1.00 12.56 ? 12  MET A CE  1 
ATOM   90   N N   . GLY A 1 13  ? 22.174  -7.314  -0.432  1.00 53.51 ? 13  GLY A N   1 
ATOM   91   C CA  . GLY A 1 13  ? 21.236  -8.010  -1.301  1.00 55.47 ? 13  GLY A CA  1 
ATOM   92   C C   . GLY A 1 13  ? 19.935  -7.247  -1.551  1.00 56.70 ? 13  GLY A C   1 
ATOM   93   O O   . GLY A 1 13  ? 18.866  -7.695  -1.114  1.00 57.20 ? 13  GLY A O   1 
ATOM   94   N N   . ILE A 1 14  ? 20.017  -6.111  -2.255  1.00 57.54 ? 14  ILE A N   1 
ATOM   95   C CA  . ILE A 1 14  ? 18.855  -5.233  -2.461  1.00 58.20 ? 14  ILE A CA  1 
ATOM   96   C C   . ILE A 1 14  ? 18.581  -4.893  -3.935  1.00 58.64 ? 14  ILE A C   1 
ATOM   97   O O   . ILE A 1 14  ? 19.476  -4.450  -4.661  1.00 59.03 ? 14  ILE A O   1 
ATOM   98   C CB  . ILE A 1 14  ? 19.002  -3.939  -1.625  1.00 58.14 ? 14  ILE A CB  1 
ATOM   99   C CG1 . ILE A 1 14  ? 19.111  -3.987  -0.341  0.00 54.59 ? 14  ILE A CG1 1 
ATOM   100  C CG2 . ILE A 1 14  ? 17.714  -2.894  -2.049  0.00 54.03 ? 14  ILE A CG2 1 
ATOM   101  C CD1 . ILE A 1 14  ? 19.180  -2.809  0.664   0.00 52.77 ? 14  ILE A CD1 1 
ATOM   102  N N   . LYS A 1 15  ? 17.334  -5.086  -4.366  1.00 59.03 ? 15  LYS A N   1 
ATOM   103  C CA  . LYS A 1 15  ? 16.952  -4.852  -5.763  1.00 59.23 ? 15  LYS A CA  1 
ATOM   104  C C   . LYS A 1 15  ? 16.431  -3.425  -6.057  1.00 59.10 ? 15  LYS A C   1 
ATOM   105  O O   . LYS A 1 15  ? 17.216  -2.543  -6.430  1.00 58.96 ? 15  LYS A O   1 
ATOM   106  C CB  . LYS A 1 15  ? 15.954  -5.923  -6.239  1.00 59.46 ? 15  LYS A CB  1 
ATOM   107  C CG  . LYS A 1 15  ? 15.545  -5.918  -7.777  0.00 90.68 ? 15  LYS A CG  1 
ATOM   108  C CD  . LYS A 1 15  ? 15.812  -7.306  -8.392  0.00 88.99 ? 15  LYS A CD  1 
ATOM   109  C CE  . LYS A 1 15  ? 14.652  -7.815  -9.257  0.00 88.86 ? 15  LYS A CE  1 
ATOM   110  N NZ  . LYS A 1 15  ? 14.719  -9.261  -9.524  0.00 88.70 ? 15  LYS A NZ  1 
ATOM   111  N N   . SER A 1 16  ? 15.121  -3.215  -5.884  1.00 58.97 ? 16  SER A N   1 
ATOM   112  C CA  . SER A 1 16  ? 14.441  -1.975  -6.288  1.00 58.74 ? 16  SER A CA  1 
ATOM   113  C C   . SER A 1 16  ? 14.524  -0.805  -5.287  1.00 58.45 ? 16  SER A C   1 
ATOM   114  O O   . SER A 1 16  ? 13.485  -0.242  -4.883  1.00 58.50 ? 16  SER A O   1 
ATOM   115  C CB  . SER A 1 16  ? 12.938  -2.352  -6.613  0.00 92.36 ? 16  SER A CB  1 
ATOM   116  O OG  . SER A 1 16  ? 12.855  -3.778  -6.618  0.00 89.68 ? 16  SER A OG  1 
ATOM   117  N N   . SER A 1 17  ? 15.755  -0.437  -4.921  1.00 57.57 ? 17  SER A N   1 
ATOM   118  C CA  . SER A 1 17  ? 16.027  0.697   -4.036  1.00 56.84 ? 17  SER A CA  1 
ATOM   119  C C   . SER A 1 17  ? 15.564  2.042   -4.612  1.00 56.27 ? 17  SER A C   1 
ATOM   120  O O   . SER A 1 17  ? 15.543  2.234   -5.827  1.00 56.42 ? 17  SER A O   1 
ATOM   121  C CB  . SER A 1 17  ? 17.524  0.764   -3.718  1.00 56.88 ? 17  SER A CB  1 
ATOM   122  O OG  . SER A 1 17  ? 17.921  -0.488  -3.599  0.00 61.34 ? 17  SER A OG  1 
ATOM   123  N N   . ASP A 1 18  ? 15.176  2.958   -3.727  1.00 55.37 ? 18  ASP A N   1 
ATOM   124  C CA  . ASP A 1 18  ? 14.946  4.360   -4.082  1.00 54.29 ? 18  ASP A CA  1 
ATOM   125  C C   . ASP A 1 18  ? 15.412  5.194   -2.914  1.00 53.41 ? 18  ASP A C   1 
ATOM   126  O O   . ASP A 1 18  ? 14.961  4.987   -1.784  1.00 53.08 ? 18  ASP A O   1 
ATOM   127  C CB  . ASP A 1 18  ? 13.467  4.655   -4.398  1.00 54.65 ? 18  ASP A CB  1 
ATOM   128  C CG  . ASP A 1 18  ? 13.165  6.164   -4.508  1.00 54.89 ? 18  ASP A CG  1 
ATOM   129  O OD1 . ASP A 1 18  ? 13.845  6.873   -5.280  1.00 56.21 ? 18  ASP A OD1 1 
ATOM   130  O OD2 . ASP A 1 18  ? 12.261  6.737   -3.865  1.00 55.12 ? 18  ASP A OD2 1 
ATOM   131  N N   . ILE A 1 19  ? 16.322  6.126   -3.194  1.00 52.50 ? 19  ILE A N   1 
ATOM   132  C CA  . ILE A 1 19  ? 16.902  6.992   -2.165  1.00 51.40 ? 19  ILE A CA  1 
ATOM   133  C C   . ILE A 1 19  ? 16.190  8.342   -2.073  1.00 50.76 ? 19  ILE A C   1 
ATOM   134  O O   . ILE A 1 19  ? 16.081  9.090   -3.045  1.00 50.61 ? 19  ILE A O   1 
ATOM   135  C CB  . ILE A 1 19  ? 18.432  7.145   -2.355  1.00 51.38 ? 19  ILE A CB  1 
ATOM   136  C CG1 . ILE A 1 19  ? 19.118  5.786   -2.213  1.00 50.64 ? 19  ILE A CG1 1 
ATOM   137  C CG2 . ILE A 1 19  ? 19.017  8.091   -1.323  1.00 51.02 ? 19  ILE A CG2 1 
ATOM   138  C CD1 . ILE A 1 19  ? 19.239  5.019   -3.496  1.00 50.59 ? 19  ILE A CD1 1 
ATOM   139  N N   . GLN A 1 20  ? 15.697  8.625   -0.876  1.00 50.05 ? 20  GLN A N   1 
ATOM   140  C CA  . GLN A 1 20  ? 14.967  9.843   -0.592  1.00 49.44 ? 20  GLN A CA  1 
ATOM   141  C C   . GLN A 1 20  ? 15.743  10.643  0.463   1.00 48.72 ? 20  GLN A C   1 
ATOM   142  O O   . GLN A 1 20  ? 16.563  10.073  1.179   1.00 48.61 ? 20  GLN A O   1 
ATOM   143  C CB  . GLN A 1 20  ? 13.568  9.477   -0.090  1.00 49.38 ? 20  GLN A CB  1 
ATOM   144  C CG  . GLN A 1 20  ? 12.465  10.335  -0.656  1.00 50.20 ? 20  GLN A CG  1 
ATOM   145  C CD  . GLN A 1 20  ? 11.542  9.582   -1.586  1.00 50.69 ? 20  GLN A CD  1 
ATOM   146  O OE1 . GLN A 1 20  ? 10.431  9.233   -1.203  1.00 52.27 ? 20  GLN A OE1 1 
ATOM   147  N NE2 . GLN A 1 20  ? 11.988  9.346   -2.814  1.00 50.58 ? 20  GLN A NE2 1 
ATOM   148  N N   . PRO A 1 21  ? 15.532  11.956  0.538   1.00 48.11 ? 21  PRO A N   1 
ATOM   149  C CA  . PRO A 1 21  ? 16.030  12.747  1.673   1.00 47.76 ? 21  PRO A CA  1 
ATOM   150  C C   . PRO A 1 21  ? 15.460  12.278  3.018   1.00 47.31 ? 21  PRO A C   1 
ATOM   151  O O   . PRO A 1 21  ? 14.386  11.674  3.049   1.00 47.56 ? 21  PRO A O   1 
ATOM   152  C CB  . PRO A 1 21  ? 15.520  14.164  1.367   1.00 47.79 ? 21  PRO A CB  1 
ATOM   153  C CG  . PRO A 1 21  ? 15.249  14.185  -0.095  1.00 47.87 ? 21  PRO A CG  1 
ATOM   154  C CD  . PRO A 1 21  ? 14.863  12.795  -0.476  1.00 48.11 ? 21  PRO A CD  1 
ATOM   155  N N   . ALA A 1 22  ? 16.176  12.557  4.105   1.00 46.89 ? 22  ALA A N   1 
ATOM   156  C CA  . ALA A 1 22  ? 15.685  12.315  5.470   1.00 46.48 ? 22  ALA A CA  1 
ATOM   157  C C   . ALA A 1 22  ? 15.828  13.605  6.279   1.00 46.13 ? 22  ALA A C   1 
ATOM   158  O O   . ALA A 1 22  ? 16.684  14.423  5.956   1.00 46.50 ? 22  ALA A O   1 
ATOM   159  C CB  . ALA A 1 22  ? 16.463  11.172  6.128   1.00 46.05 ? 22  ALA A CB  1 
ATOM   160  N N   . PRO A 1 23  ? 14.997  13.817  7.299   1.00 45.84 ? 23  PRO A N   1 
ATOM   161  C CA  . PRO A 1 23  ? 15.128  15.010  8.153   1.00 45.71 ? 23  PRO A CA  1 
ATOM   162  C C   . PRO A 1 23  ? 16.283  14.981  9.179   1.00 45.59 ? 23  PRO A C   1 
ATOM   163  O O   . PRO A 1 23  ? 16.347  15.852  10.052  1.00 45.86 ? 23  PRO A O   1 
ATOM   164  C CB  . PRO A 1 23  ? 13.765  15.100  8.856   1.00 45.60 ? 23  PRO A CB  1 
ATOM   165  C CG  . PRO A 1 23  ? 13.228  13.742  8.844   1.00 45.91 ? 23  PRO A CG  1 
ATOM   166  C CD  . PRO A 1 23  ? 13.838  12.993  7.685   1.00 45.86 ? 23  PRO A CD  1 
ATOM   167  N N   . VAL A 1 24  ? 17.190  14.019  9.064   1.00 44.97 ? 24  VAL A N   1 
ATOM   168  C CA  . VAL A 1 24  ? 18.316  13.921  9.977   1.00 44.44 ? 24  VAL A CA  1 
ATOM   169  C C   . VAL A 1 24  ? 19.617  14.124  9.213   1.00 44.74 ? 24  VAL A C   1 
ATOM   170  O O   . VAL A 1 24  ? 19.858  13.477  8.184   1.00 44.83 ? 24  VAL A O   1 
ATOM   171  C CB  . VAL A 1 24  ? 18.347  12.558  10.710  1.00 44.50 ? 24  VAL A CB  1 
ATOM   172  C CG1 . VAL A 1 24  ? 19.683  12.339  11.410  1.00 43.94 ? 24  VAL A CG1 1 
ATOM   173  C CG2 . VAL A 1 24  ? 17.198  12.446  11.701  1.00 43.39 ? 24  VAL A CG2 1 
ATOM   174  N N   . ALA A 1 25  ? 20.451  15.023  9.735   1.00 44.68 ? 25  ALA A N   1 
ATOM   175  C CA  . ALA A 1 25  ? 21.731  15.361  9.129   1.00 44.61 ? 25  ALA A CA  1 
ATOM   176  C C   . ALA A 1 25  ? 22.577  14.118  8.893   1.00 44.46 ? 25  ALA A C   1 
ATOM   177  O O   . ALA A 1 25  ? 22.692  13.269  9.772   1.00 44.66 ? 25  ALA A O   1 
ATOM   178  C CB  . ALA A 1 25  ? 22.472  16.350  10.009  1.00 44.62 ? 25  ALA A CB  1 
ATOM   179  N N   . GLY A 1 26  ? 23.148  14.006  7.700   1.00 44.41 ? 26  GLY A N   1 
ATOM   180  C CA  . GLY A 1 26  ? 24.074  12.926  7.394   1.00 44.50 ? 26  GLY A CA  1 
ATOM   181  C C   . GLY A 1 26  ? 23.445  11.587  7.047   1.00 44.62 ? 26  GLY A C   1 
ATOM   182  O O   . GLY A 1 26  ? 24.142  10.639  6.684   1.00 44.64 ? 26  GLY A O   1 
ATOM   183  N N   . MET A 1 27  ? 22.122  11.525  7.152   1.00 44.99 ? 27  MET A N   1 
ATOM   184  C CA  . MET A 1 27  ? 21.343  10.326  6.865   1.00 44.99 ? 27  MET A CA  1 
ATOM   185  C C   . MET A 1 27  ? 20.411  10.560  5.680   1.00 44.63 ? 27  MET A C   1 
ATOM   186  O O   . MET A 1 27  ? 20.072  11.704  5.364   1.00 44.98 ? 27  MET A O   1 
ATOM   187  C CB  . MET A 1 27  ? 20.509  9.969   8.093   1.00 45.40 ? 27  MET A CB  1 
ATOM   188  C CG  . MET A 1 27  ? 20.412  8.480   8.360   1.00 46.49 ? 27  MET A CG  1 
ATOM   189  S SD  . MET A 1 27  ? 20.750  8.096   10.062  1.00 47.24 ? 27  MET A SD  1 
ATOM   190  C CE  . MET A 1 27  ? 19.452  8.961   10.833  1.00 46.34 ? 27  MET A CE  1 
ATOM   191  N N   . LYS A 1 28  ? 19.994  9.466   5.047   1.00 44.01 ? 28  LYS A N   1 
ATOM   192  C CA  . LYS A 1 28  ? 19.051  9.481   3.929   1.00 43.15 ? 28  LYS A CA  1 
ATOM   193  C C   . LYS A 1 28  ? 18.024  8.327   4.051   1.00 42.46 ? 28  LYS A C   1 
ATOM   194  O O   . LYS A 1 28  ? 18.320  7.284   4.632   1.00 42.33 ? 28  LYS A O   1 
ATOM   195  C CB  . LYS A 1 28  ? 19.819  9.428   2.595   1.00 43.23 ? 28  LYS A CB  1 
ATOM   196  C CG  . LYS A 1 28  ? 19.824  10.765  1.809   1.00 44.00 ? 28  LYS A CG  1 
ATOM   197  C CD  . LYS A 1 28  ? 21.107  10.973  1.016   1.00 44.52 ? 28  LYS A CD  1 
ATOM   198  C CE  . LYS A 1 28  ? 22.334  9.980   0.391   0.00 73.57 ? 28  LYS A CE  1 
ATOM   199  N NZ  . LYS A 1 28  ? 22.071  8.569   0.135   0.00 74.64 ? 28  LYS A NZ  1 
ATOM   200  N N   . THR A 1 29  ? 16.814  8.538   3.536   1.00 41.61 ? 29  THR A N   1 
ATOM   201  C CA  . THR A 1 29  ? 15.765  7.516   3.517   1.00 40.59 ? 29  THR A CA  1 
ATOM   202  C C   . THR A 1 29  ? 15.982  6.559   2.354   1.00 40.25 ? 29  THR A C   1 
ATOM   203  O O   . THR A 1 29  ? 16.165  6.989   1.219   1.00 40.60 ? 29  THR A O   1 
ATOM   204  C CB  . THR A 1 29  ? 14.381  8.170   3.346   1.00 40.70 ? 29  THR A CB  1 
ATOM   205  O OG1 . THR A 1 29  ? 14.218  9.243   4.282   1.00 40.47 ? 29  THR A OG1 1 
ATOM   206  C CG2 . THR A 1 29  ? 13.260  7.189   3.705   1.00 40.08 ? 29  THR A CG2 1 
ATOM   207  N N   . VAL A 1 30  ? 15.940  5.261   2.617   1.00 39.52 ? 30  VAL A N   1 
ATOM   208  C CA  . VAL A 1 30  ? 16.099  4.284   1.554   1.00 39.11 ? 30  VAL A CA  1 
ATOM   209  C C   . VAL A 1 30  ? 14.894  3.366   1.499   1.00 39.09 ? 30  VAL A C   1 
ATOM   210  O O   . VAL A 1 30  ? 14.722  2.502   2.364   1.00 39.04 ? 30  VAL A O   1 
ATOM   211  C CB  . VAL A 1 30  ? 17.401  3.441   1.705   1.00 39.33 ? 30  VAL A CB  1 
ATOM   212  C CG1 . VAL A 1 30  ? 17.605  2.533   0.501   1.00 38.87 ? 30  VAL A CG1 1 
ATOM   213  C CG2 . VAL A 1 30  ? 18.617  4.337   1.890   1.00 39.29 ? 30  VAL A CG2 1 
ATOM   214  N N   . LEU A 1 31  ? 14.067  3.554   0.473   1.00 38.74 ? 31  LEU A N   1 
ATOM   215  C CA  . LEU A 1 31  ? 12.932  2.675   0.236   1.00 38.60 ? 31  LEU A CA  1 
ATOM   216  C C   . LEU A 1 31  ? 13.343  1.436   -0.543  1.00 38.68 ? 31  LEU A C   1 
ATOM   217  O O   . LEU A 1 31  ? 13.914  1.539   -1.632  1.00 38.79 ? 31  LEU A O   1 
ATOM   218  C CB  . LEU A 1 31  ? 11.821  3.407   -0.514  1.00 38.84 ? 31  LEU A CB  1 
ATOM   219  C CG  . LEU A 1 31  ? 11.390  4.792   -0.043  1.00 38.48 ? 31  LEU A CG  1 
ATOM   220  C CD1 . LEU A 1 31  ? 10.588  5.449   -1.127  1.00 38.79 ? 31  LEU A CD1 1 
ATOM   221  C CD2 . LEU A 1 31  ? 10.579  4.664   1.199   1.00 38.90 ? 31  LEU A CD2 1 
ATOM   222  N N   . THR A 1 32  ? 13.065  0.267   0.032   1.00 38.50 ? 32  THR A N   1 
ATOM   223  C CA  . THR A 1 32  ? 13.308  -1.018  -0.631  1.00 38.05 ? 32  THR A CA  1 
ATOM   224  C C   . THR A 1 32  ? 12.020  -1.840  -0.729  1.00 38.30 ? 32  THR A C   1 
ATOM   225  O O   . THR A 1 32  ? 10.949  -1.444  -0.222  1.00 38.37 ? 32  THR A O   1 
ATOM   226  C CB  . THR A 1 32  ? 14.367  -1.866  0.115   1.00 38.07 ? 32  THR A CB  1 
ATOM   227  O OG1 . THR A 1 32  ? 13.812  -2.350  1.344   1.00 37.76 ? 32  THR A OG1 1 
ATOM   228  C CG2 . THR A 1 32  ? 15.579  -1.044  0.543   1.00 37.59 ? 32  THR A CG2 1 
ATOM   229  N N   . ASN A 1 33  ? 12.140  -3.003  -1.369  1.00 37.91 ? 33  ASN A N   1 
ATOM   230  C CA  . ASN A 1 33  ? 11.040  -3.951  -1.469  1.00 37.38 ? 33  ASN A CA  1 
ATOM   231  C C   . ASN A 1 33  ? 10.826  -4.677  -0.160  1.00 36.70 ? 33  ASN A C   1 
ATOM   232  O O   . ASN A 1 33  ? 9.824   -5.387  -0.007  1.00 36.58 ? 33  ASN A O   1 
ATOM   233  C CB  . ASN A 1 33  ? 11.288  -4.963  -2.592  1.00 37.64 ? 33  ASN A CB  1 
ATOM   234  C CG  . ASN A 1 33  ? 11.115  -4.359  -3.972  1.00 38.61 ? 33  ASN A CG  1 
ATOM   235  O OD1 . ASN A 1 33  ? 10.595  -3.252  -4.132  1.00 39.85 ? 33  ASN A OD1 1 
ATOM   236  N ND2 . ASN A 1 33  ? 11.540  -5.093  -4.979  1.00 40.60 ? 33  ASN A ND2 1 
ATOM   237  N N   . SER A 1 34  ? 11.766  -4.487  0.774   1.00 35.62 ? 34  SER A N   1 
ATOM   238  C CA  . SER A 1 34  ? 11.732  -5.149  2.083   1.00 34.97 ? 34  SER A CA  1 
ATOM   239  C C   . SER A 1 34  ? 11.381  -4.225  3.257   1.00 34.31 ? 34  SER A C   1 
ATOM   240  O O   . SER A 1 34  ? 11.244  -4.680  4.396   1.00 34.01 ? 34  SER A O   1 
ATOM   241  C CB  . SER A 1 34  ? 13.048  -5.875  2.345   1.00 35.02 ? 34  SER A CB  1 
ATOM   242  O OG  . SER A 1 34  ? 13.320  -6.791  1.294   1.00 35.40 ? 34  SER A OG  1 
ATOM   243  N N   . GLY A 1 35  ? 11.227  -2.937  2.963   1.00 33.74 ? 35  GLY A N   1 
ATOM   244  C CA  . GLY A 1 35  ? 10.961  -1.931  3.973   1.00 33.70 ? 35  GLY A CA  1 
ATOM   245  C C   . GLY A 1 35  ? 11.735  -0.636  3.774   1.00 33.91 ? 35  GLY A C   1 
ATOM   246  O O   . GLY A 1 35  ? 12.561  -0.512  2.869   1.00 33.80 ? 35  GLY A O   1 
ATOM   247  N N   . VAL A 1 36  ? 11.446  0.341   4.628   1.00 33.92 ? 36  VAL A N   1 
ATOM   248  C CA  . VAL A 1 36  ? 12.186  1.583   4.666   1.00 33.93 ? 36  VAL A CA  1 
ATOM   249  C C   . VAL A 1 36  ? 13.401  1.403   5.578   1.00 34.39 ? 36  VAL A C   1 
ATOM   250  O O   . VAL A 1 36  ? 13.275  0.870   6.685   1.00 34.22 ? 36  VAL A O   1 
ATOM   251  C CB  . VAL A 1 36  ? 11.298  2.746   5.168   1.00 34.04 ? 36  VAL A CB  1 
ATOM   252  C CG1 . VAL A 1 36  ? 12.048  4.082   5.112   1.00 33.90 ? 36  VAL A CG1 1 
ATOM   253  C CG2 . VAL A 1 36  ? 9.994   2.821   4.372   1.00 33.52 ? 36  VAL A CG2 1 
ATOM   254  N N   . LEU A 1 37  ? 14.574  1.827   5.098   1.00 34.73 ? 37  LEU A N   1 
ATOM   255  C CA  . LEU A 1 37  ? 15.789  1.868   5.915   1.00 35.10 ? 37  LEU A CA  1 
ATOM   256  C C   . LEU A 1 37  ? 16.318  3.290   6.003   1.00 35.30 ? 37  LEU A C   1 
ATOM   257  O O   . LEU A 1 37  ? 15.954  4.140   5.197   1.00 35.39 ? 37  LEU A O   1 
ATOM   258  C CB  . LEU A 1 37  ? 16.878  0.950   5.341   1.00 35.61 ? 37  LEU A CB  1 
ATOM   259  C CG  . LEU A 1 37  ? 16.605  -0.539  5.113   1.00 35.97 ? 37  LEU A CG  1 
ATOM   260  C CD1 . LEU A 1 37  ? 17.575  -1.079  4.102   1.00 36.85 ? 37  LEU A CD1 1 
ATOM   261  C CD2 . LEU A 1 37  ? 16.706  -1.334  6.398   1.00 37.28 ? 37  LEU A CD2 1 
ATOM   262  N N   . TYR A 1 38  ? 17.164  3.559   6.992   1.00 35.86 ? 38  TYR A N   1 
ATOM   263  C CA  . TYR A 1 38  ? 17.888  4.837   7.049   1.00 36.12 ? 38  TYR A CA  1 
ATOM   264  C C   . TYR A 1 38  ? 19.376  4.572   7.031   1.00 36.76 ? 38  TYR A C   1 
ATOM   265  O O   . TYR A 1 38  ? 19.891  3.818   7.863   1.00 36.88 ? 38  TYR A O   1 
ATOM   266  C CB  . TYR A 1 38  ? 17.470  5.688   8.250   1.00 35.53 ? 38  TYR A CB  1 
ATOM   267  C CG  . TYR A 1 38  ? 16.049  6.148   8.123   1.00 35.06 ? 38  TYR A CG  1 
ATOM   268  C CD1 . TYR A 1 38  ? 15.727  7.291   7.384   1.00 34.37 ? 38  TYR A CD1 1 
ATOM   269  C CD2 . TYR A 1 38  ? 15.009  5.419   8.701   1.00 33.83 ? 38  TYR A CD2 1 
ATOM   270  C CE1 . TYR A 1 38  ? 14.399  7.698   7.241   1.00 33.23 ? 38  TYR A CE1 1 
ATOM   271  C CE2 . TYR A 1 38  ? 13.681  5.817   8.560   1.00 33.40 ? 38  TYR A CE2 1 
ATOM   272  C CZ  . TYR A 1 38  ? 13.383  6.953   7.832   1.00 32.87 ? 38  TYR A CZ  1 
ATOM   273  O OH  . TYR A 1 38  ? 12.072  7.342   7.702   1.00 32.08 ? 38  TYR A OH  1 
ATOM   274  N N   . ILE A 1 39  ? 20.048  5.177   6.057   1.00 37.62 ? 39  ILE A N   1 
ATOM   275  C CA  . ILE A 1 39  ? 21.478  4.985   5.844   1.00 38.73 ? 39  ILE A CA  1 
ATOM   276  C C   . ILE A 1 39  ? 22.225  6.310   5.917   1.00 39.31 ? 39  ILE A C   1 
ATOM   277  O O   . ILE A 1 39  ? 21.727  7.342   5.442   1.00 39.18 ? 39  ILE A O   1 
ATOM   278  C CB  . ILE A 1 39  ? 21.748  4.280   4.502   1.00 38.75 ? 39  ILE A CB  1 
ATOM   279  C CG1 . ILE A 1 39  ? 23.160  3.705   4.478   1.00 39.69 ? 39  ILE A CG1 1 
ATOM   280  C CG2 . ILE A 1 39  ? 21.565  5.239   3.328   1.00 39.31 ? 39  ILE A CG2 1 
ATOM   281  C CD1 . ILE A 1 39  ? 23.326  2.544   3.542   1.00 41.16 ? 39  ILE A CD1 1 
ATOM   282  N N   . THR A 1 40  ? 23.408  6.274   6.534   1.00 40.15 ? 40  THR A N   1 
ATOM   283  C CA  . THR A 1 40  ? 24.304  7.437   6.578   1.00 40.69 ? 40  THR A CA  1 
ATOM   284  C C   . THR A 1 40  ? 24.855  7.689   5.174   1.00 41.63 ? 40  THR A C   1 
ATOM   285  O O   . THR A 1 40  ? 25.021  6.740   4.383   1.00 41.66 ? 40  THR A O   1 
ATOM   286  C CB  . THR A 1 40  ? 25.464  7.232   7.595   1.00 40.50 ? 40  THR A CB  1 
ATOM   287  O OG1 . THR A 1 40  ? 25.978  5.899   7.488   1.00 40.23 ? 40  THR A OG1 1 
ATOM   288  C CG2 . THR A 1 40  ? 24.962  7.307   9.035   1.00 39.20 ? 40  THR A CG2 1 
ATOM   289  N N   . ASP A 1 41  ? 25.125  8.960   4.872   1.00 42.65 ? 41  ASP A N   1 
ATOM   290  C CA  . ASP A 1 41  ? 25.601  9.389   3.544   1.00 43.61 ? 41  ASP A CA  1 
ATOM   291  C C   . ASP A 1 41  ? 26.773  8.577   3.005   1.00 44.11 ? 41  ASP A C   1 
ATOM   292  O O   . ASP A 1 41  ? 26.835  8.309   1.801   1.00 44.36 ? 41  ASP A O   1 
ATOM   293  C CB  . ASP A 1 41  ? 25.976  10.870  3.556   1.00 43.44 ? 41  ASP A CB  1 
ATOM   294  C CG  . ASP A 1 41  ? 24.778  11.769  3.691   1.00 43.57 ? 41  ASP A CG  1 
ATOM   295  O OD1 . ASP A 1 41  ? 23.720  11.453  3.107   1.00 44.03 ? 41  ASP A OD1 1 
ATOM   296  O OD2 . ASP A 1 41  ? 24.801  12.820  4.359   1.00 43.64 ? 41  ASP A OD2 1 
ATOM   297  N N   . ASP A 1 42  ? 27.684  8.180   3.898   1.00 44.72 ? 42  ASP A N   1 
ATOM   298  C CA  . ASP A 1 42  ? 28.834  7.344   3.539   1.00 45.28 ? 42  ASP A CA  1 
ATOM   299  C C   . ASP A 1 42  ? 28.513  5.854   3.365   1.00 45.20 ? 42  ASP A C   1 
ATOM   300  O O   . ASP A 1 42  ? 29.407  5.062   3.080   1.00 45.21 ? 42  ASP A O   1 
ATOM   301  C CB  . ASP A 1 42  ? 29.967  7.519   4.560   1.00 45.63 ? 42  ASP A CB  1 
ATOM   302  C CG  . ASP A 1 42  ? 29.603  6.991   5.953   1.00 46.77 ? 42  ASP A CG  1 
ATOM   303  O OD1 . ASP A 1 42  ? 28.962  5.923   6.064   1.00 46.43 ? 42  ASP A OD1 1 
ATOM   304  O OD2 . ASP A 1 42  ? 29.931  7.590   6.999   1.00 48.28 ? 42  ASP A OD2 1 
ATOM   305  N N   . GLY A 1 43  ? 27.254  5.475   3.565   1.00 45.48 ? 43  GLY A N   1 
ATOM   306  C CA  . GLY A 1 43  ? 26.816  4.097   3.383   1.00 46.08 ? 43  GLY A CA  1 
ATOM   307  C C   . GLY A 1 43  ? 27.305  3.063   4.396   1.00 46.52 ? 43  GLY A C   1 
ATOM   308  O O   . GLY A 1 43  ? 27.148  1.859   4.176   1.00 46.45 ? 43  GLY A O   1 
ATOM   309  N N   . LYS A 1 44  ? 27.885  3.521   5.507   1.00 46.85 ? 44  LYS A N   1 
ATOM   310  C CA  . LYS A 1 44  ? 28.499  2.615   6.486   1.00 47.27 ? 44  LYS A CA  1 
ATOM   311  C C   . LYS A 1 44  ? 27.527  2.091   7.563   1.00 47.43 ? 44  LYS A C   1 
ATOM   312  O O   . LYS A 1 44  ? 27.703  0.975   8.070   1.00 47.55 ? 44  LYS A O   1 
ATOM   313  C CB  . LYS A 1 44  ? 29.731  3.267   7.130   1.00 47.20 ? 44  LYS A CB  1 
ATOM   314  C CG  . LYS A 1 44  ? 30.963  3.290   6.223   1.00 47.60 ? 44  LYS A CG  1 
ATOM   315  C CD  . LYS A 1 44  ? 32.377  3.248   6.491   0.00 75.83 ? 44  LYS A CD  1 
ATOM   316  C CE  . LYS A 1 44  ? 33.368  3.495   5.310   0.00 77.17 ? 44  LYS A CE  1 
ATOM   317  N NZ  . LYS A 1 44  ? 34.721  3.871   5.751   0.00 77.42 ? 44  LYS A NZ  1 
ATOM   318  N N   . HIS A 1 45  ? 26.505  2.889   7.885   1.00 47.45 ? 45  HIS A N   1 
ATOM   319  C CA  . HIS A 1 45  ? 25.536  2.553   8.931   1.00 47.63 ? 45  HIS A CA  1 
ATOM   320  C C   . HIS A 1 45  ? 24.083  2.498   8.467   1.00 47.31 ? 45  HIS A C   1 
ATOM   321  O O   . HIS A 1 45  ? 23.587  3.422   7.824   1.00 47.46 ? 45  HIS A O   1 
ATOM   322  C CB  . HIS A 1 45  ? 25.655  3.516   10.123  1.00 47.65 ? 45  HIS A CB  1 
ATOM   323  C CG  . HIS A 1 45  ? 26.855  3.262   10.975  1.00 48.74 ? 45  HIS A CG  1 
ATOM   324  N ND1 . HIS A 1 45  ? 27.914  4.141   11.045  1.00 49.32 ? 45  HIS A ND1 1 
ATOM   325  C CD2 . HIS A 1 45  ? 27.176  2.217   11.772  1.00 49.24 ? 45  HIS A CD2 1 
ATOM   326  C CE1 . HIS A 1 45  ? 28.835  3.649   11.854  1.00 49.62 ? 45  HIS A CE1 1 
ATOM   327  N NE2 . HIS A 1 45  ? 28.410  2.485   12.309  1.00 50.45 ? 45  HIS A NE2 1 
ATOM   328  N N   . ILE A 1 46  ? 23.414  1.411   8.831   1.00 46.88 ? 46  ILE A N   1 
ATOM   329  C CA  . ILE A 1 46  ? 21.990  1.230   8.594   1.00 46.64 ? 46  ILE A CA  1 
ATOM   330  C C   . ILE A 1 46  ? 21.230  1.321   9.922   1.00 46.23 ? 46  ILE A C   1 
ATOM   331  O O   . ILE A 1 46  ? 21.638  0.733   10.916  1.00 45.94 ? 46  ILE A O   1 
ATOM   332  C CB  . ILE A 1 46  ? 21.741  -0.148  7.923   1.00 46.56 ? 46  ILE A CB  1 
ATOM   333  C CG1 . ILE A 1 46  ? 22.193  -0.137  6.453   1.00 47.02 ? 46  ILE A CG1 1 
ATOM   334  C CG2 . ILE A 1 46  ? 20.290  -0.597  8.090   1.00 46.89 ? 46  ILE A CG2 1 
ATOM   335  C CD1 . ILE A 1 46  ? 21.095  0.140   5.436   1.00 48.05 ? 46  ILE A CD1 1 
ATOM   336  N N   . ILE A 1 47  ? 20.135  2.077   9.942   1.00 46.05 ? 47  ILE A N   1 
ATOM   337  C CA  . ILE A 1 47  ? 19.189  2.014   11.056  1.00 45.72 ? 47  ILE A CA  1 
ATOM   338  C C   . ILE A 1 47  ? 17.831  1.566   10.540  1.00 45.93 ? 47  ILE A C   1 
ATOM   339  O O   . ILE A 1 47  ? 17.360  2.043   9.505   1.00 45.99 ? 47  ILE A O   1 
ATOM   340  C CB  . ILE A 1 47  ? 19.069  3.349   11.823  1.00 45.40 ? 47  ILE A CB  1 
ATOM   341  C CG1 . ILE A 1 47  ? 20.387  4.123   11.791  1.00 44.77 ? 47  ILE A CG1 1 
ATOM   342  C CG2 . ILE A 1 47  ? 18.640  3.079   13.258  1.00 45.16 ? 47  ILE A CG2 1 
ATOM   343  C CD1 . ILE A 1 47  ? 20.675  4.884   13.042  1.00 44.33 ? 47  ILE A CD1 1 
ATOM   344  N N   . GLN A 1 48  ? 17.206  0.649   11.269  1.00 46.01 ? 48  GLN A N   1 
ATOM   345  C CA  . GLN A 1 48  ? 15.952  0.058   10.829  1.00 46.27 ? 48  GLN A CA  1 
ATOM   346  C C   . GLN A 1 48  ? 14.796  1.067   10.706  1.00 46.04 ? 48  GLN A C   1 
ATOM   347  O O   . GLN A 1 48  ? 14.121  1.105   9.677   1.00 46.13 ? 48  GLN A O   1 
ATOM   348  C CB  . GLN A 1 48  ? 15.573  -1.122  11.726  1.00 46.50 ? 48  GLN A CB  1 
ATOM   349  C CG  . GLN A 1 48  ? 15.620  -2.466  11.034  1.00 47.85 ? 48  GLN A CG  1 
ATOM   350  C CD  . GLN A 1 48  ? 14.552  -2.589  9.967   1.00 50.12 ? 48  GLN A CD  1 
ATOM   351  O OE1 . GLN A 1 48  ? 13.365  -2.384  10.242  1.00 51.07 ? 48  GLN A OE1 1 
ATOM   352  N NE2 . GLN A 1 48  ? 14.966  -2.918  8.745   1.00 50.20 ? 48  GLN A NE2 1 
ATOM   353  N N   . GLY A 1 49  ? 14.584  1.894   11.727  1.00 45.64 ? 49  GLY A N   1 
ATOM   354  C CA  . GLY A 1 49  ? 13.431  2.781   11.734  1.00 45.69 ? 49  GLY A CA  1 
ATOM   355  C C   . GLY A 1 49  ? 12.181  2.120   12.314  1.00 45.52 ? 49  GLY A C   1 
ATOM   356  O O   . GLY A 1 49  ? 12.276  1.003   12.832  1.00 45.47 ? 49  GLY A O   1 
ATOM   357  N N   . PRO A 1 50  ? 11.015  2.773   12.246  1.00 45.36 ? 50  PRO A N   1 
ATOM   358  C CA  . PRO A 1 50  ? 10.838  4.102   11.642  1.00 45.63 ? 50  PRO A CA  1 
ATOM   359  C C   . PRO A 1 50  ? 11.446  5.280   12.428  1.00 45.90 ? 50  PRO A C   1 
ATOM   360  O O   . PRO A 1 50  ? 12.045  5.102   13.488  1.00 45.68 ? 50  PRO A O   1 
ATOM   361  C CB  . PRO A 1 50  ? 9.307   4.248   11.571  1.00 45.26 ? 50  PRO A CB  1 
ATOM   362  C CG  . PRO A 1 50  ? 8.784   3.383   12.636  1.00 44.78 ? 50  PRO A CG  1 
ATOM   363  C CD  . PRO A 1 50  ? 9.740   2.234   12.754  1.00 45.28 ? 50  PRO A CD  1 
ATOM   364  N N   . MET A 1 51  ? 11.270  6.475   11.872  1.00 46.49 ? 51  MET A N   1 
ATOM   365  C CA  . MET A 1 51  ? 11.792  7.720   12.413  1.00 47.00 ? 51  MET A CA  1 
ATOM   366  C C   . MET A 1 51  ? 10.643  8.587   12.909  1.00 47.77 ? 51  MET A C   1 
ATOM   367  O O   . MET A 1 51  ? 9.557   8.568   12.329  1.00 47.33 ? 51  MET A O   1 
ATOM   368  C CB  . MET A 1 51  ? 12.549  8.462   11.312  1.00 46.84 ? 51  MET A CB  1 
ATOM   369  C CG  . MET A 1 51  ? 13.585  9.460   11.786  1.00 46.20 ? 51  MET A CG  1 
ATOM   370  S SD  . MET A 1 51  ? 14.059  10.543  10.426  1.00 46.02 ? 51  MET A SD  1 
ATOM   371  C CE  . MET A 1 51  ? 15.534  9.756   9.810   1.00 44.28 ? 51  MET A CE  1 
ATOM   372  N N   . TYR A 1 52  ? 10.887  9.340   13.981  1.00 49.21 ? 52  TYR A N   1 
ATOM   373  C CA  . TYR A 1 52  ? 9.897   10.266  14.549  1.00 50.40 ? 52  TYR A CA  1 
ATOM   374  C C   . TYR A 1 52  ? 10.455  11.678  14.700  1.00 52.22 ? 52  TYR A C   1 
ATOM   375  O O   . TYR A 1 52  ? 11.640  11.848  14.990  1.00 52.22 ? 52  TYR A O   1 
ATOM   376  C CB  . TYR A 1 52  ? 9.389   9.766   15.904  1.00 49.71 ? 52  TYR A CB  1 
ATOM   377  C CG  . TYR A 1 52  ? 8.812   8.369   15.874  1.00 47.61 ? 52  TYR A CG  1 
ATOM   378  C CD1 . TYR A 1 52  ? 7.447   8.151   15.628  1.00 45.39 ? 52  TYR A CD1 1 
ATOM   379  C CD2 . TYR A 1 52  ? 9.628   7.262   16.098  1.00 45.57 ? 52  TYR A CD2 1 
ATOM   380  C CE1 . TYR A 1 52  ? 6.920   6.862   15.599  1.00 43.14 ? 52  TYR A CE1 1 
ATOM   381  C CE2 . TYR A 1 52  ? 9.111   5.977   16.071  1.00 44.14 ? 52  TYR A CE2 1 
ATOM   382  C CZ  . TYR A 1 52  ? 7.764   5.782   15.821  1.00 42.56 ? 52  TYR A CZ  1 
ATOM   383  O OH  . TYR A 1 52  ? 7.292   4.495   15.792  1.00 41.11 ? 52  TYR A OH  1 
ATOM   384  N N   . ASP A 1 53  ? 9.599   12.680  14.493  1.00 54.43 ? 53  ASP A N   1 
ATOM   385  C CA  . ASP A 1 53  ? 9.951   14.089  14.719  1.00 56.68 ? 53  ASP A CA  1 
ATOM   386  C C   . ASP A 1 53  ? 9.302   14.594  16.014  1.00 58.18 ? 53  ASP A C   1 
ATOM   387  O O   . ASP A 1 53  ? 8.083   14.824  16.068  1.00 58.49 ? 53  ASP A O   1 
ATOM   388  C CB  . ASP A 1 53  ? 9.511   14.962  13.529  1.00 56.66 ? 53  ASP A CB  1 
ATOM   389  C CG  . ASP A 1 53  ? 10.157  16.367  13.524  1.00 57.38 ? 53  ASP A CG  1 
ATOM   390  O OD1 . ASP A 1 53  ? 10.419  16.946  14.603  1.00 57.98 ? 53  ASP A OD1 1 
ATOM   391  O OD2 . ASP A 1 53  ? 10.426  16.978  12.466  1.00 56.74 ? 53  ASP A OD2 1 
ATOM   392  N N   . VAL A 1 54  ? 10.112  14.753  17.058  1.00 59.85 ? 54  VAL A N   1 
ATOM   393  C CA  . VAL A 1 54  ? 9.611   15.325  18.312  1.00 61.44 ? 54  VAL A CA  1 
ATOM   394  C C   . VAL A 1 54  ? 10.118  16.757  18.586  1.00 62.40 ? 54  VAL A C   1 
ATOM   395  O O   . VAL A 1 54  ? 10.602  17.061  19.685  1.00 62.75 ? 54  VAL A O   1 
ATOM   396  C CB  . VAL A 1 54  ? 9.855   14.416  19.541  1.00 61.49 ? 54  VAL A CB  1 
ATOM   397  C CG1 . VAL A 1 54  ? 8.757   14.667  20.583  1.00 61.57 ? 54  VAL A CG1 1 
ATOM   398  C CG2 . VAL A 1 54  ? 9.917   12.941  19.140  1.00 61.40 ? 54  VAL A CG2 1 
ATOM   399  N N   . SER A 1 55  ? 10.012  17.618  17.573  1.00 63.36 ? 55  SER A N   1 
ATOM   400  C CA  . SER A 1 55  ? 10.220  19.054  17.733  1.00 64.05 ? 55  SER A CA  1 
ATOM   401  C C   . SER A 1 55  ? 8.837   19.717  17.832  1.00 64.76 ? 55  SER A C   1 
ATOM   402  O O   . SER A 1 55  ? 8.436   20.534  16.992  1.00 64.75 ? 55  SER A O   1 
ATOM   403  C CB  . SER A 1 55  ? 11.068  19.625  16.584  1.00 64.11 ? 55  SER A CB  1 
ATOM   404  O OG  . SER A 1 55  ? 10.431  19.511  15.320  1.00 63.80 ? 55  SER A OG  1 
ATOM   405  N N   . GLY A 1 56  ? 8.116   19.329  18.880  1.00 65.35 ? 56  GLY A N   1 
ATOM   406  C CA  . GLY A 1 56  ? 6.734   19.711  19.097  1.00 65.99 ? 56  GLY A CA  1 
ATOM   407  C C   . GLY A 1 56  ? 6.181   18.878  20.237  1.00 66.45 ? 56  GLY A C   1 
ATOM   408  O O   . GLY A 1 56  ? 6.943   18.283  21.006  1.00 66.52 ? 56  GLY A O   1 
ATOM   409  N N   . THR A 1 57  ? 4.859   18.816  20.338  1.00 66.81 ? 57  THR A N   1 
ATOM   410  C CA  . THR A 1 57  ? 4.207   18.178  21.483  1.00 67.12 ? 57  THR A CA  1 
ATOM   411  C C   . THR A 1 57  ? 4.156   16.650  21.394  1.00 66.99 ? 57  THR A C   1 
ATOM   412  O O   . THR A 1 57  ? 4.480   15.951  22.368  1.00 67.22 ? 57  THR A O   1 
ATOM   413  C CB  . THR A 1 57  ? 2.791   18.772  21.721  1.00 67.28 ? 57  THR A CB  1 
ATOM   414  O OG1 . THR A 1 57  ? 1.905   17.739  22.173  1.00 67.80 ? 57  THR A OG1 1 
ATOM   415  C CG2 . THR A 1 57  ? 2.153   19.250  20.405  1.00 67.73 ? 57  THR A CG2 1 
ATOM   416  N N   . ALA A 1 58  ? 3.740   16.141  20.234  1.00 66.62 ? 58  ALA A N   1 
ATOM   417  C CA  . ALA A 1 58  ? 3.602   14.699  20.010  1.00 65.85 ? 58  ALA A CA  1 
ATOM   418  C C   . ALA A 1 58  ? 4.737   14.167  19.122  1.00 65.09 ? 58  ALA A C   1 
ATOM   419  O O   . ALA A 1 58  ? 5.417   14.958  18.452  1.00 65.18 ? 58  ALA A O   1 
ATOM   420  C CB  . ALA A 1 58  ? 2.231   14.392  19.386  1.00 65.99 ? 58  ALA A CB  1 
ATOM   421  N N   . PRO A 1 59  ? 4.964   12.848  19.135  1.00 64.04 ? 59  PRO A N   1 
ATOM   422  C CA  . PRO A 1 59  ? 5.845   12.216  18.147  1.00 63.01 ? 59  PRO A CA  1 
ATOM   423  C C   . PRO A 1 59  ? 5.124   11.931  16.815  1.00 61.73 ? 59  PRO A C   1 
ATOM   424  O O   . PRO A 1 59  ? 4.183   11.120  16.766  1.00 61.87 ? 59  PRO A O   1 
ATOM   425  C CB  . PRO A 1 59  ? 6.272   10.909  18.839  1.00 63.21 ? 59  PRO A CB  1 
ATOM   426  C CG  . PRO A 1 59  ? 5.145   10.564  19.780  1.00 63.66 ? 59  PRO A CG  1 
ATOM   427  C CD  . PRO A 1 59  ? 4.436   11.864  20.103  1.00 64.28 ? 59  PRO A CD  1 
ATOM   428  N N   . VAL A 1 60  ? 5.559   12.612  15.753  1.00 59.77 ? 60  VAL A N   1 
ATOM   429  C CA  . VAL A 1 60  ? 5.078   12.332  14.398  1.00 57.80 ? 60  VAL A CA  1 
ATOM   430  C C   . VAL A 1 60  ? 5.993   11.328  13.691  1.00 55.96 ? 60  VAL A C   1 
ATOM   431  O O   . VAL A 1 60  ? 7.192   11.568  13.556  1.00 55.87 ? 60  VAL A O   1 
ATOM   432  C CB  . VAL A 1 60  ? 4.883   13.639  13.535  1.00 58.02 ? 60  VAL A CB  1 
ATOM   433  C CG1 . VAL A 1 60  ? 5.554   14.847  14.171  1.00 58.49 ? 60  VAL A CG1 1 
ATOM   434  C CG2 . VAL A 1 60  ? 5.360   13.460  12.090  1.00 58.08 ? 60  VAL A CG2 1 
ATOM   435  N N   . ASN A 1 61  ? 5.421   10.200  13.273  1.00 53.57 ? 61  ASN A N   1 
ATOM   436  C CA  . ASN A 1 61  ? 6.103   9.245   12.398  1.00 51.02 ? 61  ASN A CA  1 
ATOM   437  C C   . ASN A 1 61  ? 6.357   9.866   11.024  1.00 49.45 ? 61  ASN A C   1 
ATOM   438  O O   . ASN A 1 61  ? 5.429   10.062  10.238  1.00 49.27 ? 61  ASN A O   1 
ATOM   439  C CB  . ASN A 1 61  ? 5.295   7.946   12.272  1.00 50.88 ? 61  ASN A CB  1 
ATOM   440  C CG  . ASN A 1 61  ? 6.138   6.768   11.800  1.00 50.22 ? 61  ASN A CG  1 
ATOM   441  O OD1 . ASN A 1 61  ? 7.222   6.946   11.269  1.00 50.17 ? 61  ASN A OD1 1 
ATOM   442  N ND2 . ASN A 1 61  ? 5.629   5.558   11.985  1.00 48.84 ? 61  ASN A ND2 1 
ATOM   443  N N   . VAL A 1 62  ? 7.616   10.200  10.759  1.00 47.33 ? 62  VAL A N   1 
ATOM   444  C CA  . VAL A 1 62  ? 8.007   10.822  9.498   1.00 45.37 ? 62  VAL A CA  1 
ATOM   445  C C   . VAL A 1 62  ? 8.056   9.790   8.367   1.00 43.98 ? 62  VAL A C   1 
ATOM   446  O O   . VAL A 1 62  ? 7.838   10.128  7.208   1.00 43.82 ? 62  VAL A O   1 
ATOM   447  C CB  . VAL A 1 62  ? 9.348   11.653  9.604   1.00 45.30 ? 62  VAL A CB  1 
ATOM   448  C CG1 . VAL A 1 62  ? 9.653   12.058  11.036  1.00 45.43 ? 62  VAL A CG1 1 
ATOM   449  C CG2 . VAL A 1 62  ? 10.536  10.915  9.014   1.00 45.42 ? 62  VAL A CG2 1 
ATOM   450  N N   . THR A 1 63  ? 8.339   8.539   8.728   1.00 42.38 ? 63  THR A N   1 
ATOM   451  C CA  . THR A 1 63  ? 8.364   7.416   7.797   1.00 40.71 ? 63  THR A CA  1 
ATOM   452  C C   . THR A 1 63  ? 6.965   7.184   7.243   1.00 40.11 ? 63  THR A C   1 
ATOM   453  O O   . THR A 1 63  ? 6.780   7.077   6.037   1.00 39.71 ? 63  THR A O   1 
ATOM   454  C CB  . THR A 1 63  ? 8.880   6.143   8.513   1.00 40.65 ? 63  THR A CB  1 
ATOM   455  O OG1 . THR A 1 63  ? 10.195  6.386   9.035   1.00 38.91 ? 63  THR A OG1 1 
ATOM   456  C CG2 . THR A 1 63  ? 9.057   4.964   7.532   1.00 39.36 ? 63  THR A CG2 1 
ATOM   457  N N   . ASN A 1 64  ? 5.985   7.122   8.141   1.00 39.35 ? 64  ASN A N   1 
ATOM   458  C CA  . ASN A 1 64  ? 4.593   6.983   7.753   1.00 38.82 ? 64  ASN A CA  1 
ATOM   459  C C   . ASN A 1 64  ? 4.058   8.149   6.925   1.00 38.42 ? 64  ASN A C   1 
ATOM   460  O O   . ASN A 1 64  ? 3.249   7.941   6.032   1.00 38.57 ? 64  ASN A O   1 
ATOM   461  C CB  . ASN A 1 64  ? 3.707   6.754   8.974   1.00 38.53 ? 64  ASN A CB  1 
ATOM   462  C CG  . ASN A 1 64  ? 2.334   6.274   8.595   1.00 38.14 ? 64  ASN A CG  1 
ATOM   463  O OD1 . ASN A 1 64  ? 1.425   7.070   8.423   1.00 37.91 ? 64  ASN A OD1 1 
ATOM   464  N ND2 . ASN A 1 64  ? 2.182   4.961   8.439   1.00 37.08 ? 64  ASN A ND2 1 
ATOM   465  N N   . LYS A 1 65  ? 4.521   9.358   7.239   1.00 38.08 ? 65  LYS A N   1 
ATOM   466  C CA  . LYS A 1 65  ? 4.202   10.578  6.503   1.00 38.03 ? 65  LYS A CA  1 
ATOM   467  C C   . LYS A 1 65  ? 4.718   10.523  5.068   1.00 37.70 ? 65  LYS A C   1 
ATOM   468  O O   . LYS A 1 65  ? 4.043   10.922  4.131   1.00 37.53 ? 65  LYS A O   1 
ATOM   469  C CB  . LYS A 1 65  ? 4.818   11.788  7.219   1.00 38.09 ? 65  LYS A CB  1 
ATOM   470  C CG  . LYS A 1 65  ? 4.104   13.107  6.965   1.00 39.05 ? 65  LYS A CG  1 
ATOM   471  C CD  . LYS A 1 65  ? 4.970   14.307  7.321   1.00 41.24 ? 65  LYS A CD  1 
ATOM   472  C CE  . LYS A 1 65  ? 5.025   15.338  6.181   1.00 42.88 ? 65  LYS A CE  1 
ATOM   473  N NZ  . LYS A 1 65  ? 6.431   15.651  5.785   1.00 41.80 ? 65  LYS A NZ  1 
ATOM   474  N N   . MET A 1 66  ? 5.935   10.024  4.920   1.00 37.67 ? 66  MET A N   1 
ATOM   475  C CA  . MET A 1 66  ? 6.578   9.919   3.632   1.00 37.90 ? 66  MET A CA  1 
ATOM   476  C C   . MET A 1 66  ? 5.917   8.821   2.776   1.00 37.44 ? 66  MET A C   1 
ATOM   477  O O   . MET A 1 66  ? 5.741   8.982   1.571   1.00 37.12 ? 66  MET A O   1 
ATOM   478  C CB  . MET A 1 66  ? 8.064   9.673   3.860   1.00 38.24 ? 66  MET A CB  1 
ATOM   479  C CG  . MET A 1 66  ? 8.884   9.455   2.619   1.00 40.82 ? 66  MET A CG  1 
ATOM   480  S SD  . MET A 1 66  ? 9.368   7.738   2.614   1.00 47.42 ? 66  MET A SD  1 
ATOM   481  C CE  . MET A 1 66  ? 8.629   7.253   1.107   1.00 48.19 ? 66  MET A CE  1 
ATOM   482  N N   . LEU A 1 67  ? 5.527   7.723   3.416   1.00 37.01 ? 67  LEU A N   1 
ATOM   483  C CA  . LEU A 1 67  ? 4.807   6.649   2.742   1.00 36.60 ? 67  LEU A CA  1 
ATOM   484  C C   . LEU A 1 67  ? 3.368   7.019   2.402   1.00 36.66 ? 67  LEU A C   1 
ATOM   485  O O   . LEU A 1 67  ? 2.842   6.567   1.393   1.00 36.29 ? 67  LEU A O   1 
ATOM   486  C CB  . LEU A 1 67  ? 4.839   5.370   3.567   1.00 36.23 ? 67  LEU A CB  1 
ATOM   487  C CG  . LEU A 1 67  ? 6.198   4.735   3.828   1.00 34.60 ? 67  LEU A CG  1 
ATOM   488  C CD1 . LEU A 1 67  ? 5.984   3.620   4.834   1.00 33.48 ? 67  LEU A CD1 1 
ATOM   489  C CD2 . LEU A 1 67  ? 6.887   4.240   2.546   1.00 32.80 ? 67  LEU A CD2 1 
ATOM   490  N N   . LEU A 1 68  ? 2.748   7.840   3.248   1.00 37.18 ? 68  LEU A N   1 
ATOM   491  C CA  . LEU A 1 68  ? 1.450   8.464   2.956   1.00 37.57 ? 68  LEU A CA  1 
ATOM   492  C C   . LEU A 1 68  ? 1.449   9.354   1.697   1.00 37.71 ? 68  LEU A C   1 
ATOM   493  O O   . LEU A 1 68  ? 0.452   9.423   0.983   1.00 38.07 ? 68  LEU A O   1 
ATOM   494  C CB  . LEU A 1 68  ? 0.985   9.294   4.149   1.00 37.65 ? 68  LEU A CB  1 
ATOM   495  C CG  . LEU A 1 68  ? 0.056   8.714   5.213   1.00 38.16 ? 68  LEU A CG  1 
ATOM   496  C CD1 . LEU A 1 68  ? -0.318  9.820   6.202   1.00 37.26 ? 68  LEU A CD1 1 
ATOM   497  C CD2 . LEU A 1 68  ? -1.189  8.090   4.602   1.00 38.54 ? 68  LEU A CD2 1 
ATOM   498  N N   . LYS A 1 69  ? 2.556   10.040  1.430   1.00 37.91 ? 69  LYS A N   1 
ATOM   499  C CA  . LYS A 1 69  ? 2.686   10.799  0.187   1.00 38.16 ? 69  LYS A CA  1 
ATOM   500  C C   . LYS A 1 69  ? 2.981   9.921   -1.041  1.00 38.26 ? 69  LYS A C   1 
ATOM   501  O O   . LYS A 1 69  ? 2.632   10.310  -2.157  1.00 38.97 ? 69  LYS A O   1 
ATOM   502  C CB  . LYS A 1 69  ? 3.683   11.969  0.334   1.00 38.28 ? 69  LYS A CB  1 
ATOM   503  C CG  . LYS A 1 69  ? 5.096   11.723  -0.219  1.00 38.90 ? 69  LYS A CG  1 
ATOM   504  C CD  . LYS A 1 69  ? 5.664   11.721  -1.514  0.00 68.44 ? 69  LYS A CD  1 
ATOM   505  C CE  . LYS A 1 69  ? 5.322   13.046  -2.175  0.00 73.84 ? 69  LYS A CE  1 
ATOM   506  N NZ  . LYS A 1 69  ? 6.502   13.825  -2.597  0.00 74.83 ? 69  LYS A NZ  1 
ATOM   507  N N   . GLN A 1 70  ? 3.602   8.753   -0.848  1.00 38.11 ? 70  GLN A N   1 
ATOM   508  C CA  . GLN A 1 70  ? 3.769   7.775   -1.944  1.00 38.30 ? 70  GLN A CA  1 
ATOM   509  C C   . GLN A 1 70  ? 2.415   7.209   -2.341  1.00 37.99 ? 70  GLN A C   1 
ATOM   510  O O   . GLN A 1 70  ? 2.091   7.114   -3.526  1.00 37.74 ? 70  GLN A O   1 
ATOM   511  C CB  . GLN A 1 70  ? 4.667   6.583   -1.561  1.00 38.28 ? 70  GLN A CB  1 
ATOM   512  C CG  . GLN A 1 70  ? 6.029   6.912   -1.039  1.00 39.22 ? 70  GLN A CG  1 
ATOM   513  C CD  . GLN A 1 70  ? 7.038   7.132   -2.141  1.00 41.42 ? 70  GLN A CD  1 
ATOM   514  O OE1 . GLN A 1 70  ? 7.428   6.186   -2.839  1.00 42.14 ? 70  GLN A OE1 1 
ATOM   515  N NE2 . GLN A 1 70  ? 7.476   8.381   -2.300  1.00 41.44 ? 70  GLN A NE2 1 
ATOM   516  N N   . LEU A 1 71  ? 1.656   6.808   -1.320  1.00 37.74 ? 71  LEU A N   1 
ATOM   517  C CA  . LEU A 1 71  ? 0.327   6.248   -1.460  1.00 37.90 ? 71  LEU A CA  1 
ATOM   518  C C   . LEU A 1 71  ? -0.588  7.154   -2.258  1.00 38.34 ? 71  LEU A C   1 
ATOM   519  O O   . LEU A 1 71  ? -1.268  6.708   -3.181  1.00 37.83 ? 71  LEU A O   1 
ATOM   520  C CB  . LEU A 1 71  ? -0.268  6.018   -0.075  1.00 37.92 ? 71  LEU A CB  1 
ATOM   521  C CG  . LEU A 1 71  ? -1.534  5.169   -0.039  1.00 38.03 ? 71  LEU A CG  1 
ATOM   522  C CD1 . LEU A 1 71  ? -1.207  3.803   0.504   1.00 38.71 ? 71  LEU A CD1 1 
ATOM   523  C CD2 . LEU A 1 71  ? -2.593  5.844   0.789   1.00 37.06 ? 71  LEU A CD2 1 
ATOM   524  N N   . ASN A 1 72  ? -0.596  8.431   -1.878  1.00 39.24 ? 72  ASN A N   1 
ATOM   525  C CA  . ASN A 1 72  ? -1.382  9.451   -2.549  1.00 40.16 ? 72  ASN A CA  1 
ATOM   526  C C   . ASN A 1 72  ? -0.868  9.732   -3.967  1.00 40.12 ? 72  ASN A C   1 
ATOM   527  O O   . ASN A 1 72  ? -1.632  10.119  -4.854  1.00 40.33 ? 72  ASN A O   1 
ATOM   528  C CB  . ASN A 1 72  ? -1.454  10.713  -1.675  1.00 40.93 ? 72  ASN A CB  1 
ATOM   529  C CG  . ASN A 1 72  ? -2.198  10.460  -0.327  1.00 43.64 ? 72  ASN A CG  1 
ATOM   530  O OD1 . ASN A 1 72  ? -3.151  9.667   -0.272  1.00 46.25 ? 72  ASN A OD1 1 
ATOM   531  N ND2 . ASN A 1 72  ? -1.747  11.121  0.752   1.00 43.53 ? 72  ASN A ND2 1 
ATOM   532  N N   . ALA A 1 73  ? 0.421   9.498   -4.185  1.00 39.80 ? 73  ALA A N   1 
ATOM   533  C CA  . ALA A 1 73  ? 1.003   9.579   -5.515  1.00 39.60 ? 73  ALA A CA  1 
ATOM   534  C C   . ALA A 1 73  ? 0.501   8.468   -6.429  1.00 39.53 ? 73  ALA A C   1 
ATOM   535  O O   . ALA A 1 73  ? 0.566   8.607   -7.651  1.00 39.77 ? 73  ALA A O   1 
ATOM   536  C CB  . ALA A 1 73  ? 2.534   9.561   -5.441  1.00 39.62 ? 73  ALA A CB  1 
ATOM   537  N N   . LEU A 1 74  ? -0.010  7.380   -5.843  1.00 39.19 ? 74  LEU A N   1 
ATOM   538  C CA  . LEU A 1 74  ? -0.477  6.218   -6.614  1.00 38.71 ? 74  LEU A CA  1 
ATOM   539  C C   . LEU A 1 74  ? -1.995  6.169   -6.876  1.00 38.62 ? 74  LEU A C   1 
ATOM   540  O O   . LEU A 1 74  ? -2.498  5.168   -7.400  1.00 38.37 ? 74  LEU A O   1 
ATOM   541  C CB  . LEU A 1 74  ? -0.019  4.904   -5.958  1.00 38.65 ? 74  LEU A CB  1 
ATOM   542  C CG  . LEU A 1 74  ? 1.423   4.412   -6.112  1.00 38.17 ? 74  LEU A CG  1 
ATOM   543  C CD1 . LEU A 1 74  ? 1.614   3.235   -5.226  1.00 36.54 ? 74  LEU A CD1 1 
ATOM   544  C CD2 . LEU A 1 74  ? 1.797   4.052   -7.547  1.00 37.05 ? 74  LEU A CD2 1 
ATOM   545  N N   . GLU A 1 75  ? -2.707  7.246   -6.539  1.00 38.61 ? 75  GLU A N   1 
ATOM   546  C CA  . GLU A 1 75  ? -4.176  7.298   -6.617  1.00 38.86 ? 75  GLU A CA  1 
ATOM   547  C C   . GLU A 1 75  ? -4.740  7.090   -8.019  1.00 38.38 ? 75  GLU A C   1 
ATOM   548  O O   . GLU A 1 75  ? -5.830  6.548   -8.187  1.00 38.45 ? 75  GLU A O   1 
ATOM   549  C CB  . GLU A 1 75  ? -4.708  8.595   -5.995  1.00 39.22 ? 75  GLU A CB  1 
ATOM   550  C CG  . GLU A 1 75  ? -4.334  8.704   -4.519  1.00 41.53 ? 75  GLU A CG  1 
ATOM   551  C CD  . GLU A 1 75  ? -5.109  9.749   -3.733  1.00 43.98 ? 75  GLU A CD  1 
ATOM   552  O OE1 . GLU A 1 75  ? -5.787  10.585  -4.367  1.00 44.32 ? 75  GLU A OE1 1 
ATOM   553  O OE2 . GLU A 1 75  ? -5.025  9.729   -2.469  1.00 44.33 ? 75  GLU A OE2 1 
ATOM   554  N N   . LYS A 1 76  ? -3.978  7.522   -9.015  1.00 38.09 ? 76  LYS A N   1 
ATOM   555  C CA  . LYS A 1 76  ? -4.300  7.321   -10.420 1.00 37.39 ? 76  LYS A CA  1 
ATOM   556  C C   . LYS A 1 76  ? -4.330  5.828   -10.777 1.00 36.57 ? 76  LYS A C   1 
ATOM   557  O O   . LYS A 1 76  ? -5.092  5.403   -11.650 1.00 36.48 ? 76  LYS A O   1 
ATOM   558  C CB  . LYS A 1 76  ? -3.275  8.065   -11.277 1.00 37.85 ? 76  LYS A CB  1 
ATOM   559  C CG  . LYS A 1 76  ? -3.826  9.301   -12.005 1.00 39.86 ? 76  LYS A CG  1 
ATOM   560  C CD  . LYS A 1 76  ? -4.269  10.429  -11.047 1.00 43.04 ? 76  LYS A CD  1 
ATOM   561  C CE  . LYS A 1 76  ? -4.364  11.791  -11.763 1.00 44.31 ? 76  LYS A CE  1 
ATOM   562  N NZ  . LYS A 1 76  ? -5.772  12.143  -12.174 1.00 43.97 ? 76  LYS A NZ  1 
ATOM   563  N N   . GLU A 1 77  ? -3.516  5.039   -10.078 1.00 35.25 ? 77  GLU A N   1 
ATOM   564  C CA  . GLU A 1 77  ? -3.395  3.616   -10.348 1.00 33.80 ? 77  GLU A CA  1 
ATOM   565  C C   . GLU A 1 77  ? -4.277  2.755   -9.440  1.00 32.64 ? 77  GLU A C   1 
ATOM   566  O O   . GLU A 1 77  ? -4.151  1.531   -9.424  1.00 32.68 ? 77  GLU A O   1 
ATOM   567  C CB  . GLU A 1 77  ? -1.935  3.189   -10.227 1.00 34.16 ? 77  GLU A CB  1 
ATOM   568  C CG  . GLU A 1 77  ? -1.032  3.744   -11.321 1.00 35.59 ? 77  GLU A CG  1 
ATOM   569  C CD  . GLU A 1 77  ? 0.414   3.278   -11.209 1.00 37.00 ? 77  GLU A CD  1 
ATOM   570  O OE1 . GLU A 1 77  ? 0.684   2.314   -10.471 1.00 36.21 ? 77  GLU A OE1 1 
ATOM   571  O OE2 . GLU A 1 77  ? 1.285   3.882   -11.874 1.00 38.98 ? 77  GLU A OE2 1 
ATOM   572  N N   . MET A 1 78  ? -5.170  3.387   -8.690  1.00 30.82 ? 78  MET A N   1 
ATOM   573  C CA  . MET A 1 78  ? -6.050  2.651   -7.793  1.00 29.39 ? 78  MET A CA  1 
ATOM   574  C C   . MET A 1 78  ? -7.342  2.267   -8.488  1.00 28.43 ? 78  MET A C   1 
ATOM   575  O O   . MET A 1 78  ? -7.880  3.024   -9.290  1.00 28.03 ? 78  MET A O   1 
ATOM   576  C CB  . MET A 1 78  ? -6.363  3.466   -6.536  1.00 29.38 ? 78  MET A CB  1 
ATOM   577  C CG  . MET A 1 78  ? -5.175  3.673   -5.620  1.00 28.26 ? 78  MET A CG  1 
ATOM   578  S SD  . MET A 1 78  ? -5.540  4.788   -4.274  1.00 27.99 ? 78  MET A SD  1 
ATOM   579  C CE  . MET A 1 78  ? -3.916  4.921   -3.519  1.00 24.76 ? 78  MET A CE  1 
ATOM   580  N N   . ILE A 1 79  ? -7.817  1.064   -8.195  1.00 27.63 ? 79  ILE A N   1 
ATOM   581  C CA  . ILE A 1 79  ? -9.163  0.659   -8.595  1.00 26.74 ? 79  ILE A CA  1 
ATOM   582  C C   . ILE A 1 79  ? -10.092 1.086   -7.465  1.00 26.21 ? 79  ILE A C   1 
ATOM   583  O O   . ILE A 1 79  ? -10.035 0.539   -6.367  1.00 25.65 ? 79  ILE A O   1 
ATOM   584  C CB  . ILE A 1 79  ? -9.251  -0.862  -8.900  1.00 26.30 ? 79  ILE A CB  1 
ATOM   585  C CG1 . ILE A 1 79  ? -8.112  -1.275  -9.839  1.00 25.30 ? 79  ILE A CG1 1 
ATOM   586  C CG2 . ILE A 1 79  ? -10.601 -1.188  -9.502  1.00 25.94 ? 79  ILE A CG2 1 
ATOM   587  C CD1 . ILE A 1 79  ? -8.087  -2.758  -10.226 1.00 24.60 ? 79  ILE A CD1 1 
ATOM   588  N N   . VAL A 1 80  ? -10.895 2.112   -7.735  1.00 25.94 ? 80  VAL A N   1 
ATOM   589  C CA  . VAL A 1 80  ? -11.728 2.731   -6.711  1.00 25.89 ? 80  VAL A CA  1 
ATOM   590  C C   . VAL A 1 80  ? -13.193 2.318   -6.851  1.00 26.44 ? 80  VAL A C   1 
ATOM   591  O O   . VAL A 1 80  ? -13.778 2.425   -7.931  1.00 26.48 ? 80  VAL A O   1 
ATOM   592  C CB  . VAL A 1 80  ? -11.621 4.291   -6.737  1.00 25.76 ? 80  VAL A CB  1 
ATOM   593  C CG1 . VAL A 1 80  ? -12.436 4.922   -5.580  1.00 24.77 ? 80  VAL A CG1 1 
ATOM   594  C CG2 . VAL A 1 80  ? -10.154 4.747   -6.692  1.00 24.35 ? 80  VAL A CG2 1 
ATOM   595  N N   . TYR A 1 81  ? -13.769 1.842   -5.752  1.00 26.76 ? 81  TYR A N   1 
ATOM   596  C CA  . TYR A 1 81  ? -15.183 1.558   -5.690  1.00 27.34 ? 81  TYR A CA  1 
ATOM   597  C C   . TYR A 1 81  ? -15.827 2.577   -4.749  1.00 28.68 ? 81  TYR A C   1 
ATOM   598  O O   . TYR A 1 81  ? -15.773 2.415   -3.519  1.00 28.88 ? 81  TYR A O   1 
ATOM   599  C CB  . TYR A 1 81  ? -15.398 0.132   -5.211  1.00 26.76 ? 81  TYR A CB  1 
ATOM   600  C CG  . TYR A 1 81  ? -14.969 -0.899  -6.209  1.00 26.14 ? 81  TYR A CG  1 
ATOM   601  C CD1 . TYR A 1 81  ? -13.631 -1.289  -6.311  1.00 24.73 ? 81  TYR A CD1 1 
ATOM   602  C CD2 . TYR A 1 81  ? -15.906 -1.491  -7.068  1.00 26.07 ? 81  TYR A CD2 1 
ATOM   603  C CE1 . TYR A 1 81  ? -13.232 -2.234  -7.248  1.00 25.79 ? 81  TYR A CE1 1 
ATOM   604  C CE2 . TYR A 1 81  ? -15.523 -2.445  -8.005  1.00 25.49 ? 81  TYR A CE2 1 
ATOM   605  C CZ  . TYR A 1 81  ? -14.186 -2.813  -8.090  1.00 27.12 ? 81  TYR A CZ  1 
ATOM   606  O OH  . TYR A 1 81  ? -13.809 -3.759  -9.014  1.00 28.03 ? 81  TYR A OH  1 
ATOM   607  N N   . LYS A 1 82  ? -16.405 3.637   -5.334  1.00 29.88 ? 82  LYS A N   1 
ATOM   608  C CA  . LYS A 1 82  ? -16.987 4.761   -4.583  1.00 31.14 ? 82  LYS A CA  1 
ATOM   609  C C   . LYS A 1 82  ? -18.222 4.350   -3.791  1.00 31.52 ? 82  LYS A C   1 
ATOM   610  O O   . LYS A 1 82  ? -19.091 3.639   -4.291  1.00 31.59 ? 82  LYS A O   1 
ATOM   611  C CB  . LYS A 1 82  ? -17.384 5.914   -5.529  1.00 31.54 ? 82  LYS A CB  1 
ATOM   612  C CG  . LYS A 1 82  ? -16.500 7.165   -5.484  1.00 32.72 ? 82  LYS A CG  1 
ATOM   613  C CD  . LYS A 1 82  ? -16.644 7.935   -4.182  1.00 34.62 ? 82  LYS A CD  1 
ATOM   614  C CE  . LYS A 1 82  ? -16.017 9.332   -4.278  1.00 37.45 ? 82  LYS A CE  1 
ATOM   615  N NZ  . LYS A 1 82  ? -16.777 10.399  -3.165  0.00 63.49 ? 82  LYS A NZ  1 
ATOM   616  N N   . ALA A 1 83  ? -18.303 4.796   -2.548  1.00 32.32 ? 83  ALA A N   1 
ATOM   617  C CA  . ALA A 1 83  ? -19.540 4.644   -1.807  1.00 32.97 ? 83  ALA A CA  1 
ATOM   618  C C   . ALA A 1 83  ? -20.446 5.795   -2.237  1.00 33.83 ? 83  ALA A C   1 
ATOM   619  O O   . ALA A 1 83  ? -19.999 6.941   -2.277  1.00 33.81 ? 83  ALA A O   1 
ATOM   620  C CB  . ALA A 1 83  ? -19.274 4.694   -0.343  1.00 32.92 ? 83  ALA A CB  1 
ATOM   621  N N   . PRO A 1 84  ? -21.690 5.497   -2.611  1.00 34.63 ? 84  PRO A N   1 
ATOM   622  C CA  . PRO A 1 84  ? -22.659 6.544   -2.977  1.00 35.35 ? 84  PRO A CA  1 
ATOM   623  C C   . PRO A 1 84  ? -22.727 7.693   -1.972  1.00 35.74 ? 84  PRO A C   1 
ATOM   624  O O   . PRO A 1 84  ? -22.831 8.837   -2.409  1.00 35.79 ? 84  PRO A O   1 
ATOM   625  C CB  . PRO A 1 84  ? -23.980 5.787   -3.025  1.00 35.35 ? 84  PRO A CB  1 
ATOM   626  C CG  . PRO A 1 84  ? -23.564 4.420   -3.498  1.00 35.82 ? 84  PRO A CG  1 
ATOM   627  C CD  . PRO A 1 84  ? -22.269 4.148   -2.761  1.00 34.89 ? 84  PRO A CD  1 
ATOM   628  N N   . GLN A 1 85  ? -22.655 7.389   -0.674  1.00 35.94 ? 85  GLN A N   1 
ATOM   629  C CA  . GLN A 1 85  ? -22.649 8.401   0.375   1.00 35.75 ? 85  GLN A CA  1 
ATOM   630  C C   . GLN A 1 85  ? -21.434 8.217   1.247   1.00 35.39 ? 85  GLN A C   1 
ATOM   631  O O   . GLN A 1 85  ? -21.533 7.694   2.362   1.00 35.51 ? 85  GLN A O   1 
ATOM   632  C CB  . GLN A 1 85  ? -23.908 8.308   1.224   1.00 36.15 ? 85  GLN A CB  1 
ATOM   633  C CG  . GLN A 1 85  ? -24.899 9.402   0.919   1.00 37.91 ? 85  GLN A CG  1 
ATOM   634  C CD  . GLN A 1 85  ? -25.253 9.446   -0.562  1.00 39.03 ? 85  GLN A CD  1 
ATOM   635  O OE1 . GLN A 1 85  ? -25.930 8.534   -1.072  1.00 39.97 ? 85  GLN A OE1 1 
ATOM   636  N NE2 . GLN A 1 85  ? -24.774 10.481  -1.261  1.00 37.69 ? 85  GLN A NE2 1 
ATOM   637  N N   . GLU A 1 86  ? -20.296 8.672   0.727   1.00 34.51 ? 86  GLU A N   1 
ATOM   638  C CA  . GLU A 1 86  ? -18.988 8.380   1.296   1.00 33.77 ? 86  GLU A CA  1 
ATOM   639  C C   . GLU A 1 86  ? -18.811 8.901   2.717   1.00 32.81 ? 86  GLU A C   1 
ATOM   640  O O   . GLU A 1 86  ? -18.847 10.100  2.949   1.00 33.20 ? 86  GLU A O   1 
ATOM   641  C CB  . GLU A 1 86  ? -17.899 8.935   0.382   1.00 33.73 ? 86  GLU A CB  1 
ATOM   642  C CG  . GLU A 1 86  ? -16.490 8.664   0.854   1.00 34.10 ? 86  GLU A CG  1 
ATOM   643  C CD  . GLU A 1 86  ? -15.458 9.161   -0.139  1.00 36.58 ? 86  GLU A CD  1 
ATOM   644  O OE1 . GLU A 1 86  ? -15.234 8.466   -1.162  1.00 35.66 ? 86  GLU A OE1 1 
ATOM   645  O OE2 . GLU A 1 86  ? -14.866 10.246  0.107   1.00 36.68 ? 86  GLU A OE2 1 
ATOM   646  N N   . LYS A 1 87  ? -18.610 7.990   3.661   1.00 31.56 ? 87  LYS A N   1 
ATOM   647  C CA  . LYS A 1 87  ? -18.261 8.367   5.032   1.00 30.50 ? 87  LYS A CA  1 
ATOM   648  C C   . LYS A 1 87  ? -16.780 8.093   5.332   1.00 29.58 ? 87  LYS A C   1 
ATOM   649  O O   . LYS A 1 87  ? -16.164 8.791   6.138   1.00 29.55 ? 87  LYS A O   1 
ATOM   650  C CB  . LYS A 1 87  ? -19.173 7.655   6.048   1.00 30.59 ? 87  LYS A CB  1 
ATOM   651  C CG  . LYS A 1 87  ? -20.575 8.254   6.166   1.00 29.75 ? 87  LYS A CG  1 
ATOM   652  C CD  . LYS A 1 87  ? -20.740 9.736   6.179   0.00 51.64 ? 87  LYS A CD  1 
ATOM   653  C CE  . LYS A 1 87  ? -22.176 10.157  6.556   0.00 43.55 ? 87  LYS A CE  1 
ATOM   654  N NZ  . LYS A 1 87  ? -22.611 11.404  5.905   0.00 55.21 ? 87  LYS A NZ  1 
ATOM   655  N N   . HIS A 1 88  ? -16.226 7.067   4.677   1.00 28.45 ? 88  HIS A N   1 
ATOM   656  C CA  . HIS A 1 88  ? -14.842 6.632   4.863   1.00 26.81 ? 88  HIS A CA  1 
ATOM   657  C C   . HIS A 1 88  ? -14.215 6.189   3.546   1.00 26.33 ? 88  HIS A C   1 
ATOM   658  O O   . HIS A 1 88  ? -14.869 5.584   2.693   1.00 25.82 ? 88  HIS A O   1 
ATOM   659  C CB  . HIS A 1 88  ? -14.748 5.463   5.849   1.00 26.28 ? 88  HIS A CB  1 
ATOM   660  C CG  . HIS A 1 88  ? -15.326 5.743   7.196   1.00 26.11 ? 88  HIS A CG  1 
ATOM   661  N ND1 . HIS A 1 88  ? -14.689 6.531   8.132   1.00 26.80 ? 88  HIS A ND1 1 
ATOM   662  C CD2 . HIS A 1 88  ? -16.472 5.314   7.783   1.00 25.72 ? 88  HIS A CD2 1 
ATOM   663  C CE1 . HIS A 1 88  ? -15.422 6.586   9.231   1.00 26.11 ? 88  HIS A CE1 1 
ATOM   664  N NE2 . HIS A 1 88  ? -16.512 5.864   9.043   1.00 25.57 ? 88  HIS A NE2 1 
ATOM   665  N N   . VAL A 1 89  ? -12.930 6.492   3.403   1.00 26.09 ? 89  VAL A N   1 
ATOM   666  C CA  . VAL A 1 89  ? -12.129 6.019   2.286   1.00 25.81 ? 89  VAL A CA  1 
ATOM   667  C C   . VAL A 1 89  ? -11.033 5.133   2.838   1.00 25.90 ? 89  VAL A C   1 
ATOM   668  O O   . VAL A 1 89  ? -10.272 5.575   3.687   1.00 26.36 ? 89  VAL A O   1 
ATOM   669  C CB  . VAL A 1 89  ? -11.503 7.193   1.519   1.00 25.90 ? 89  VAL A CB  1 
ATOM   670  C CG1 . VAL A 1 89  ? -10.716 6.690   0.320   1.00 24.99 ? 89  VAL A CG1 1 
ATOM   671  C CG2 . VAL A 1 89  ? -12.578 8.166   1.089   1.00 24.41 ? 89  VAL A CG2 1 
ATOM   672  N N   . ILE A 1 90  ? -10.979 3.874   2.385   1.00 25.94 ? 90  ILE A N   1 
ATOM   673  C CA  . ILE A 1 90  ? -9.914  2.933   2.776   1.00 25.25 ? 90  ILE A CA  1 
ATOM   674  C C   . ILE A 1 90  ? -9.151  2.434   1.542   1.00 25.36 ? 90  ILE A C   1 
ATOM   675  O O   . ILE A 1 90  ? -9.712  2.323   0.447   1.00 25.41 ? 90  ILE A O   1 
ATOM   676  C CB  . ILE A 1 90  ? -10.435 1.718   3.632   1.00 25.19 ? 90  ILE A CB  1 
ATOM   677  C CG1 . ILE A 1 90  ? -11.567 0.940   2.929   1.00 25.53 ? 90  ILE A CG1 1 
ATOM   678  C CG2 . ILE A 1 90  ? -10.825 2.129   5.062   1.00 25.36 ? 90  ILE A CG2 1 
ATOM   679  C CD1 . ILE A 1 90  ? -11.819 -0.479  3.481   1.00 22.80 ? 90  ILE A CD1 1 
ATOM   680  N N   . THR A 1 91  ? -7.871  2.135   1.736   1.00 24.91 ? 91  THR A N   1 
ATOM   681  C CA  . THR A 1 91  ? -7.015  1.592   0.697   1.00 24.37 ? 91  THR A CA  1 
ATOM   682  C C   . THR A 1 91  ? -6.744  0.130   1.032   1.00 24.05 ? 91  THR A C   1 
ATOM   683  O O   . THR A 1 91  ? -6.326  -0.206  2.143   1.00 24.38 ? 91  THR A O   1 
ATOM   684  C CB  . THR A 1 91  ? -5.721  2.414   0.614   1.00 24.57 ? 91  THR A CB  1 
ATOM   685  O OG1 . THR A 1 91  ? -6.056  3.802   0.413   1.00 25.01 ? 91  THR A OG1 1 
ATOM   686  C CG2 . THR A 1 91  ? -4.916  2.055   -0.617  1.00 24.85 ? 91  THR A CG2 1 
ATOM   687  N N   . VAL A 1 92  ? -7.029  -0.751  0.086   1.00 22.94 ? 92  VAL A N   1 
ATOM   688  C CA  . VAL A 1 92  ? -6.860  -2.165  0.340   1.00 21.76 ? 92  VAL A CA  1 
ATOM   689  C C   . VAL A 1 92  ? -5.771  -2.709  -0.572  1.00 21.41 ? 92  VAL A C   1 
ATOM   690  O O   . VAL A 1 92  ? -5.828  -2.528  -1.787  1.00 21.09 ? 92  VAL A O   1 
ATOM   691  C CB  . VAL A 1 92  ? -8.203  -2.940  0.224   1.00 21.59 ? 92  VAL A CB  1 
ATOM   692  C CG1 . VAL A 1 92  ? -7.999  -4.459  0.347   1.00 21.05 ? 92  VAL A CG1 1 
ATOM   693  C CG2 . VAL A 1 92  ? -9.150  -2.483  1.297   1.00 20.56 ? 92  VAL A CG2 1 
ATOM   694  N N   . PHE A 1 93  ? -4.762  -3.333  0.032   1.00 20.83 ? 93  PHE A N   1 
ATOM   695  C CA  . PHE A 1 93  ? -3.787  -4.090  -0.734  1.00 21.02 ? 93  PHE A CA  1 
ATOM   696  C C   . PHE A 1 93  ? -4.388  -5.452  -0.903  1.00 20.88 ? 93  PHE A C   1 
ATOM   697  O O   . PHE A 1 93  ? -4.680  -6.139  0.065   1.00 20.39 ? 93  PHE A O   1 
ATOM   698  C CB  . PHE A 1 93  ? -2.420  -4.152  -0.046  1.00 21.09 ? 93  PHE A CB  1 
ATOM   699  C CG  . PHE A 1 93  ? -1.676  -2.843  -0.073  1.00 21.86 ? 93  PHE A CG  1 
ATOM   700  C CD1 . PHE A 1 93  ? -1.932  -1.859  0.881   1.00 22.66 ? 93  PHE A CD1 1 
ATOM   701  C CD2 . PHE A 1 93  ? -0.740  -2.581  -1.068  1.00 21.83 ? 93  PHE A CD2 1 
ATOM   702  C CE1 . PHE A 1 93  ? -1.248  -0.641  0.849   1.00 24.06 ? 93  PHE A CE1 1 
ATOM   703  C CE2 . PHE A 1 93  ? -0.060  -1.375  -1.104  1.00 21.36 ? 93  PHE A CE2 1 
ATOM   704  C CZ  . PHE A 1 93  ? -0.307  -0.406  -0.151  1.00 23.34 ? 93  PHE A CZ  1 
ATOM   705  N N   . THR A 1 94  ? -4.621  -5.802  -2.158  1.00 21.23 ? 94  THR A N   1 
ATOM   706  C CA  . THR A 1 94  ? -5.337  -7.011  -2.499  1.00 21.44 ? 94  THR A CA  1 
ATOM   707  C C   . THR A 1 94  ? -4.575  -7.885  -3.496  1.00 21.54 ? 94  THR A C   1 
ATOM   708  O O   . THR A 1 94  ? -3.728  -7.413  -4.228  1.00 21.50 ? 94  THR A O   1 
ATOM   709  C CB  . THR A 1 94  ? -6.774  -6.661  -2.998  1.00 21.27 ? 94  THR A CB  1 
ATOM   710  O OG1 . THR A 1 94  ? -7.587  -7.843  -2.960  1.00 21.06 ? 94  THR A OG1 1 
ATOM   711  C CG2 . THR A 1 94  ? -6.771  -6.239  -4.469  1.00 19.93 ? 94  THR A CG2 1 
ATOM   712  N N   . ASP A 1 95  ? -4.926  -9.161  -3.509  1.00 22.05 ? 95  ASP A N   1 
ATOM   713  C CA  . ASP A 1 95  ? -4.341  -10.160 -4.378  1.00 22.26 ? 95  ASP A CA  1 
ATOM   714  C C   . ASP A 1 95  ? -5.512  -10.938 -4.997  1.00 22.76 ? 95  ASP A C   1 
ATOM   715  O O   . ASP A 1 95  ? -6.337  -11.494 -4.275  1.00 22.12 ? 95  ASP A O   1 
ATOM   716  C CB  . ASP A 1 95  ? -3.501  -11.070 -3.490  1.00 22.48 ? 95  ASP A CB  1 
ATOM   717  C CG  . ASP A 1 95  ? -2.765  -12.147 -4.247  1.00 23.31 ? 95  ASP A CG  1 
ATOM   718  O OD1 . ASP A 1 95  ? -3.043  -12.409 -5.438  1.00 22.18 ? 95  ASP A OD1 1 
ATOM   719  O OD2 . ASP A 1 95  ? -1.863  -12.796 -3.688  1.00 25.61 ? 95  ASP A OD2 1 
ATOM   720  N N   . ILE A 1 96  ? -5.601  -10.980 -6.324  1.00 23.55 ? 96  ILE A N   1 
ATOM   721  C CA  . ILE A 1 96  ? -6.673  -11.743 -6.978  1.00 25.21 ? 96  ILE A CA  1 
ATOM   722  C C   . ILE A 1 96  ? -6.713  -13.268 -6.701  1.00 25.53 ? 96  ILE A C   1 
ATOM   723  O O   . ILE A 1 96  ? -7.748  -13.904 -6.911  1.00 25.91 ? 96  ILE A O   1 
ATOM   724  C CB  . ILE A 1 96  ? -6.729  -11.483 -8.503  1.00 25.88 ? 96  ILE A CB  1 
ATOM   725  C CG1 . ILE A 1 96  ? -5.320  -11.449 -9.107  1.00 26.84 ? 96  ILE A CG1 1 
ATOM   726  C CG2 . ILE A 1 96  ? -7.543  -10.223 -8.805  1.00 25.38 ? 96  ILE A CG2 1 
ATOM   727  C CD1 . ILE A 1 96  ? -4.958  -12.690 -9.856  1.00 29.52 ? 96  ILE A CD1 1 
ATOM   728  N N   . THR A 1 97  ? -5.616  -13.836 -6.209  1.00 25.78 ? 97  THR A N   1 
ATOM   729  C CA  . THR A 1 97  ? -5.546  -15.268 -5.909  1.00 26.43 ? 97  THR A CA  1 
ATOM   730  C C   . THR A 1 97  ? -5.951  -15.617 -4.465  1.00 26.47 ? 97  THR A C   1 
ATOM   731  O O   . THR A 1 97  ? -6.126  -16.786 -4.132  1.00 27.37 ? 97  THR A O   1 
ATOM   732  C CB  . THR A 1 97  ? -4.117  -15.816 -6.181  1.00 26.54 ? 97  THR A CB  1 
ATOM   733  O OG1 . THR A 1 97  ? -3.222  -15.254 -5.217  1.00 28.12 ? 97  THR A OG1 1 
ATOM   734  C CG2 . THR A 1 97  ? -3.556  -15.334 -7.522  1.00 24.55 ? 97  THR A CG2 1 
ATOM   735  N N   . CYS A 1 98  ? -6.089  -14.603 -3.618  1.00 25.97 ? 98  CYS A N   1 
ATOM   736  C CA  . CYS A 1 98  ? -6.367  -14.767 -2.196  1.00 25.54 ? 98  CYS A CA  1 
ATOM   737  C C   . CYS A 1 98  ? -7.891  -14.967 -1.886  1.00 25.46 ? 98  CYS A C   1 
ATOM   738  O O   . CYS A 1 98  ? -8.737  -14.232 -2.392  1.00 25.73 ? 98  CYS A O   1 
ATOM   739  C CB  . CYS A 1 98  ? -5.747  -13.557 -1.492  1.00 25.55 ? 98  CYS A CB  1 
ATOM   740  S SG  . CYS A 1 98  ? -6.319  -13.079 0.136   1.00 26.44 ? 98  CYS A SG  1 
ATOM   741  N N   . GLY A 1 99  ? -8.227  -15.972 -1.073  1.00 24.81 ? 99  GLY A N   1 
ATOM   742  C CA  . GLY A 1 99  ? -9.612  -16.283 -0.746  1.00 24.02 ? 99  GLY A CA  1 
ATOM   743  C C   . GLY A 1 99  ? -10.387 -15.215 0.019   1.00 23.96 ? 99  GLY A C   1 
ATOM   744  O O   . GLY A 1 99  ? -11.581 -14.981 -0.234  1.00 23.04 ? 99  GLY A O   1 
ATOM   745  N N   . TYR A 1 100 ? -9.713  -14.567 0.967   1.00 24.16 ? 100 TYR A N   1 
ATOM   746  C CA  . TYR A 1 100 ? -10.327 -13.506 1.760   1.00 24.34 ? 100 TYR A CA  1 
ATOM   747  C C   . TYR A 1 100 ? -10.516 -12.232 0.943   1.00 24.06 ? 100 TYR A C   1 
ATOM   748  O O   . TYR A 1 100 ? -11.384 -11.407 1.237   1.00 23.57 ? 100 TYR A O   1 
ATOM   749  C CB  . TYR A 1 100 ? -9.526  -13.245 3.038   1.00 24.65 ? 100 TYR A CB  1 
ATOM   750  C CG  . TYR A 1 100 ? -9.935  -14.162 4.139   1.00 26.12 ? 100 TYR A CG  1 
ATOM   751  C CD1 . TYR A 1 100 ? -11.223 -14.105 4.677   1.00 26.75 ? 100 TYR A CD1 1 
ATOM   752  C CD2 . TYR A 1 100 ? -9.060  -15.146 4.606   1.00 27.98 ? 100 TYR A CD2 1 
ATOM   753  C CE1 . TYR A 1 100 ? -11.612 -14.982 5.673   1.00 28.46 ? 100 TYR A CE1 1 
ATOM   754  C CE2 . TYR A 1 100 ? -9.442  -16.029 5.599   1.00 27.87 ? 100 TYR A CE2 1 
ATOM   755  C CZ  . TYR A 1 100 ? -10.714 -15.941 6.124   1.00 29.64 ? 100 TYR A CZ  1 
ATOM   756  O OH  . TYR A 1 100 ? -11.076 -16.816 7.111   1.00 32.83 ? 100 TYR A OH  1 
ATOM   757  N N   . CYS A 1 101 ? -9.713  -12.105 -0.105  1.00 24.07 ? 101 CYS A N   1 
ATOM   758  C CA  . CYS A 1 101 ? -9.856  -11.011 -1.051  1.00 24.56 ? 101 CYS A CA  1 
ATOM   759  C C   . CYS A 1 101 ? -11.091 -11.200 -1.922  1.00 24.64 ? 101 CYS A C   1 
ATOM   760  O O   . CYS A 1 101 ? -11.701 -10.214 -2.330  1.00 24.81 ? 101 CYS A O   1 
ATOM   761  C CB  . CYS A 1 101 ? -8.610  -10.880 -1.910  1.00 23.93 ? 101 CYS A CB  1 
ATOM   762  S SG  . CYS A 1 101 ? -7.188  -10.270 -0.987  1.00 26.70 ? 101 CYS A SG  1 
ATOM   763  N N   . HIS A 1 102 ? -11.437 -12.458 -2.222  1.00 24.45 ? 102 HIS A N   1 
ATOM   764  C CA  . HIS A 1 102 ? -12.689 -12.779 -2.893  1.00 24.92 ? 102 HIS A CA  1 
ATOM   765  C C   . HIS A 1 102 ? -13.879 -12.472 -2.003  1.00 24.35 ? 102 HIS A C   1 
ATOM   766  O O   . HIS A 1 102 ? -14.788 -11.767 -2.413  1.00 24.05 ? 102 HIS A O   1 
ATOM   767  C CB  . HIS A 1 102 ? -12.715 -14.232 -3.370  1.00 24.85 ? 102 HIS A CB  1 
ATOM   768  C CG  . HIS A 1 102 ? -11.886 -14.461 -4.588  1.00 28.50 ? 102 HIS A CG  1 
ATOM   769  N ND1 . HIS A 1 102 ? -12.433 -14.612 -5.845  1.00 31.82 ? 102 HIS A ND1 1 
ATOM   770  C CD2 . HIS A 1 102 ? -10.539 -14.524 -4.752  1.00 30.62 ? 102 HIS A CD2 1 
ATOM   771  C CE1 . HIS A 1 102 ? -11.464 -14.793 -6.726  1.00 32.71 ? 102 HIS A CE1 1 
ATOM   772  N NE2 . HIS A 1 102 ? -10.304 -14.730 -6.090  1.00 32.24 ? 102 HIS A NE2 1 
ATOM   773  N N   . LYS A 1 103 ? -13.836 -12.997 -0.785  1.00 24.63 ? 103 LYS A N   1 
ATOM   774  C CA  . LYS A 1 103 ? -14.839 -12.760 0.240   1.00 25.25 ? 103 LYS A CA  1 
ATOM   775  C C   . LYS A 1 103 ? -15.105 -11.260 0.457   1.00 24.96 ? 103 LYS A C   1 
ATOM   776  O O   . LYS A 1 103 ? -16.253 -10.843 0.552   1.00 25.44 ? 103 LYS A O   1 
ATOM   777  C CB  . LYS A 1 103 ? -14.409 -13.460 1.538   1.00 25.40 ? 103 LYS A CB  1 
ATOM   778  C CG  . LYS A 1 103 ? -15.417 -13.412 2.667   1.00 27.62 ? 103 LYS A CG  1 
ATOM   779  C CD  . LYS A 1 103 ? -15.201 -14.520 3.693   1.00 29.42 ? 103 LYS A CD  1 
ATOM   780  C CE  . LYS A 1 103 ? -16.400 -15.476 3.703   1.00 32.52 ? 103 LYS A CE  1 
ATOM   781  N NZ  . LYS A 1 103 ? -16.084 -16.281 4.950   0.00 64.61 ? 103 LYS A NZ  1 
ATOM   782  N N   . LEU A 1 104 ? -14.050 -10.454 0.512   1.00 24.34 ? 104 LEU A N   1 
ATOM   783  C CA  . LEU A 1 104 ? -14.206 -9.015  0.674   1.00 23.49 ? 104 LEU A CA  1 
ATOM   784  C C   . LEU A 1 104 ? -14.823 -8.391  -0.569  1.00 23.32 ? 104 LEU A C   1 
ATOM   785  O O   . LEU A 1 104 ? -15.775 -7.606  -0.467  1.00 22.99 ? 104 LEU A O   1 
ATOM   786  C CB  . LEU A 1 104 ? -12.870 -8.359  1.088   1.00 23.31 ? 104 LEU A CB  1 
ATOM   787  C CG  . LEU A 1 104 ? -12.263 -6.983  0.716   1.00 22.75 ? 104 LEU A CG  1 
ATOM   788  C CD1 . LEU A 1 104 ? -13.215 -5.895  0.254   1.00 20.60 ? 104 LEU A CD1 1 
ATOM   789  C CD2 . LEU A 1 104 ? -11.416 -6.460  1.894   1.00 21.80 ? 104 LEU A CD2 1 
ATOM   790  N N   . HIS A 1 105 ? -14.303 -8.751  -1.740  1.00 23.21 ? 105 HIS A N   1 
ATOM   791  C CA  . HIS A 1 105 ? -14.798 -8.164  -2.983  1.00 23.60 ? 105 HIS A CA  1 
ATOM   792  C C   . HIS A 1 105 ? -16.261 -8.487  -3.272  1.00 24.75 ? 105 HIS A C   1 
ATOM   793  O O   . HIS A 1 105 ? -17.000 -7.642  -3.776  1.00 25.35 ? 105 HIS A O   1 
ATOM   794  C CB  . HIS A 1 105 ? -13.943 -8.554  -4.177  1.00 22.75 ? 105 HIS A CB  1 
ATOM   795  C CG  . HIS A 1 105 ? -14.209 -7.718  -5.387  1.00 21.43 ? 105 HIS A CG  1 
ATOM   796  N ND1 . HIS A 1 105 ? -13.983 -6.355  -5.413  1.00 18.79 ? 105 HIS A ND1 1 
ATOM   797  C CD2 . HIS A 1 105 ? -14.720 -8.041  -6.600  1.00 19.21 ? 105 HIS A CD2 1 
ATOM   798  C CE1 . HIS A 1 105 ? -14.322 -5.883  -6.600  1.00 19.22 ? 105 HIS A CE1 1 
ATOM   799  N NE2 . HIS A 1 105 ? -14.771 -6.884  -7.339  1.00 18.98 ? 105 HIS A NE2 1 
ATOM   800  N N   . GLU A 1 106 ? -16.668 -9.712  -2.950  1.00 25.68 ? 106 GLU A N   1 
ATOM   801  C CA  . GLU A 1 106 ? -18.049 -10.138 -3.100  1.00 26.73 ? 106 GLU A CA  1 
ATOM   802  C C   . GLU A 1 106 ? -18.998 -9.262  -2.284  1.00 26.67 ? 106 GLU A C   1 
ATOM   803  O O   . GLU A 1 106 ? -20.161 -9.079  -2.652  1.00 26.96 ? 106 GLU A O   1 
ATOM   804  C CB  . GLU A 1 106 ? -18.185 -11.593 -2.681  1.00 27.15 ? 106 GLU A CB  1 
ATOM   805  C CG  . GLU A 1 106 ? -18.028 -12.565 -3.836  1.00 30.37 ? 106 GLU A CG  1 
ATOM   806  C CD  . GLU A 1 106 ? -17.735 -13.973 -3.363  1.00 35.08 ? 106 GLU A CD  1 
ATOM   807  O OE1 . GLU A 1 106 ? -18.391 -14.417 -2.385  1.00 35.96 ? 106 GLU A OE1 1 
ATOM   808  O OE2 . GLU A 1 106 ? -16.841 -14.625 -3.963  1.00 37.09 ? 106 GLU A OE2 1 
ATOM   809  N N   . GLN A 1 107 ? -18.488 -8.709  -1.190  1.00 26.16 ? 107 GLN A N   1 
ATOM   810  C CA  . GLN A 1 107 ? -19.271 -7.810  -0.359  1.00 25.86 ? 107 GLN A CA  1 
ATOM   811  C C   . GLN A 1 107 ? -19.064 -6.329  -0.644  1.00 25.18 ? 107 GLN A C   1 
ATOM   812  O O   . GLN A 1 107 ? -19.358 -5.514  0.210   1.00 25.08 ? 107 GLN A O   1 
ATOM   813  C CB  . GLN A 1 107 ? -18.984 -8.089  1.111   1.00 25.98 ? 107 GLN A CB  1 
ATOM   814  C CG  . GLN A 1 107 ? -19.621 -9.379  1.597   1.00 27.39 ? 107 GLN A CG  1 
ATOM   815  C CD  . GLN A 1 107 ? -19.175 -9.721  2.967   1.00 29.14 ? 107 GLN A CD  1 
ATOM   816  O OE1 . GLN A 1 107 ? -19.943 -9.587  3.921   1.00 32.96 ? 107 GLN A OE1 1 
ATOM   817  N NE2 . GLN A 1 107 ? -17.926 -10.153 3.096   1.00 29.91 ? 107 GLN A NE2 1 
ATOM   818  N N   . MET A 1 108 ? -18.584 -5.974  -1.835  1.00 24.84 ? 108 MET A N   1 
ATOM   819  C CA  . MET A 1 108 ? -18.276 -4.567  -2.124  1.00 24.63 ? 108 MET A CA  1 
ATOM   820  C C   . MET A 1 108 ? -19.495 -3.654  -1.973  1.00 25.11 ? 108 MET A C   1 
ATOM   821  O O   . MET A 1 108 ? -19.390 -2.562  -1.380  1.00 25.08 ? 108 MET A O   1 
ATOM   822  C CB  . MET A 1 108 ? -17.642 -4.392  -3.503  1.00 24.55 ? 108 MET A CB  1 
ATOM   823  C CG  . MET A 1 108 ? -17.072 -2.991  -3.762  1.00 23.54 ? 108 MET A CG  1 
ATOM   824  S SD  . MET A 1 108 ? -15.857 -2.446  -2.542  1.00 22.73 ? 108 MET A SD  1 
ATOM   825  C CE  . MET A 1 108 ? -14.533 -3.535  -2.890  1.00 20.07 ? 108 MET A CE  1 
ATOM   826  N N   . ALA A 1 109 ? -20.639 -4.113  -2.491  1.00 24.68 ? 109 ALA A N   1 
ATOM   827  C CA  . ALA A 1 109 ? -21.885 -3.367  -2.386  1.00 25.01 ? 109 ALA A CA  1 
ATOM   828  C C   . ALA A 1 109 ? -22.226 -3.070  -0.949  1.00 24.55 ? 109 ALA A C   1 
ATOM   829  O O   . ALA A 1 109 ? -22.633 -1.962  -0.648  1.00 24.82 ? 109 ALA A O   1 
ATOM   830  C CB  . ALA A 1 109 ? -23.058 -4.105  -3.089  1.00 25.30 ? 109 ALA A CB  1 
ATOM   831  N N   . ASP A 1 110 ? -22.034 -4.057  -0.073  1.00 24.57 ? 110 ASP A N   1 
ATOM   832  C CA  . ASP A 1 110 ? -22.240 -3.912  1.378   1.00 24.23 ? 110 ASP A CA  1 
ATOM   833  C C   . ASP A 1 110 ? -21.322 -2.855  2.017   1.00 23.87 ? 110 ASP A C   1 
ATOM   834  O O   . ASP A 1 110 ? -21.779 -2.001  2.793   1.00 23.19 ? 110 ASP A O   1 
ATOM   835  C CB  . ASP A 1 110 ? -22.038 -5.247  2.073   1.00 24.21 ? 110 ASP A CB  1 
ATOM   836  C CG  . ASP A 1 110 ? -23.051 -6.295  1.646   1.00 26.21 ? 110 ASP A CG  1 
ATOM   837  O OD1 . ASP A 1 110 ? -22.703 -7.172  0.827   1.00 26.92 ? 110 ASP A OD1 1 
ATOM   838  O OD2 . ASP A 1 110 ? -24.213 -6.342  2.097   1.00 28.24 ? 110 ASP A OD2 1 
ATOM   839  N N   . TYR A 1 111 ? -20.033 -2.916  1.683   1.00 23.37 ? 111 TYR A N   1 
ATOM   840  C CA  . TYR A 1 111 ? -19.108 -1.846  2.037   1.00 23.24 ? 111 TYR A CA  1 
ATOM   841  C C   . TYR A 1 111 ? -19.642 -0.481  1.592   1.00 22.83 ? 111 TYR A C   1 
ATOM   842  O O   . TYR A 1 111 ? -19.767 0.417   2.416   1.00 22.40 ? 111 TYR A O   1 
ATOM   843  C CB  . TYR A 1 111 ? -17.692 -2.104  1.479   1.00 22.76 ? 111 TYR A CB  1 
ATOM   844  C CG  . TYR A 1 111 ? -16.964 -3.213  2.201   1.00 23.69 ? 111 TYR A CG  1 
ATOM   845  C CD1 . TYR A 1 111 ? -16.463 -3.023  3.492   1.00 23.55 ? 111 TYR A CD1 1 
ATOM   846  C CD2 . TYR A 1 111 ? -16.785 -4.465  1.599   1.00 23.64 ? 111 TYR A CD2 1 
ATOM   847  C CE1 . TYR A 1 111 ? -15.798 -4.045  4.165   1.00 23.09 ? 111 TYR A CE1 1 
ATOM   848  C CE2 . TYR A 1 111 ? -16.134 -5.497  2.270   1.00 23.73 ? 111 TYR A CE2 1 
ATOM   849  C CZ  . TYR A 1 111 ? -15.641 -5.284  3.552   1.00 23.64 ? 111 TYR A CZ  1 
ATOM   850  O OH  . TYR A 1 111 ? -14.986 -6.306  4.212   1.00 22.50 ? 111 TYR A OH  1 
ATOM   851  N N   . ASN A 1 112 ? -19.970 -0.346  0.303   1.00 22.98 ? 112 ASN A N   1 
ATOM   852  C CA  . ASN A 1 112 ? -20.425 0.934   -0.258  1.00 23.59 ? 112 ASN A CA  1 
ATOM   853  C C   . ASN A 1 112 ? -21.730 1.467   0.347   1.00 24.30 ? 112 ASN A C   1 
ATOM   854  O O   . ASN A 1 112 ? -21.819 2.662   0.632   1.00 24.27 ? 112 ASN A O   1 
ATOM   855  C CB  . ASN A 1 112 ? -20.550 0.880   -1.781  1.00 23.28 ? 112 ASN A CB  1 
ATOM   856  C CG  . ASN A 1 112 ? -19.216 0.647   -2.502  1.00 22.96 ? 112 ASN A CG  1 
ATOM   857  O OD1 . ASN A 1 112 ? -19.225 0.201   -3.636  1.00 24.83 ? 112 ASN A OD1 1 
ATOM   858  N ND2 . ASN A 1 112 ? -18.085 0.968   -1.866  1.00 21.66 ? 112 ASN A ND2 1 
ATOM   859  N N   . ALA A 1 113 ? -22.712 0.570   0.545   1.00 24.69 ? 113 ALA A N   1 
ATOM   860  C CA  . ALA A 1 113 ? -23.993 0.866   1.210   1.00 25.11 ? 113 ALA A CA  1 
ATOM   861  C C   . ALA A 1 113 ? -23.807 1.431   2.612   1.00 25.58 ? 113 ALA A C   1 
ATOM   862  O O   . ALA A 1 113 ? -24.620 2.233   3.084   1.00 25.89 ? 113 ALA A O   1 
ATOM   863  C CB  . ALA A 1 113 ? -24.877 -0.387  1.269   1.00 25.15 ? 113 ALA A CB  1 
ATOM   864  N N   . LEU A 1 114 ? -22.727 1.012   3.269   1.00 25.82 ? 114 LEU A N   1 
ATOM   865  C CA  . LEU A 1 114 ? -22.353 1.536   4.576   1.00 25.69 ? 114 LEU A CA  1 
ATOM   866  C C   . LEU A 1 114 ? -21.495 2.814   4.461   1.00 25.68 ? 114 LEU A C   1 
ATOM   867  O O   . LEU A 1 114 ? -20.988 3.305   5.465   1.00 26.30 ? 114 LEU A O   1 
ATOM   868  C CB  . LEU A 1 114 ? -21.649 0.451   5.414   1.00 25.43 ? 114 LEU A CB  1 
ATOM   869  C CG  . LEU A 1 114 ? -22.556 -0.675  5.970   1.00 26.78 ? 114 LEU A CG  1 
ATOM   870  C CD1 . LEU A 1 114 ? -21.788 -1.886  6.482   1.00 24.07 ? 114 LEU A CD1 1 
ATOM   871  C CD2 . LEU A 1 114 ? -23.469 -0.165  7.066   1.00 26.71 ? 114 LEU A CD2 1 
ATOM   872  N N   . GLY A 1 115 ? -21.323 3.347   3.249   1.00 25.25 ? 115 GLY A N   1 
ATOM   873  C CA  . GLY A 1 115 ? -20.537 4.558   3.054   1.00 24.66 ? 115 GLY A CA  1 
ATOM   874  C C   . GLY A 1 115 ? -19.021 4.394   3.085   1.00 24.88 ? 115 GLY A C   1 
ATOM   875  O O   . GLY A 1 115 ? -18.282 5.371   3.283   1.00 24.82 ? 115 GLY A O   1 
ATOM   876  N N   . ILE A 1 116 ? -18.546 3.158   2.891   1.00 24.69 ? 116 ILE A N   1 
ATOM   877  C CA  . ILE A 1 116 ? -17.114 2.901   2.799   1.00 23.96 ? 116 ILE A CA  1 
ATOM   878  C C   . ILE A 1 116 ? -16.724 2.788   1.330   1.00 23.92 ? 116 ILE A C   1 
ATOM   879  O O   . ILE A 1 116 ? -17.247 1.931   0.590   1.00 23.32 ? 116 ILE A O   1 
ATOM   880  C CB  . ILE A 1 116 ? -16.697 1.645   3.569   1.00 24.07 ? 116 ILE A CB  1 
ATOM   881  C CG1 . ILE A 1 116 ? -16.965 1.788   5.072   1.00 23.73 ? 116 ILE A CG1 1 
ATOM   882  C CG2 . ILE A 1 116 ? -15.231 1.358   3.348   1.00 24.31 ? 116 ILE A CG2 1 
ATOM   883  C CD1 . ILE A 1 116 ? -17.063 0.450   5.780   1.00 22.26 ? 116 ILE A CD1 1 
ATOM   884  N N   . THR A 1 117 ? -15.830 3.699   0.930   1.00 23.12 ? 117 THR A N   1 
ATOM   885  C CA  . THR A 1 117 ? -15.200 3.686   -0.366  1.00 22.89 ? 117 THR A CA  1 
ATOM   886  C C   . THR A 1 117 ? -13.956 2.821   -0.263  1.00 22.83 ? 117 THR A C   1 
ATOM   887  O O   . THR A 1 117 ? -13.201 2.936   0.704   1.00 22.94 ? 117 THR A O   1 
ATOM   888  C CB  . THR A 1 117 ? -14.831 5.120   -0.756  1.00 23.11 ? 117 THR A CB  1 
ATOM   889  O OG1 . THR A 1 117 ? -16.020 5.794   -1.155  1.00 23.44 ? 117 THR A OG1 1 
ATOM   890  C CG2 . THR A 1 117 ? -13.964 5.161   -2.000  1.00 20.80 ? 117 THR A CG2 1 
ATOM   891  N N   . VAL A 1 118 ? -13.747 1.949   -1.251  1.00 22.14 ? 118 VAL A N   1 
ATOM   892  C CA  . VAL A 1 118 ? -12.588 1.050   -1.229  1.00 21.02 ? 118 VAL A CA  1 
ATOM   893  C C   . VAL A 1 118 ? -11.704 1.306   -2.439  1.00 20.55 ? 118 VAL A C   1 
ATOM   894  O O   . VAL A 1 118 ? -12.162 1.217   -3.571  1.00 20.35 ? 118 VAL A O   1 
ATOM   895  C CB  . VAL A 1 118 ? -13.019 -0.442  -1.169  1.00 21.21 ? 118 VAL A CB  1 
ATOM   896  C CG1 . VAL A 1 118 ? -11.802 -1.390  -1.181  1.00 20.02 ? 118 VAL A CG1 1 
ATOM   897  C CG2 . VAL A 1 118 ? -13.937 -0.694  0.048   1.00 20.07 ? 118 VAL A CG2 1 
ATOM   898  N N   . ARG A 1 119 ? -10.441 1.635   -2.182  1.00 20.18 ? 119 ARG A N   1 
ATOM   899  C CA  . ARG A 1 119 ? -9.462  1.854   -3.235  1.00 20.00 ? 119 ARG A CA  1 
ATOM   900  C C   . ARG A 1 119 ? -8.394  0.761   -3.207  1.00 19.92 ? 119 ARG A C   1 
ATOM   901  O O   . ARG A 1 119 ? -7.667  0.612   -2.232  1.00 19.42 ? 119 ARG A O   1 
ATOM   902  C CB  . ARG A 1 119 ? -8.805  3.225   -3.108  1.00 20.03 ? 119 ARG A CB  1 
ATOM   903  C CG  . ARG A 1 119 ? -9.698  4.346   -2.612  1.00 21.53 ? 119 ARG A CG  1 
ATOM   904  C CD  . ARG A 1 119 ? -9.015  5.688   -2.623  1.00 23.53 ? 119 ARG A CD  1 
ATOM   905  N NE  . ARG A 1 119 ? -7.832  5.654   -1.774  1.00 25.42 ? 119 ARG A NE  1 
ATOM   906  C CZ  . ARG A 1 119 ? -7.034  6.682   -1.538  1.00 26.28 ? 119 ARG A CZ  1 
ATOM   907  N NH1 . ARG A 1 119 ? -7.286  7.874   -2.086  1.00 26.11 ? 119 ARG A NH1 1 
ATOM   908  N NH2 . ARG A 1 119 ? -5.977  6.513   -0.745  1.00 25.42 ? 119 ARG A NH2 1 
ATOM   909  N N   . TYR A 1 120 ? -8.291  0.024   -4.309  1.00 19.93 ? 120 TYR A N   1 
ATOM   910  C CA  . TYR A 1 120 ? -7.404  -1.127  -4.407  1.00 19.78 ? 120 TYR A CA  1 
ATOM   911  C C   . TYR A 1 120 ? -5.995  -0.804  -4.939  1.00 19.92 ? 120 TYR A C   1 
ATOM   912  O O   . TYR A 1 120 ? -5.844  -0.079  -5.924  1.00 19.57 ? 120 TYR A O   1 
ATOM   913  C CB  . TYR A 1 120 ? -8.038  -2.143  -5.344  1.00 19.51 ? 120 TYR A CB  1 
ATOM   914  C CG  . TYR A 1 120 ? -9.124  -3.022  -4.775  1.00 19.31 ? 120 TYR A CG  1 
ATOM   915  C CD1 . TYR A 1 120 ? -8.985  -3.636  -3.530  1.00 18.80 ? 120 TYR A CD1 1 
ATOM   916  C CD2 . TYR A 1 120 ? -10.276 -3.295  -5.517  1.00 18.12 ? 120 TYR A CD2 1 
ATOM   917  C CE1 . TYR A 1 120 ? -9.972  -4.475  -3.037  1.00 17.48 ? 120 TYR A CE1 1 
ATOM   918  C CE2 . TYR A 1 120 ? -11.262 -4.132  -5.030  1.00 17.15 ? 120 TYR A CE2 1 
ATOM   919  C CZ  . TYR A 1 120 ? -11.108 -4.728  -3.792  1.00 17.94 ? 120 TYR A CZ  1 
ATOM   920  O OH  . TYR A 1 120 ? -12.090 -5.586  -3.300  1.00 17.69 ? 120 TYR A OH  1 
ATOM   921  N N   . LEU A 1 121 ? -4.976  -1.368  -4.284  1.00 20.11 ? 121 LEU A N   1 
ATOM   922  C CA  . LEU A 1 121 ? -3.642  -1.515  -4.867  1.00 20.08 ? 121 LEU A CA  1 
ATOM   923  C C   . LEU A 1 121 ? -3.323  -2.996  -4.950  1.00 20.39 ? 121 LEU A C   1 
ATOM   924  O O   . LEU A 1 121 ? -3.884  -3.804  -4.213  1.00 20.20 ? 121 LEU A O   1 
ATOM   925  C CB  . LEU A 1 121 ? -2.570  -0.772  -4.064  1.00 20.07 ? 121 LEU A CB  1 
ATOM   926  C CG  . LEU A 1 121 ? -2.569  0.774   -4.082  1.00 20.52 ? 121 LEU A CG  1 
ATOM   927  C CD1 . LEU A 1 121 ? -1.581  1.331   -3.064  1.00 19.34 ? 121 LEU A CD1 1 
ATOM   928  C CD2 . LEU A 1 121 ? -2.277  1.332   -5.470  1.00 20.72 ? 121 LEU A CD2 1 
ATOM   929  N N   . ALA A 1 122 ? -2.438  -3.351  -5.865  1.00 20.69 ? 122 ALA A N   1 
ATOM   930  C CA  . ALA A 1 122 ? -2.086  -4.751  -6.082  1.00 21.60 ? 122 ALA A CA  1 
ATOM   931  C C   . ALA A 1 122 ? -0.998  -5.214  -5.112  1.00 22.04 ? 122 ALA A C   1 
ATOM   932  O O   . ALA A 1 122 ? 0.019   -4.543  -4.932  1.00 21.84 ? 122 ALA A O   1 
ATOM   933  C CB  . ALA A 1 122 ? -1.655  -4.972  -7.532  1.00 20.87 ? 122 ALA A CB  1 
ATOM   934  N N   . PHE A 1 123 ? -1.224  -6.355  -4.471  1.00 22.79 ? 123 PHE A N   1 
ATOM   935  C CA  . PHE A 1 123 ? -0.224  -6.916  -3.579  1.00 23.57 ? 123 PHE A CA  1 
ATOM   936  C C   . PHE A 1 123 ? -0.165  -8.421  -3.757  1.00 24.71 ? 123 PHE A C   1 
ATOM   937  O O   . PHE A 1 123 ? -0.818  -9.146  -3.031  1.00 24.24 ? 123 PHE A O   1 
ATOM   938  C CB  . PHE A 1 123 ? -0.504  -6.533  -2.121  1.00 23.34 ? 123 PHE A CB  1 
ATOM   939  C CG  . PHE A 1 123 ? 0.643   -6.826  -1.172  1.00 22.62 ? 123 PHE A CG  1 
ATOM   940  C CD1 . PHE A 1 123 ? 0.748   -8.077  -0.540  1.00 21.56 ? 123 PHE A CD1 1 
ATOM   941  C CD2 . PHE A 1 123 ? 1.609   -5.853  -0.908  1.00 20.72 ? 123 PHE A CD2 1 
ATOM   942  C CE1 . PHE A 1 123 ? 1.826   -8.361  0.337   1.00 21.15 ? 123 PHE A CE1 1 
ATOM   943  C CE2 . PHE A 1 123 ? 2.678   -6.118  -0.036  1.00 21.25 ? 123 PHE A CE2 1 
ATOM   944  C CZ  . PHE A 1 123 ? 2.787   -7.377  0.593   1.00 20.76 ? 123 PHE A CZ  1 
ATOM   945  N N   . PRO A 1 124 ? 0.624   -8.893  -4.721  1.00 26.40 ? 124 PRO A N   1 
ATOM   946  C CA  . PRO A 1 124 ? 0.813   -10.341 -4.900  1.00 27.91 ? 124 PRO A CA  1 
ATOM   947  C C   . PRO A 1 124 ? 1.591   -10.952 -3.727  1.00 29.20 ? 124 PRO A C   1 
ATOM   948  O O   . PRO A 1 124 ? 2.742   -10.587 -3.521  1.00 29.70 ? 124 PRO A O   1 
ATOM   949  C CB  . PRO A 1 124 ? 1.593   -10.442 -6.228  1.00 27.75 ? 124 PRO A CB  1 
ATOM   950  C CG  . PRO A 1 124 ? 2.258   -9.130  -6.399  1.00 27.72 ? 124 PRO A CG  1 
ATOM   951  C CD  . PRO A 1 124 ? 1.384   -8.101  -5.710  1.00 26.43 ? 124 PRO A CD  1 
ATOM   952  N N   . ARG A 1 125 ? 0.976   -11.842 -2.954  1.00 30.72 ? 125 ARG A N   1 
ATOM   953  C CA  . ARG A 1 125 ? 1.679   -12.452 -1.818  1.00 32.73 ? 125 ARG A CA  1 
ATOM   954  C C   . ARG A 1 125 ? 2.828   -13.343 -2.275  1.00 34.19 ? 125 ARG A C   1 
ATOM   955  O O   . ARG A 1 125 ? 3.759   -13.585 -1.516  1.00 34.79 ? 125 ARG A O   1 
ATOM   956  C CB  . ARG A 1 125 ? 0.754   -13.282 -0.944  1.00 32.33 ? 125 ARG A CB  1 
ATOM   957  C CG  . ARG A 1 125 ? -0.506  -12.604 -0.542  1.00 33.04 ? 125 ARG A CG  1 
ATOM   958  C CD  . ARG A 1 125 ? -1.587  -13.577 -0.139  1.00 33.95 ? 125 ARG A CD  1 
ATOM   959  N NE  . ARG A 1 125 ? -2.008  -14.382 -1.275  1.00 34.26 ? 125 ARG A NE  1 
ATOM   960  C CZ  . ARG A 1 125 ? -2.693  -15.511 -1.181  1.00 34.52 ? 125 ARG A CZ  1 
ATOM   961  N NH1 . ARG A 1 125 ? -3.066  -15.965 0.014   1.00 34.42 ? 125 ARG A NH1 1 
ATOM   962  N NH2 . ARG A 1 125 ? -3.017  -16.181 -2.286  1.00 33.51 ? 125 ARG A NH2 1 
ATOM   963  N N   . GLN A 1 126 ? 2.748   -13.836 -3.512  1.00 35.71 ? 126 GLN A N   1 
ATOM   964  C CA  . GLN A 1 126 ? 3.770   -14.714 -4.076  1.00 36.95 ? 126 GLN A CA  1 
ATOM   965  C C   . GLN A 1 126 ? 5.014   -13.914 -4.454  1.00 37.47 ? 126 GLN A C   1 
ATOM   966  O O   . GLN A 1 126 ? 6.011   -14.487 -4.920  1.00 38.15 ? 126 GLN A O   1 
ATOM   967  C CB  . GLN A 1 126 ? 3.233   -15.443 -5.315  1.00 36.80 ? 126 GLN A CB  1 
ATOM   968  C CG  . GLN A 1 126 ? 2.924   -16.927 -5.092  1.00 38.25 ? 126 GLN A CG  1 
ATOM   969  C CD  . GLN A 1 126 ? 2.338   -17.491 -6.174  0.00 61.92 ? 126 GLN A CD  1 
ATOM   970  O OE1 . GLN A 1 126 ? 1.772   -18.530 -5.851  0.00 60.50 ? 126 GLN A OE1 1 
ATOM   971  N NE2 . GLN A 1 126 ? 2.316   -17.015 -7.378  0.00 67.23 ? 126 GLN A NE2 1 
ATOM   972  N N   . GLY A 1 127 ? 4.949   -12.597 -4.279  1.00 37.41 ? 127 GLY A N   1 
ATOM   973  C CA  . GLY A 1 127 ? 6.066   -11.735 -4.617  1.00 37.66 ? 127 GLY A CA  1 
ATOM   974  C C   . GLY A 1 127 ? 5.968   -11.211 -6.029  1.00 37.88 ? 127 GLY A C   1 
ATOM   975  O O   . GLY A 1 127 ? 4.887   -11.165 -6.602  1.00 38.01 ? 127 GLY A O   1 
ATOM   976  N N   . LEU A 1 128 ? 7.104   -10.844 -6.609  1.00 38.47 ? 128 LEU A N   1 
ATOM   977  C CA  . LEU A 1 128 ? 7.085   -10.052 -7.838  1.00 38.76 ? 128 LEU A CA  1 
ATOM   978  C C   . LEU A 1 128 ? 7.227   -10.775 -9.186  1.00 38.75 ? 128 LEU A C   1 
ATOM   979  O O   . LEU A 1 128 ? 6.663   -10.324 -10.191 1.00 39.28 ? 128 LEU A O   1 
ATOM   980  C CB  . LEU A 1 128 ? 8.064   -8.872  -7.740  1.00 38.82 ? 128 LEU A CB  1 
ATOM   981  C CG  . LEU A 1 128 ? 7.504   -7.696  -6.928  1.00 38.62 ? 128 LEU A CG  1 
ATOM   982  C CD1 . LEU A 1 128 ? 8.486   -6.553  -6.977  1.00 38.49 ? 128 LEU A CD1 1 
ATOM   983  C CD2 . LEU A 1 128 ? 6.104   -7.266  -7.401  1.00 35.55 ? 128 LEU A CD2 1 
ATOM   984  N N   . ASP A 1 129 ? 7.943   -11.884 -9.248  1.00 38.13 ? 129 ASP A N   1 
ATOM   985  C CA  . ASP A 1 129 ? 7.994   -12.568 -10.544 1.00 38.08 ? 129 ASP A CA  1 
ATOM   986  C C   . ASP A 1 129 ? 7.062   -13.756 -10.525 1.00 37.27 ? 129 ASP A C   1 
ATOM   987  O O   . ASP A 1 129 ? 7.485   -14.925 -10.515 1.00 38.05 ? 129 ASP A O   1 
ATOM   988  C CB  . ASP A 1 129 ? 9.433   -12.891 -10.966 1.00 38.43 ? 129 ASP A CB  1 
ATOM   989  C CG  . ASP A 1 129 ? 10.333  -11.663 -10.904 1.00 39.90 ? 129 ASP A CG  1 
ATOM   990  O OD1 . ASP A 1 129 ? 10.163  -10.743 -11.748 1.00 40.96 ? 129 ASP A OD1 1 
ATOM   991  O OD2 . ASP A 1 129 ? 11.202  -11.514 -10.015 1.00 41.38 ? 129 ASP A OD2 1 
ATOM   992  N N   . SER A 1 130 ? 5.778   -13.419 -10.485 1.00 35.48 ? 130 SER A N   1 
ATOM   993  C CA  . SER A 1 130 ? 4.717   -14.367 -10.194 1.00 34.13 ? 130 SER A CA  1 
ATOM   994  C C   . SER A 1 130 ? 3.576   -14.208 -11.179 1.00 33.40 ? 130 SER A C   1 
ATOM   995  O O   . SER A 1 130 ? 3.493   -13.214 -11.898 1.00 33.11 ? 130 SER A O   1 
ATOM   996  C CB  . SER A 1 130 ? 4.205   -14.204 -8.749  1.00 33.89 ? 130 SER A CB  1 
ATOM   997  O OG  . SER A 1 130 ? 3.592   -12.941 -8.530  1.00 32.53 ? 130 SER A OG  1 
ATOM   998  N N   . ASP A 1 131 ? 2.692   -15.191 -11.190 1.00 32.43 ? 131 ASP A N   1 
ATOM   999  C CA  . ASP A 1 131 ? 1.557   -15.156 -12.077 1.00 32.22 ? 131 ASP A CA  1 
ATOM   1000 C C   . ASP A 1 131 ? 0.548   -14.128 -11.640 1.00 31.62 ? 131 ASP A C   1 
ATOM   1001 O O   . ASP A 1 131 ? -0.082  -13.490 -12.488 1.00 31.60 ? 131 ASP A O   1 
ATOM   1002 C CB  . ASP A 1 131 ? 0.928   -16.541 -12.188 1.00 32.58 ? 131 ASP A CB  1 
ATOM   1003 C CG  . ASP A 1 131 ? 1.784   -17.499 -13.009 1.00 33.87 ? 131 ASP A CG  1 
ATOM   1004 O OD1 . ASP A 1 131 ? 2.779   -17.070 -13.642 1.00 33.74 ? 131 ASP A OD1 1 
ATOM   1005 O OD2 . ASP A 1 131 ? 1.534   -18.712 -13.068 1.00 37.41 ? 131 ASP A OD2 1 
ATOM   1006 N N   . ALA A 1 132 ? 0.417   -13.969 -10.319 1.00 31.12 ? 132 ALA A N   1 
ATOM   1007 C CA  . ALA A 1 132 ? -0.459  -12.977 -9.701  1.00 30.67 ? 132 ALA A CA  1 
ATOM   1008 C C   . ALA A 1 132 ? -0.065  -11.551 -10.093 1.00 30.65 ? 132 ALA A C   1 
ATOM   1009 O O   . ALA A 1 132 ? -0.933  -10.742 -10.362 1.00 30.70 ? 132 ALA A O   1 
ATOM   1010 C CB  . ALA A 1 132 ? -0.480  -13.141 -8.183  1.00 30.52 ? 132 ALA A CB  1 
ATOM   1011 N N   . GLU A 1 133 ? 1.234   -11.256 -10.137 1.00 30.60 ? 133 GLU A N   1 
ATOM   1012 C CA  . GLU A 1 133 ? 1.712   -9.959  -10.589 1.00 30.85 ? 133 GLU A CA  1 
ATOM   1013 C C   . GLU A 1 133 ? 1.269   -9.737  -12.014 1.00 30.57 ? 133 GLU A C   1 
ATOM   1014 O O   . GLU A 1 133 ? 0.736   -8.675  -12.344 1.00 30.79 ? 133 GLU A O   1 
ATOM   1015 C CB  . GLU A 1 133 ? 3.243   -9.854  -10.504 1.00 31.44 ? 133 GLU A CB  1 
ATOM   1016 C CG  . GLU A 1 133 ? 3.716   -8.437  -10.207 1.00 33.16 ? 133 GLU A CG  1 
ATOM   1017 C CD  . GLU A 1 133 ? 4.895   -7.972  -11.051 1.00 36.06 ? 133 GLU A CD  1 
ATOM   1018 O OE1 . GLU A 1 133 ? 5.984   -8.575  -10.961 1.00 37.33 ? 133 GLU A OE1 1 
ATOM   1019 O OE2 . GLU A 1 133 ? 4.753   -6.966  -11.781 1.00 37.03 ? 133 GLU A OE2 1 
ATOM   1020 N N   . LYS A 1 134 ? 1.467   -10.765 -12.840 1.00 30.27 ? 134 LYS A N   1 
ATOM   1021 C CA  . LYS A 1 134 ? 1.141   -10.747 -14.265 1.00 29.83 ? 134 LYS A CA  1 
ATOM   1022 C C   . LYS A 1 134 ? -0.344  -10.504 -14.509 1.00 29.53 ? 134 LYS A C   1 
ATOM   1023 O O   . LYS A 1 134 ? -0.715  -9.626  -15.296 1.00 29.77 ? 134 LYS A O   1 
ATOM   1024 C CB  . LYS A 1 134 ? 1.580   -12.057 -14.925 1.00 30.00 ? 134 LYS A CB  1 
ATOM   1025 C CG  . LYS A 1 134 ? 3.073   -12.306 -14.878 1.00 29.93 ? 134 LYS A CG  1 
ATOM   1026 C CD  . LYS A 1 134 ? 3.552   -12.924 -16.170 1.00 30.68 ? 134 LYS A CD  1 
ATOM   1027 C CE  . LYS A 1 134 ? 4.624   -13.981 -15.939 1.00 31.65 ? 134 LYS A CE  1 
ATOM   1028 N NZ  . LYS A 1 134 ? 5.732   -13.458 -15.101 1.00 32.99 ? 134 LYS A NZ  1 
ATOM   1029 N N   . GLU A 1 135 ? -1.184  -11.267 -13.816 1.00 29.06 ? 135 GLU A N   1 
ATOM   1030 C CA  . GLU A 1 135 ? -2.625  -11.114 -13.915 1.00 29.05 ? 135 GLU A CA  1 
ATOM   1031 C C   . GLU A 1 135 ? -3.040  -9.719  -13.495 1.00 28.56 ? 135 GLU A C   1 
ATOM   1032 O O   . GLU A 1 135 ? -3.767  -9.036  -14.224 1.00 28.88 ? 135 GLU A O   1 
ATOM   1033 C CB  . GLU A 1 135 ? -3.352  -12.143 -13.051 1.00 29.79 ? 135 GLU A CB  1 
ATOM   1034 C CG  . GLU A 1 135 ? -3.093  -13.592 -13.438 1.00 31.81 ? 135 GLU A CG  1 
ATOM   1035 C CD  . GLU A 1 135 ? -3.511  -13.935 -14.865 1.00 34.25 ? 135 GLU A CD  1 
ATOM   1036 O OE1 . GLU A 1 135 ? -4.215  -13.136 -15.530 1.00 33.77 ? 135 GLU A OE1 1 
ATOM   1037 O OE2 . GLU A 1 135 ? -3.130  -15.031 -15.318 1.00 35.07 ? 135 GLU A OE2 1 
ATOM   1038 N N   . MET A 1 136 ? -2.557  -9.291  -12.333 1.00 27.68 ? 136 MET A N   1 
ATOM   1039 C CA  . MET A 1 136 ? -2.917  -8.000  -11.777 1.00 26.64 ? 136 MET A CA  1 
ATOM   1040 C C   . MET A 1 136 ? -2.333  -6.833  -12.562 1.00 26.60 ? 136 MET A C   1 
ATOM   1041 O O   . MET A 1 136 ? -2.959  -5.770  -12.644 1.00 26.18 ? 136 MET A O   1 
ATOM   1042 C CB  . MET A 1 136 ? -2.532  -7.933  -10.311 1.00 26.74 ? 136 MET A CB  1 
ATOM   1043 C CG  . MET A 1 136 ? -3.311  -8.923  -9.480  1.00 25.22 ? 136 MET A CG  1 
ATOM   1044 S SD  . MET A 1 136 ? -3.306  -8.497  -7.771  1.00 26.66 ? 136 MET A SD  1 
ATOM   1045 C CE  . MET A 1 136 ? -1.806  -9.317  -7.275  1.00 23.31 ? 136 MET A CE  1 
ATOM   1046 N N   . LYS A 1 137 ? -1.156  -7.023  -13.159 1.00 26.26 ? 137 LYS A N   1 
ATOM   1047 C CA  . LYS A 1 137 ? -0.647  -6.004  -14.068 1.00 26.00 ? 137 LYS A CA  1 
ATOM   1048 C C   . LYS A 1 137 ? -1.642  -5.808  -15.187 1.00 25.56 ? 137 LYS A C   1 
ATOM   1049 O O   . LYS A 1 137 ? -1.975  -4.672  -15.514 1.00 26.14 ? 137 LYS A O   1 
ATOM   1050 C CB  . LYS A 1 137 ? 0.734   -6.344  -14.640 1.00 26.58 ? 137 LYS A CB  1 
ATOM   1051 C CG  . LYS A 1 137 ? 1.409   -5.142  -15.316 1.00 26.12 ? 137 LYS A CG  1 
ATOM   1052 C CD  . LYS A 1 137 ? 2.656   -5.532  -16.044 1.00 26.08 ? 137 LYS A CD  1 
ATOM   1053 C CE  . LYS A 1 137 ? 3.592   -4.342  -16.250 1.00 28.36 ? 137 LYS A CE  1 
ATOM   1054 N NZ  . LYS A 1 137 ? 2.999   -3.253  -17.080 1.00 27.54 ? 137 LYS A NZ  1 
ATOM   1055 N N   . ALA A 1 138 ? -2.135  -6.914  -15.751 1.00 24.80 ? 138 ALA A N   1 
ATOM   1056 C CA  . ALA A 1 138 ? -3.114  -6.852  -16.834 1.00 24.10 ? 138 ALA A CA  1 
ATOM   1057 C C   . ALA A 1 138 ? -4.391  -6.119  -16.410 1.00 23.70 ? 138 ALA A C   1 
ATOM   1058 O O   . ALA A 1 138 ? -4.849  -5.238  -17.120 1.00 23.72 ? 138 ALA A O   1 
ATOM   1059 C CB  . ALA A 1 138 ? -3.435  -8.264  -17.378 1.00 23.93 ? 138 ALA A CB  1 
ATOM   1060 N N   . ILE A 1 139 ? -4.949  -6.488  -15.253 1.00 23.39 ? 139 ILE A N   1 
ATOM   1061 C CA  . ILE A 1 139 ? -6.141  -5.837  -14.706 1.00 23.31 ? 139 ILE A CA  1 
ATOM   1062 C C   . ILE A 1 139 ? -5.941  -4.339  -14.538 1.00 24.14 ? 139 ILE A C   1 
ATOM   1063 O O   . ILE A 1 139 ? -6.755  -3.562  -15.000 1.00 24.44 ? 139 ILE A O   1 
ATOM   1064 C CB  . ILE A 1 139 ? -6.573  -6.469  -13.367 1.00 22.93 ? 139 ILE A CB  1 
ATOM   1065 C CG1 . ILE A 1 139 ? -7.184  -7.855  -13.593 1.00 21.44 ? 139 ILE A CG1 1 
ATOM   1066 C CG2 . ILE A 1 139 ? -7.567  -5.579  -12.655 1.00 22.01 ? 139 ILE A CG2 1 
ATOM   1067 C CD1 . ILE A 1 139 ? -7.029  -8.738  -12.433 1.00 19.10 ? 139 ILE A CD1 1 
ATOM   1068 N N   . TRP A 1 140 ? -4.849  -3.940  -13.894 1.00 24.82 ? 140 TRP A N   1 
ATOM   1069 C CA  . TRP A 1 140 ? -4.565  -2.531  -13.688 1.00 25.14 ? 140 TRP A CA  1 
ATOM   1070 C C   . TRP A 1 140 ? -4.266  -1.788  -15.004 1.00 25.81 ? 140 TRP A C   1 
ATOM   1071 O O   . TRP A 1 140 ? -4.242  -0.566  -15.047 1.00 25.82 ? 140 TRP A O   1 
ATOM   1072 C CB  . TRP A 1 140 ? -3.441  -2.368  -12.662 1.00 24.63 ? 140 TRP A CB  1 
ATOM   1073 C CG  . TRP A 1 140 ? -3.926  -2.141  -11.240 1.00 23.35 ? 140 TRP A CG  1 
ATOM   1074 C CD1 . TRP A 1 140 ? -3.933  -0.958  -10.567 1.00 22.65 ? 140 TRP A CD1 1 
ATOM   1075 C CD2 . TRP A 1 140 ? -4.446  -3.123  -10.318 1.00 22.03 ? 140 TRP A CD2 1 
ATOM   1076 N NE1 . TRP A 1 140 ? -4.423  -1.130  -9.294  1.00 21.56 ? 140 TRP A NE1 1 
ATOM   1077 C CE2 . TRP A 1 140 ? -4.748  -2.447  -9.112  1.00 21.37 ? 140 TRP A CE2 1 
ATOM   1078 C CE3 . TRP A 1 140 ? -4.686  -4.507  -10.387 1.00 20.62 ? 140 TRP A CE3 1 
ATOM   1079 C CZ2 . TRP A 1 140 ? -5.274  -3.101  -7.988  1.00 19.48 ? 140 TRP A CZ2 1 
ATOM   1080 C CZ3 . TRP A 1 140 ? -5.216  -5.155  -9.277  1.00 20.50 ? 140 TRP A CZ3 1 
ATOM   1081 C CH2 . TRP A 1 140 ? -5.497  -4.448  -8.088  1.00 20.02 ? 140 TRP A CH2 1 
ATOM   1082 N N   . CYS A 1 141 ? -4.071  -2.529  -16.084 1.00 27.09 ? 141 CYS A N   1 
ATOM   1083 C CA  . CYS A 1 141 ? -3.853  -1.919  -17.402 1.00 28.02 ? 141 CYS A CA  1 
ATOM   1084 C C   . CYS A 1 141 ? -5.109  -1.800  -18.276 1.00 28.18 ? 141 CYS A C   1 
ATOM   1085 O O   . CYS A 1 141 ? -5.062  -1.231  -19.368 1.00 28.75 ? 141 CYS A O   1 
ATOM   1086 C CB  . CYS A 1 141 ? -2.757  -2.681  -18.138 1.00 28.26 ? 141 CYS A CB  1 
ATOM   1087 S SG  . CYS A 1 141 ? -1.118  -2.211  -17.567 1.00 30.71 ? 141 CYS A SG  1 
ATOM   1088 N N   . ALA A 1 142 ? -6.226  -2.338  -17.801 1.00 28.29 ? 142 ALA A N   1 
ATOM   1089 C CA  . ALA A 1 142 ? -7.496  -2.257  -18.520 1.00 28.58 ? 142 ALA A CA  1 
ATOM   1090 C C   . ALA A 1 142 ? -7.992  -0.820  -18.693 1.00 28.73 ? 142 ALA A C   1 
ATOM   1091 O O   . ALA A 1 142 ? -7.688  0.048   -17.882 1.00 28.67 ? 142 ALA A O   1 
ATOM   1092 C CB  . ALA A 1 142 ? -8.562  -3.100  -17.827 1.00 27.77 ? 142 ALA A CB  1 
ATOM   1093 N N   . LYS A 1 143 ? -8.749  -0.595  -19.767 1.00 29.49 ? 143 LYS A N   1 
ATOM   1094 C CA  . LYS A 1 143 ? -9.474  0.658   -19.993 1.00 30.14 ? 143 LYS A CA  1 
ATOM   1095 C C   . LYS A 1 143 ? -10.441 0.922   -18.836 1.00 30.11 ? 143 LYS A C   1 
ATOM   1096 O O   . LYS A 1 143 ? -10.515 2.037   -18.305 1.00 30.64 ? 143 LYS A O   1 
ATOM   1097 C CB  . LYS A 1 143 ? -10.231 0.609   -21.330 1.00 30.23 ? 143 LYS A CB  1 
ATOM   1098 C CG  . LYS A 1 143 ? -9.251  0.059   -22.491 0.00 55.42 ? 143 LYS A CG  1 
ATOM   1099 C CD  . LYS A 1 143 ? -9.337  0.862   -23.802 0.00 59.71 ? 143 LYS A CD  1 
ATOM   1100 C CE  . LYS A 1 143 ? -7.993  1.465   -24.234 0.00 62.80 ? 143 LYS A CE  1 
ATOM   1101 N NZ  . LYS A 1 143 ? -8.061  2.175   -25.494 0.00 63.80 ? 143 LYS A NZ  1 
ATOM   1102 N N   . ASP A 1 144 ? -11.170 -0.120  -18.452 1.00 29.77 ? 144 ASP A N   1 
ATOM   1103 C CA  . ASP A 1 144 ? -12.013 -0.098  -17.268 1.00 29.13 ? 144 ASP A CA  1 
ATOM   1104 C C   . ASP A 1 144 ? -11.468 -1.103  -16.250 1.00 28.56 ? 144 ASP A C   1 
ATOM   1105 O O   . ASP A 1 144 ? -11.705 -2.313  -16.358 1.00 28.50 ? 144 ASP A O   1 
ATOM   1106 C CB  . ASP A 1 144 ? -13.449 -0.435  -17.663 1.00 29.13 ? 144 ASP A CB  1 
ATOM   1107 C CG  . ASP A 1 144 ? -14.440 -0.154  -16.567 1.00 29.51 ? 144 ASP A CG  1 
ATOM   1108 O OD1 . ASP A 1 144 ? -14.026 0.149   -15.429 1.00 29.41 ? 144 ASP A OD1 1 
ATOM   1109 O OD2 . ASP A 1 144 ? -15.671 -0.231  -16.761 1.00 31.89 ? 144 ASP A OD2 1 
ATOM   1110 N N   . LYS A 1 145 ? -10.733 -0.596  -15.265 1.00 27.97 ? 145 LYS A N   1 
ATOM   1111 C CA  . LYS A 1 145 ? -10.044 -1.452  -14.297 1.00 27.50 ? 145 LYS A CA  1 
ATOM   1112 C C   . LYS A 1 145 ? -11.040 -2.160  -13.397 1.00 26.96 ? 145 LYS A C   1 
ATOM   1113 O O   . LYS A 1 145 ? -10.820 -3.305  -13.015 1.00 26.48 ? 145 LYS A O   1 
ATOM   1114 C CB  . LYS A 1 145 ? -9.114  -0.622  -13.424 1.00 27.76 ? 145 LYS A CB  1 
ATOM   1115 C CG  . LYS A 1 145 ? -7.810  -0.270  -14.052 1.00 28.43 ? 145 LYS A CG  1 
ATOM   1116 C CD  . LYS A 1 145 ? -6.930  0.369   -13.026 1.00 30.39 ? 145 LYS A CD  1 
ATOM   1117 C CE  . LYS A 1 145 ? -7.467  1.739   -12.620 1.00 32.70 ? 145 LYS A CE  1 
ATOM   1118 N NZ  . LYS A 1 145 ? -6.332  2.682   -12.484 1.00 34.00 ? 145 LYS A NZ  1 
ATOM   1119 N N   . ASN A 1 146 ? -12.113 -1.444  -13.058 1.00 26.28 ? 146 ASN A N   1 
ATOM   1120 C CA  . ASN A 1 146 ? -13.216 -1.953  -12.259 1.00 26.03 ? 146 ASN A CA  1 
ATOM   1121 C C   . ASN A 1 146 ? -13.859 -3.199  -12.872 1.00 26.03 ? 146 ASN A C   1 
ATOM   1122 O O   . ASN A 1 146 ? -14.061 -4.194  -12.179 1.00 26.26 ? 146 ASN A O   1 
ATOM   1123 C CB  . ASN A 1 146 ? -14.271 -0.853  -12.030 1.00 25.81 ? 146 ASN A CB  1 
ATOM   1124 C CG  . ASN A 1 146 ? -13.772 0.265   -11.115 1.00 25.58 ? 146 ASN A CG  1 
ATOM   1125 O OD1 . ASN A 1 146 ? -12.889 1.042   -11.483 1.00 26.39 ? 146 ASN A OD1 1 
ATOM   1126 N ND2 . ASN A 1 146 ? -14.333 0.346   -9.926  1.00 24.08 ? 146 ASN A ND2 1 
ATOM   1127 N N   . LYS A 1 147 ? -14.158 -3.142  -14.166 1.00 25.94 ? 147 LYS A N   1 
ATOM   1128 C CA  . LYS A 1 147 ? -14.727 -4.269  -14.905 1.00 25.99 ? 147 LYS A CA  1 
ATOM   1129 C C   . LYS A 1 147 ? -13.759 -5.448  -14.989 1.00 25.10 ? 147 LYS A C   1 
ATOM   1130 O O   . LYS A 1 147 ? -14.126 -6.568  -14.688 1.00 24.85 ? 147 LYS A O   1 
ATOM   1131 C CB  . LYS A 1 147 ? -15.206 -3.816  -16.303 1.00 26.47 ? 147 LYS A CB  1 
ATOM   1132 C CG  . LYS A 1 147 ? -15.566 -4.947  -17.266 1.00 29.45 ? 147 LYS A CG  1 
ATOM   1133 C CD  . LYS A 1 147 ? -17.061 -5.030  -17.577 1.00 34.60 ? 147 LYS A CD  1 
ATOM   1134 C CE  . LYS A 1 147 ? -17.815 -5.942  -16.575 1.00 36.32 ? 147 LYS A CE  1 
ATOM   1135 N NZ  . LYS A 1 147 ? -19.294 -5.944  -16.594 0.00 51.61 ? 147 LYS A NZ  1 
ATOM   1136 N N   . ALA A 1 148 ? -12.521 -5.185  -15.386 1.00 24.92 ? 148 ALA A N   1 
ATOM   1137 C CA  . ALA A 1 148 ? -11.482 -6.219  -15.422 1.00 24.66 ? 148 ALA A CA  1 
ATOM   1138 C C   . ALA A 1 148 ? -11.315 -6.924  -14.074 1.00 24.66 ? 148 ALA A C   1 
ATOM   1139 O O   . ALA A 1 148 ? -11.315 -8.154  -14.007 1.00 25.55 ? 148 ALA A O   1 
ATOM   1140 C CB  . ALA A 1 148 ? -10.157 -5.631  -15.881 1.00 24.72 ? 148 ALA A CB  1 
ATOM   1141 N N   . PHE A 1 149 ? -11.177 -6.152  -13.000 1.00 24.06 ? 149 PHE A N   1 
ATOM   1142 C CA  . PHE A 1 149 ? -11.083 -6.724  -11.661 1.00 23.31 ? 149 PHE A CA  1 
ATOM   1143 C C   . PHE A 1 149 ? -12.318 -7.568  -11.310 1.00 23.44 ? 149 PHE A C   1 
ATOM   1144 O O   . PHE A 1 149 ? -12.175 -8.654  -10.773 1.00 23.29 ? 149 PHE A O   1 
ATOM   1145 C CB  . PHE A 1 149 ? -10.858 -5.627  -10.612 1.00 22.74 ? 149 PHE A CB  1 
ATOM   1146 C CG  . PHE A 1 149 ? -10.411 -6.154  -9.289  1.00 21.18 ? 149 PHE A CG  1 
ATOM   1147 C CD1 . PHE A 1 149 ? -9.061  -6.370  -9.033  1.00 19.70 ? 149 PHE A CD1 1 
ATOM   1148 C CD2 . PHE A 1 149 ? -11.340 -6.465  -8.303  1.00 20.03 ? 149 PHE A CD2 1 
ATOM   1149 C CE1 . PHE A 1 149 ? -8.641  -6.880  -7.815  1.00 18.51 ? 149 PHE A CE1 1 
ATOM   1150 C CE2 . PHE A 1 149 ? -10.931 -6.974  -7.086  1.00 19.10 ? 149 PHE A CE2 1 
ATOM   1151 C CZ  . PHE A 1 149 ? -9.573  -7.184  -6.844  1.00 20.26 ? 149 PHE A CZ  1 
ATOM   1152 N N   . ASP A 1 150 ? -13.519 -7.064  -11.610 1.00 23.69 ? 150 ASP A N   1 
ATOM   1153 C CA  . ASP A 1 150 ? -14.759 -7.783  -11.300 1.00 23.99 ? 150 ASP A CA  1 
ATOM   1154 C C   . ASP A 1 150 ? -14.831 -9.084  -12.070 1.00 24.10 ? 150 ASP A C   1 
ATOM   1155 O O   . ASP A 1 150 ? -15.183 -10.120 -11.521 1.00 23.93 ? 150 ASP A O   1 
ATOM   1156 C CB  . ASP A 1 150 ? -15.994 -6.946  -11.633 1.00 23.82 ? 150 ASP A CB  1 
ATOM   1157 C CG  . ASP A 1 150 ? -16.196 -5.789  -10.678 1.00 25.63 ? 150 ASP A CG  1 
ATOM   1158 O OD1 . ASP A 1 150 ? -15.525 -5.753  -9.614  1.00 27.07 ? 150 ASP A OD1 1 
ATOM   1159 O OD2 . ASP A 1 150 ? -16.994 -4.853  -10.925 1.00 25.75 ? 150 ASP A OD2 1 
ATOM   1160 N N   . ASP A 1 151 ? -14.502 -9.008  -13.353 1.00 24.70 ? 151 ASP A N   1 
ATOM   1161 C CA  . ASP A 1 151 ? -14.566 -10.150 -14.246 1.00 25.59 ? 151 ASP A CA  1 
ATOM   1162 C C   . ASP A 1 151 ? -13.591 -11.247 -13.800 1.00 25.68 ? 151 ASP A C   1 
ATOM   1163 O O   . ASP A 1 151 ? -14.002 -12.383 -13.580 1.00 25.89 ? 151 ASP A O   1 
ATOM   1164 C CB  . ASP A 1 151 ? -14.314 -9.703  -15.695 1.00 25.76 ? 151 ASP A CB  1 
ATOM   1165 C CG  . ASP A 1 151 ? -15.539 -9.019  -16.329 1.00 27.43 ? 151 ASP A CG  1 
ATOM   1166 O OD1 . ASP A 1 151 ? -16.647 -9.065  -15.736 1.00 28.72 ? 151 ASP A OD1 1 
ATOM   1167 O OD2 . ASP A 1 151 ? -15.495 -8.410  -17.425 1.00 29.01 ? 151 ASP A OD2 1 
ATOM   1168 N N   . VAL A 1 152 ? -12.320 -10.889 -13.627 1.00 25.35 ? 152 VAL A N   1 
ATOM   1169 C CA  . VAL A 1 152 ? -11.313 -11.832 -13.180 1.00 25.49 ? 152 VAL A CA  1 
ATOM   1170 C C   . VAL A 1 152 ? -11.671 -12.465 -11.820 1.00 26.32 ? 152 VAL A C   1 
ATOM   1171 O O   . VAL A 1 152 ? -11.528 -13.681 -11.639 1.00 26.61 ? 152 VAL A O   1 
ATOM   1172 C CB  . VAL A 1 152 ? -9.890  -11.196 -13.186 1.00 25.63 ? 152 VAL A CB  1 
ATOM   1173 C CG1 . VAL A 1 152 ? -8.820  -12.226 -12.800 1.00 24.50 ? 152 VAL A CG1 1 
ATOM   1174 C CG2 . VAL A 1 152 ? -9.582  -10.586 -14.552 1.00 23.47 ? 152 VAL A CG2 1 
ATOM   1175 N N   . MET A 1 153 ? -12.159 -11.655 -10.880 1.00 26.82 ? 153 MET A N   1 
ATOM   1176 C CA  . MET A 1 153 ? -12.600 -12.160 -9.571  1.00 27.18 ? 153 MET A CA  1 
ATOM   1177 C C   . MET A 1 153 ? -13.777 -13.130 -9.667  1.00 27.53 ? 153 MET A C   1 
ATOM   1178 O O   . MET A 1 153 ? -13.898 -14.048 -8.833  1.00 27.47 ? 153 MET A O   1 
ATOM   1179 C CB  . MET A 1 153 ? -12.950 -11.008 -8.632  1.00 26.95 ? 153 MET A CB  1 
ATOM   1180 C CG  . MET A 1 153 ? -11.744 -10.272 -8.109  1.00 28.59 ? 153 MET A CG  1 
ATOM   1181 S SD  . MET A 1 153 ? -10.753 -11.256 -6.961  1.00 31.36 ? 153 MET A SD  1 
ATOM   1182 C CE  . MET A 1 153 ? -11.241 -10.609 -5.421  1.00 28.25 ? 153 MET A CE  1 
ATOM   1183 N N   . ALA A 1 154 ? -14.625 -12.923 -10.687 1.00 28.00 ? 154 ALA A N   1 
ATOM   1184 C CA  . ALA A 1 154 ? -15.811 -13.754 -10.947 1.00 28.43 ? 154 ALA A CA  1 
ATOM   1185 C C   . ALA A 1 154 ? -15.519 -15.025 -11.748 1.00 28.97 ? 154 ALA A C   1 
ATOM   1186 O O   . ALA A 1 154 ? -16.409 -15.837 -11.954 1.00 29.48 ? 154 ALA A O   1 
ATOM   1187 C CB  . ALA A 1 154 ? -16.917 -12.933 -11.635 1.00 27.74 ? 154 ALA A CB  1 
ATOM   1188 N N   . GLY A 1 155 ? -14.284 -15.198 -12.201 1.00 29.78 ? 155 GLY A N   1 
ATOM   1189 C CA  . GLY A 1 155 ? -13.889 -16.393 -12.926 1.00 30.97 ? 155 GLY A CA  1 
ATOM   1190 C C   . GLY A 1 155 ? -13.896 -16.241 -14.438 1.00 32.33 ? 155 GLY A C   1 
ATOM   1191 O O   . GLY A 1 155 ? -13.594 -17.184 -15.169 1.00 32.24 ? 155 GLY A O   1 
ATOM   1192 N N   . LYS A 1 156 ? -14.249 -15.048 -14.912 1.00 33.51 ? 156 LYS A N   1 
ATOM   1193 C CA  . LYS A 1 156 ? -14.348 -14.776 -16.336 1.00 34.48 ? 156 LYS A CA  1 
ATOM   1194 C C   . LYS A 1 156 ? -12.963 -14.581 -16.930 1.00 34.78 ? 156 LYS A C   1 
ATOM   1195 O O   . LYS A 1 156 ? -12.069 -14.069 -16.270 1.00 35.35 ? 156 LYS A O   1 
ATOM   1196 C CB  . LYS A 1 156 ? -15.237 -13.560 -16.583 1.00 34.41 ? 156 LYS A CB  1 
ATOM   1197 C CG  . LYS A 1 156 ? -16.576 -13.673 -15.892 1.00 35.78 ? 156 LYS A CG  1 
ATOM   1198 C CD  . LYS A 1 156 ? -17.677 -13.046 -16.707 1.00 38.02 ? 156 LYS A CD  1 
ATOM   1199 C CE  . LYS A 1 156 ? -18.845 -12.677 -15.816 1.00 39.19 ? 156 LYS A CE  1 
ATOM   1200 N NZ  . LYS A 1 156 ? -18.705 -11.299 -15.282 1.00 40.75 ? 156 LYS A NZ  1 
ATOM   1201 N N   . SER A 1 157 ? -12.787 -15.032 -18.161 1.00 35.27 ? 157 SER A N   1 
ATOM   1202 C CA  . SER A 1 157 ? -11.532 -14.874 -18.864 1.00 36.17 ? 157 SER A CA  1 
ATOM   1203 C C   . SER A 1 157 ? -11.463 -13.466 -19.461 1.00 36.18 ? 157 SER A C   1 
ATOM   1204 O O   . SER A 1 157 ? -12.439 -12.971 -20.060 1.00 36.58 ? 157 SER A O   1 
ATOM   1205 C CB  . SER A 1 157 ? -11.404 -15.939 -19.952 1.00 36.57 ? 157 SER A CB  1 
ATOM   1206 O OG  . SER A 1 157 ? -10.784 -15.403 -21.109 1.00 38.89 ? 157 SER A OG  1 
ATOM   1207 N N   . VAL A 1 158 ? -10.323 -12.807 -19.269 1.00 35.72 ? 158 VAL A N   1 
ATOM   1208 C CA  . VAL A 1 158 ? -10.158 -11.420 -19.701 1.00 35.13 ? 158 VAL A CA  1 
ATOM   1209 C C   . VAL A 1 158 ? -8.813  -11.295 -20.387 1.00 34.62 ? 158 VAL A C   1 
ATOM   1210 O O   . VAL A 1 158 ? -7.786  -11.477 -19.751 1.00 34.48 ? 158 VAL A O   1 
ATOM   1211 C CB  . VAL A 1 158 ? -10.241 -10.402 -18.510 1.00 35.56 ? 158 VAL A CB  1 
ATOM   1212 C CG1 . VAL A 1 158 ? -10.243 -8.950  -19.015 1.00 35.17 ? 158 VAL A CG1 1 
ATOM   1213 C CG2 . VAL A 1 158 ? -11.462 -10.661 -17.633 1.00 34.78 ? 158 VAL A CG2 1 
ATOM   1214 N N   . ALA A 1 159 ? -8.829  -10.999 -21.687 1.00 34.17 ? 159 ALA A N   1 
ATOM   1215 C CA  . ALA A 1 159 ? -7.605  -10.847 -22.464 1.00 33.51 ? 159 ALA A CA  1 
ATOM   1216 C C   . ALA A 1 159 ? -6.752  -9.727  -21.898 1.00 33.34 ? 159 ALA A C   1 
ATOM   1217 O O   . ALA A 1 159 ? -7.268  -8.669  -21.556 1.00 32.96 ? 159 ALA A O   1 
ATOM   1218 C CB  . ALA A 1 159 ? -7.919  -10.604 -23.923 1.00 33.78 ? 159 ALA A CB  1 
ATOM   1219 N N   . PRO A 1 160 ? -5.444  -9.966  -21.813 1.00 33.57 ? 160 PRO A N   1 
ATOM   1220 C CA  . PRO A 1 160 ? -4.545  -9.122  -21.019 1.00 33.52 ? 160 PRO A CA  1 
ATOM   1221 C C   . PRO A 1 160 ? -4.194  -7.779  -21.648 1.00 33.67 ? 160 PRO A C   1 
ATOM   1222 O O   . PRO A 1 160 ? -3.478  -7.764  -22.652 1.00 33.67 ? 160 PRO A O   1 
ATOM   1223 C CB  . PRO A 1 160 ? -3.294  -9.981  -20.913 1.00 33.57 ? 160 PRO A CB  1 
ATOM   1224 C CG  . PRO A 1 160 ? -3.287  -10.800 -22.193 1.00 33.66 ? 160 PRO A CG  1 
ATOM   1225 C CD  . PRO A 1 160 ? -4.720  -11.069 -22.479 1.00 33.58 ? 160 PRO A CD  1 
ATOM   1226 N N   . ALA A 1 161 ? -4.673  -6.677  -21.062 1.00 33.61 ? 161 ALA A N   1 
ATOM   1227 C CA  . ALA A 1 161 ? -4.237  -5.353  -21.493 1.00 34.00 ? 161 ALA A CA  1 
ATOM   1228 C C   . ALA A 1 161 ? -2.791  -5.105  -21.048 1.00 34.28 ? 161 ALA A C   1 
ATOM   1229 O O   . ALA A 1 161 ? -2.278  -5.774  -20.143 1.00 33.92 ? 161 ALA A O   1 
ATOM   1230 C CB  . ALA A 1 161 ? -5.169  -4.268  -20.974 1.00 34.03 ? 161 ALA A CB  1 
ATOM   1231 N N   . SER A 1 162 ? -2.127  -4.170  -21.717 1.00 34.56 ? 162 SER A N   1 
ATOM   1232 C CA  . SER A 1 162 ? -0.760  -3.802  -21.364 1.00 35.03 ? 162 SER A CA  1 
ATOM   1233 C C   . SER A 1 162 ? -0.645  -2.295  -21.328 1.00 34.94 ? 162 SER A C   1 
ATOM   1234 O O   . SER A 1 162 ? -1.318  -1.606  -22.092 1.00 34.76 ? 162 SER A O   1 
ATOM   1235 C CB  . SER A 1 162 ? 0.236   -4.376  -22.368 1.00 35.28 ? 162 SER A CB  1 
ATOM   1236 O OG  . SER A 1 162 ? -0.371  -4.503  -23.637 1.00 36.44 ? 162 SER A OG  1 
ATOM   1237 N N   . CYS A 1 163 ? 0.202   -1.806  -20.424 1.00 34.91 ? 163 CYS A N   1 
ATOM   1238 C CA  . CYS A 1 163 ? 0.440   -0.386  -20.203 1.00 35.04 ? 163 CYS A CA  1 
ATOM   1239 C C   . CYS A 1 163 ? 1.713   -0.259  -19.379 1.00 35.35 ? 163 CYS A C   1 
ATOM   1240 O O   . CYS A 1 163 ? 2.440   -1.233  -19.222 1.00 35.35 ? 163 CYS A O   1 
ATOM   1241 C CB  . CYS A 1 163 ? -0.751  0.285   -19.498 1.00 35.09 ? 163 CYS A CB  1 
ATOM   1242 S SG  . CYS A 1 163 ? -1.006  -0.172  -17.758 1.00 34.46 ? 163 CYS A SG  1 
ATOM   1243 N N   . ASP A 1 164 ? 1.986   0.930   -18.853 1.00 35.84 ? 164 ASP A N   1 
ATOM   1244 C CA  . ASP A 1 164 ? 3.261   1.192   -18.180 1.00 36.54 ? 164 ASP A CA  1 
ATOM   1245 C C   . ASP A 1 164 ? 3.209   0.963   -16.654 1.00 36.81 ? 164 ASP A C   1 
ATOM   1246 O O   . ASP A 1 164 ? 4.270   0.861   -15.997 1.00 37.70 ? 164 ASP A O   1 
ATOM   1247 C CB  . ASP A 1 164 ? 3.786   2.588   -18.562 1.00 36.86 ? 164 ASP A CB  1 
ATOM   1248 C CG  A ASP A 1 164 ? 4.888   3.092   -17.633 0.50 36.95 ? 164 ASP A CG  1 
ATOM   1249 C CG  B ASP A 1 164 ? 3.502   2.939   -20.025 0.50 37.05 ? 164 ASP A CG  1 
ATOM   1250 O OD1 A ASP A 1 164 ? 6.021   2.562   -17.690 0.50 36.82 ? 164 ASP A OD1 1 
ATOM   1251 O OD1 B ASP A 1 164 ? 4.266   2.495   -20.906 0.50 36.80 ? 164 ASP A OD1 1 
ATOM   1252 O OD2 A ASP A 1 164 ? 4.710   4.024   -16.820 0.50 37.75 ? 164 ASP A OD2 1 
ATOM   1253 O OD2 B ASP A 1 164 ? 2.531   3.642   -20.386 0.50 37.13 ? 164 ASP A OD2 1 
ATOM   1254 N N   . VAL A 1 165 ? 1.992   0.852   -16.109 1.00 36.15 ? 165 VAL A N   1 
ATOM   1255 C CA  . VAL A 1 165 ? 1.765   0.515   -14.697 1.00 35.55 ? 165 VAL A CA  1 
ATOM   1256 C C   . VAL A 1 165 ? 2.668   -0.618  -14.199 1.00 35.26 ? 165 VAL A C   1 
ATOM   1257 O O   . VAL A 1 165 ? 2.870   -1.612  -14.887 1.00 35.22 ? 165 VAL A O   1 
ATOM   1258 C CB  . VAL A 1 165 ? 0.278   0.163   -14.436 1.00 35.64 ? 165 VAL A CB  1 
ATOM   1259 C CG1 . VAL A 1 165 ? 0.073   -0.457  -13.030 1.00 34.98 ? 165 VAL A CG1 1 
ATOM   1260 C CG2 . VAL A 1 165 ? -0.599  1.402   -14.630 1.00 35.43 ? 165 VAL A CG2 1 
ATOM   1261 N N   . ASP A 1 166 ? 3.200   -0.461  -12.995 1.00 34.99 ? 166 ASP A N   1 
ATOM   1262 C CA  . ASP A 1 166 ? 4.158   -1.417  -12.456 1.00 35.10 ? 166 ASP A CA  1 
ATOM   1263 C C   . ASP A 1 166 ? 3.704   -1.885  -11.071 1.00 34.88 ? 166 ASP A C   1 
ATOM   1264 O O   . ASP A 1 166 ? 3.724   -1.119  -10.106 1.00 34.96 ? 166 ASP A O   1 
ATOM   1265 C CB  . ASP A 1 166 ? 5.550   -0.774  -12.400 1.00 35.17 ? 166 ASP A CB  1 
ATOM   1266 C CG  . ASP A 1 166 ? 6.669   -1.780  -12.204 1.00 35.85 ? 166 ASP A CG  1 
ATOM   1267 O OD1 . ASP A 1 166 ? 6.405   -2.978  -12.015 1.00 36.69 ? 166 ASP A OD1 1 
ATOM   1268 O OD2 . ASP A 1 166 ? 7.871   -1.446  -12.214 1.00 38.41 ? 166 ASP A OD2 1 
ATOM   1269 N N   . ILE A 1 167 ? 3.294   -3.146  -10.981 1.00 34.33 ? 167 ILE A N   1 
ATOM   1270 C CA  . ILE A 1 167 ? 2.779   -3.686  -9.730  1.00 33.77 ? 167 ILE A CA  1 
ATOM   1271 C C   . ILE A 1 167 ? 3.870   -3.769  -8.650  1.00 33.26 ? 167 ILE A C   1 
ATOM   1272 O O   . ILE A 1 167 ? 3.575   -3.749  -7.451  1.00 33.43 ? 167 ILE A O   1 
ATOM   1273 C CB  . ILE A 1 167 ? 2.048   -5.043  -9.965  1.00 34.17 ? 167 ILE A CB  1 
ATOM   1274 C CG1 . ILE A 1 167 ? 0.925   -4.901  -11.012 1.00 33.58 ? 167 ILE A CG1 1 
ATOM   1275 C CG2 . ILE A 1 167 ? 1.499   -5.614  -8.661  1.00 33.65 ? 167 ILE A CG2 1 
ATOM   1276 C CD1 . ILE A 1 167 ? -0.051  -3.722  -10.792 1.00 34.14 ? 167 ILE A CD1 1 
ATOM   1277 N N   . ALA A 1 168 ? 5.129   -3.820  -9.069  1.00 32.27 ? 168 ALA A N   1 
ATOM   1278 C CA  . ALA A 1 168 ? 6.239   -3.698  -8.131  1.00 31.39 ? 168 ALA A CA  1 
ATOM   1279 C C   . ALA A 1 168 ? 6.117   -2.485  -7.198  1.00 30.64 ? 168 ALA A C   1 
ATOM   1280 O O   . ALA A 1 168 ? 6.364   -2.606  -6.003  1.00 30.46 ? 168 ALA A O   1 
ATOM   1281 C CB  . ALA A 1 168 ? 7.572   -3.693  -8.863  1.00 31.55 ? 168 ALA A CB  1 
ATOM   1282 N N   . ASP A 1 169 ? 5.735   -1.331  -7.745  1.00 30.11 ? 169 ASP A N   1 
ATOM   1283 C CA  . ASP A 1 169 ? 5.559   -0.108  -6.963  1.00 29.86 ? 169 ASP A CA  1 
ATOM   1284 C C   . ASP A 1 169 ? 4.468   -0.216  -5.885  1.00 29.56 ? 169 ASP A C   1 
ATOM   1285 O O   . ASP A 1 169 ? 4.651   0.296   -4.775  1.00 29.40 ? 169 ASP A O   1 
ATOM   1286 C CB  . ASP A 1 169 ? 5.256   1.080   -7.873  1.00 30.05 ? 169 ASP A CB  1 
ATOM   1287 C CG  . ASP A 1 169 ? 6.396   1.409   -8.832  1.00 31.73 ? 169 ASP A CG  1 
ATOM   1288 O OD1 . ASP A 1 169 ? 7.586   1.100   -8.547  1.00 30.65 ? 169 ASP A OD1 1 
ATOM   1289 O OD2 . ASP A 1 169 ? 6.177   2.005   -9.910  1.00 34.68 ? 169 ASP A OD2 1 
ATOM   1290 N N   . HIS A 1 170 ? 3.350   -0.877  -6.218  1.00 28.79 ? 170 HIS A N   1 
ATOM   1291 C CA  . HIS A 1 170 ? 2.261   -1.129  -5.266  1.00 27.95 ? 170 HIS A CA  1 
ATOM   1292 C C   . HIS A 1 170 ? 2.715   -2.068  -4.176  1.00 27.55 ? 170 HIS A C   1 
ATOM   1293 O O   . HIS A 1 170 ? 2.410   -1.870  -3.006  1.00 26.99 ? 170 HIS A O   1 
ATOM   1294 C CB  . HIS A 1 170 ? 1.066   -1.789  -5.960  1.00 27.50 ? 170 HIS A CB  1 
ATOM   1295 C CG  . HIS A 1 170 ? 0.460   -0.966  -7.040  1.00 26.33 ? 170 HIS A CG  1 
ATOM   1296 N ND1 . HIS A 1 170 ? -0.781  -1.239  -7.562  1.00 24.74 ? 170 HIS A ND1 1 
ATOM   1297 C CD2 . HIS A 1 170 ? 0.915   0.130   -7.693  1.00 25.10 ? 170 HIS A CD2 1 
ATOM   1298 C CE1 . HIS A 1 170 ? -1.069  -0.348  -8.492  1.00 23.80 ? 170 HIS A CE1 1 
ATOM   1299 N NE2 . HIS A 1 170 ? -0.055  0.491   -8.593  1.00 23.68 ? 170 HIS A NE2 1 
ATOM   1300 N N   . TYR A 1 171 ? 3.421   -3.110  -4.593  1.00 27.25 ? 171 TYR A N   1 
ATOM   1301 C CA  . TYR A 1 171 ? 3.849   -4.180  -3.711  1.00 27.70 ? 171 TYR A CA  1 
ATOM   1302 C C   . TYR A 1 171 ? 4.867   -3.651  -2.693  1.00 27.92 ? 171 TYR A C   1 
ATOM   1303 O O   . TYR A 1 171 ? 4.729   -3.887  -1.487  1.00 28.08 ? 171 TYR A O   1 
ATOM   1304 C CB  . TYR A 1 171 ? 4.432   -5.332  -4.555  1.00 27.57 ? 171 TYR A CB  1 
ATOM   1305 C CG  . TYR A 1 171 ? 5.040   -6.440  -3.756  1.00 28.45 ? 171 TYR A CG  1 
ATOM   1306 C CD1 . TYR A 1 171 ? 4.251   -7.453  -3.246  1.00 28.87 ? 171 TYR A CD1 1 
ATOM   1307 C CD2 . TYR A 1 171 ? 6.420   -6.476  -3.502  1.00 30.53 ? 171 TYR A CD2 1 
ATOM   1308 C CE1 . TYR A 1 171 ? 4.803   -8.487  -2.510  1.00 30.76 ? 171 TYR A CE1 1 
ATOM   1309 C CE2 . TYR A 1 171 ? 6.986   -7.508  -2.756  1.00 31.29 ? 171 TYR A CE2 1 
ATOM   1310 C CZ  . TYR A 1 171 ? 6.164   -8.510  -2.261  1.00 31.16 ? 171 TYR A CZ  1 
ATOM   1311 O OH  . TYR A 1 171 ? 6.679   -9.543  -1.514  1.00 31.44 ? 171 TYR A OH  1 
ATOM   1312 N N   . ALA A 1 172 ? 5.881   -2.940  -3.197  1.00 27.84 ? 172 ALA A N   1 
ATOM   1313 C CA  . ALA A 1 172 ? 6.919   -2.321  -2.375  1.00 27.65 ? 172 ALA A CA  1 
ATOM   1314 C C   . ALA A 1 172 ? 6.337   -1.344  -1.359  1.00 27.49 ? 172 ALA A C   1 
ATOM   1315 O O   . ALA A 1 172 ? 6.743   -1.358  -0.198  1.00 28.03 ? 172 ALA A O   1 
ATOM   1316 C CB  . ALA A 1 172 ? 7.958   -1.611  -3.265  1.00 27.83 ? 172 ALA A CB  1 
ATOM   1317 N N   . LEU A 1 173 ? 5.404   -0.492  -1.793  1.00 26.90 ? 173 LEU A N   1 
ATOM   1318 C CA  . LEU A 1 173 ? 4.673   0.374   -0.873  1.00 26.68 ? 173 LEU A CA  1 
ATOM   1319 C C   . LEU A 1 173 ? 4.010   -0.426  0.259   1.00 27.03 ? 173 LEU A C   1 
ATOM   1320 O O   . LEU A 1 173 ? 4.158   -0.088  1.425   1.00 27.03 ? 173 LEU A O   1 
ATOM   1321 C CB  . LEU A 1 173 ? 3.632   1.228   -1.608  1.00 26.47 ? 173 LEU A CB  1 
ATOM   1322 C CG  . LEU A 1 173 ? 2.858   2.237   -0.745  1.00 26.06 ? 173 LEU A CG  1 
ATOM   1323 C CD1 . LEU A 1 173 ? 3.791   3.165   0.080   1.00 25.26 ? 173 LEU A CD1 1 
ATOM   1324 C CD2 . LEU A 1 173 ? 1.921   3.048   -1.585  1.00 23.78 ? 173 LEU A CD2 1 
ATOM   1325 N N   . GLY A 1 174 ? 3.294   -1.493  -0.088  1.00 27.17 ? 174 GLY A N   1 
ATOM   1326 C CA  . GLY A 1 174 ? 2.696   -2.360  0.911   1.00 27.21 ? 174 GLY A CA  1 
ATOM   1327 C C   . GLY A 1 174 ? 3.694   -2.890  1.923   1.00 27.73 ? 174 GLY A C   1 
ATOM   1328 O O   . GLY A 1 174 ? 3.502   -2.714  3.131   1.00 27.85 ? 174 GLY A O   1 
ATOM   1329 N N   . VAL A 1 175 ? 4.754   -3.538  1.436   1.00 27.90 ? 175 VAL A N   1 
ATOM   1330 C CA  . VAL A 1 175 ? 5.815   -4.046  2.300   1.00 28.31 ? 175 VAL A CA  1 
ATOM   1331 C C   . VAL A 1 175 ? 6.378   -2.929  3.185   1.00 29.01 ? 175 VAL A C   1 
ATOM   1332 O O   . VAL A 1 175 ? 6.486   -3.091  4.402   1.00 29.37 ? 175 VAL A O   1 
ATOM   1333 C CB  . VAL A 1 175 ? 6.950   -4.741  1.506   1.00 28.21 ? 175 VAL A CB  1 
ATOM   1334 C CG1 . VAL A 1 175 ? 8.025   -5.211  2.453   1.00 28.07 ? 175 VAL A CG1 1 
ATOM   1335 C CG2 . VAL A 1 175 ? 6.412   -5.931  0.706   1.00 26.91 ? 175 VAL A CG2 1 
ATOM   1336 N N   . GLN A 1 176 ? 6.696   -1.787  2.577   1.00 29.44 ? 176 GLN A N   1 
ATOM   1337 C CA  . GLN A 1 176 ? 7.144   -0.605  3.323   1.00 29.41 ? 176 GLN A CA  1 
ATOM   1338 C C   . GLN A 1 176 ? 6.166   -0.151  4.416   1.00 29.31 ? 176 GLN A C   1 
ATOM   1339 O O   . GLN A 1 176 ? 6.570   0.406   5.435   1.00 29.36 ? 176 GLN A O   1 
ATOM   1340 C CB  . GLN A 1 176 ? 7.409   0.546   2.368   1.00 29.28 ? 176 GLN A CB  1 
ATOM   1341 C CG  . GLN A 1 176 ? 8.742   0.453   1.632   1.00 28.40 ? 176 GLN A CG  1 
ATOM   1342 C CD  . GLN A 1 176 ? 8.691   1.136   0.289   1.00 27.75 ? 176 GLN A CD  1 
ATOM   1343 O OE1 . GLN A 1 176 ? 7.865   2.028   0.069   1.00 27.35 ? 176 GLN A OE1 1 
ATOM   1344 N NE2 . GLN A 1 176 ? 9.568   0.717   -0.624  1.00 29.21 ? 176 GLN A NE2 1 
ATOM   1345 N N   . LEU A 1 177 ? 4.881   -0.400  4.191   1.00 29.33 ? 177 LEU A N   1 
ATOM   1346 C CA  . LEU A 1 177 ? 3.825   0.045   5.094   1.00 28.83 ? 177 LEU A CA  1 
ATOM   1347 C C   . LEU A 1 177 ? 3.530   -0.981  6.173   1.00 28.87 ? 177 LEU A C   1 
ATOM   1348 O O   . LEU A 1 177 ? 2.724   -0.722  7.053   1.00 29.24 ? 177 LEU A O   1 
ATOM   1349 C CB  . LEU A 1 177 ? 2.543   0.367   4.312   1.00 28.17 ? 177 LEU A CB  1 
ATOM   1350 C CG  . LEU A 1 177 ? 2.334   1.779   3.753   1.00 27.38 ? 177 LEU A CG  1 
ATOM   1351 C CD1 . LEU A 1 177 ? 1.206   1.788   2.731   1.00 25.81 ? 177 LEU A CD1 1 
ATOM   1352 C CD2 . LEU A 1 177 ? 2.056   2.818   4.861   1.00 26.15 ? 177 LEU A CD2 1 
ATOM   1353 N N   . GLY A 1 178 ? 4.169   -2.146  6.085   1.00 29.37 ? 178 GLY A N   1 
ATOM   1354 C CA  . GLY A 1 178 ? 4.008   -3.225  7.052   1.00 29.34 ? 178 GLY A CA  1 
ATOM   1355 C C   . GLY A 1 178 ? 3.148   -4.404  6.604   1.00 29.49 ? 178 GLY A C   1 
ATOM   1356 O O   . GLY A 1 178 ? 2.876   -5.309  7.400   1.00 29.92 ? 178 GLY A O   1 
ATOM   1357 N N   . VAL A 1 179 ? 2.722   -4.410  5.344   1.00 29.07 ? 179 VAL A N   1 
ATOM   1358 C CA  . VAL A 1 179 ? 1.788   -5.426  4.848   1.00 28.91 ? 179 VAL A CA  1 
ATOM   1359 C C   . VAL A 1 179 ? 2.474   -6.786  4.738   1.00 29.55 ? 179 VAL A C   1 
ATOM   1360 O O   . VAL A 1 179 ? 3.566   -6.892  4.189   1.00 30.23 ? 179 VAL A O   1 
ATOM   1361 C CB  . VAL A 1 179 ? 1.162   -4.998  3.476   1.00 28.69 ? 179 VAL A CB  1 
ATOM   1362 C CG1 . VAL A 1 179 ? 0.394   -6.155  2.822   1.00 27.97 ? 179 VAL A CG1 1 
ATOM   1363 C CG2 . VAL A 1 179 ? 0.280   -3.737  3.639   1.00 26.04 ? 179 VAL A CG2 1 
ATOM   1364 N N   . SER A 1 180 ? 1.847   -7.830  5.259   1.00 30.01 ? 180 SER A N   1 
ATOM   1365 C CA  . SER A 1 180 ? 2.440   -9.163  5.188   1.00 30.80 ? 180 SER A CA  1 
ATOM   1366 C C   . SER A 1 180 ? 1.423   -10.250 4.831   1.00 30.95 ? 180 SER A C   1 
ATOM   1367 O O   . SER A 1 180 ? 1.659   -11.438 5.083   1.00 31.94 ? 180 SER A O   1 
ATOM   1368 C CB  . SER A 1 180 ? 3.124   -9.499  6.517   1.00 30.70 ? 180 SER A CB  1 
ATOM   1369 O OG  . SER A 1 180 ? 2.196   -10.041 7.429   1.00 31.52 ? 180 SER A OG  1 
ATOM   1370 N N   . GLY A 1 181 ? 0.305   -9.823  4.254   1.00 30.69 ? 181 GLY A N   1 
ATOM   1371 C CA  . GLY A 1 181 ? -0.877  -10.641 4.033   1.00 29.97 ? 181 GLY A CA  1 
ATOM   1372 C C   . GLY A 1 181 ? -1.919  -9.800  3.301   1.00 29.51 ? 181 GLY A C   1 
ATOM   1373 O O   . GLY A 1 181 ? -1.832  -8.573  3.283   1.00 29.43 ? 181 GLY A O   1 
ATOM   1374 N N   . THR A 1 182 ? -2.878  -10.460 2.663   1.00 28.83 ? 182 THR A N   1 
ATOM   1375 C CA  . THR A 1 182 ? -3.964  -9.784  1.977   1.00 27.89 ? 182 THR A CA  1 
ATOM   1376 C C   . THR A 1 182 ? -5.267  -10.412 2.466   1.00 27.92 ? 182 THR A C   1 
ATOM   1377 O O   . THR A 1 182 ? -5.266  -11.568 2.869   1.00 27.79 ? 182 THR A O   1 
ATOM   1378 C CB  . THR A 1 182 ? -3.837  -9.941  0.446   1.00 27.79 ? 182 THR A CB  1 
ATOM   1379 O OG1 . THR A 1 182 ? -3.679  -11.325 0.113   1.00 27.73 ? 182 THR A OG1 1 
ATOM   1380 C CG2 . THR A 1 182 ? -2.576  -9.286  -0.088  1.00 27.32 ? 182 THR A CG2 1 
ATOM   1381 N N   . PRO A 1 183 ? -6.376  -9.671  2.466   1.00 27.84 ? 183 PRO A N   1 
ATOM   1382 C CA  . PRO A 1 183 ? -6.409  -8.252  2.091   1.00 27.34 ? 183 PRO A CA  1 
ATOM   1383 C C   . PRO A 1 183 ? -5.897  -7.417  3.251   1.00 27.03 ? 183 PRO A C   1 
ATOM   1384 O O   . PRO A 1 183 ? -6.100  -7.823  4.387   1.00 27.60 ? 183 PRO A O   1 
ATOM   1385 C CB  . PRO A 1 183 ? -7.900  -7.989  1.849   1.00 27.53 ? 183 PRO A CB  1 
ATOM   1386 C CG  . PRO A 1 183 ? -8.637  -9.053  2.610   1.00 27.79 ? 183 PRO A CG  1 
ATOM   1387 C CD  . PRO A 1 183 ? -7.699  -10.185 2.874   1.00 27.71 ? 183 PRO A CD  1 
ATOM   1388 N N   . ALA A 1 184 ? -5.211  -6.311  2.992   1.00 26.32 ? 184 ALA A N   1 
ATOM   1389 C CA  . ALA A 1 184 ? -4.734  -5.465  4.074   1.00 26.16 ? 184 ALA A CA  1 
ATOM   1390 C C   . ALA A 1 184 ? -5.253  -4.067  3.861   1.00 26.24 ? 184 ALA A C   1 
ATOM   1391 O O   . ALA A 1 184 ? -5.058  -3.491  2.794   1.00 26.21 ? 184 ALA A O   1 
ATOM   1392 C CB  . ALA A 1 184 ? -3.197  -5.466  4.161   1.00 26.08 ? 184 ALA A CB  1 
ATOM   1393 N N   . VAL A 1 185 ? -5.906  -3.542  4.897   1.00 26.32 ? 185 VAL A N   1 
ATOM   1394 C CA  . VAL A 1 185 ? -6.532  -2.238  4.884   1.00 26.17 ? 185 VAL A CA  1 
ATOM   1395 C C   . VAL A 1 185 ? -5.586  -1.203  5.464   1.00 26.94 ? 185 VAL A C   1 
ATOM   1396 O O   . VAL A 1 185 ? -5.053  -1.381  6.567   1.00 27.63 ? 185 VAL A O   1 
ATOM   1397 C CB  . VAL A 1 185 ? -7.846  -2.258  5.694   1.00 26.26 ? 185 VAL A CB  1 
ATOM   1398 C CG1 . VAL A 1 185 ? -8.596  -0.938  5.556   1.00 25.24 ? 185 VAL A CG1 1 
ATOM   1399 C CG2 . VAL A 1 185 ? -8.730  -3.419  5.250   1.00 24.98 ? 185 VAL A CG2 1 
ATOM   1400 N N   . VAL A 1 186 ? -5.357  -0.136  4.704   1.00 27.30 ? 186 VAL A N   1 
ATOM   1401 C CA  . VAL A 1 186 ? -4.599  1.017   5.175   1.00 27.84 ? 186 VAL A CA  1 
ATOM   1402 C C   . VAL A 1 186 ? -5.536  2.232   5.361   1.00 28.72 ? 186 VAL A C   1 
ATOM   1403 O O   . VAL A 1 186 ? -6.277  2.604   4.440   1.00 28.17 ? 186 VAL A O   1 
ATOM   1404 C CB  . VAL A 1 186 ? -3.418  1.352   4.226   1.00 27.92 ? 186 VAL A CB  1 
ATOM   1405 C CG1 . VAL A 1 186 ? -2.743  2.651   4.640   1.00 26.60 ? 186 VAL A CG1 1 
ATOM   1406 C CG2 . VAL A 1 186 ? -2.398  0.186   4.188   1.00 27.78 ? 186 VAL A CG2 1 
ATOM   1407 N N   . LEU A 1 187 ? -5.517  2.828   6.555   1.00 29.25 ? 187 LEU A N   1 
ATOM   1408 C CA  . LEU A 1 187 ? -6.391  3.968   6.839   1.00 30.20 ? 187 LEU A CA  1 
ATOM   1409 C C   . LEU A 1 187 ? -5.830  5.287   6.284   1.00 30.75 ? 187 LEU A C   1 
ATOM   1410 O O   . LEU A 1 187 ? -4.659  5.355   5.876   1.00 31.00 ? 187 LEU A O   1 
ATOM   1411 C CB  . LEU A 1 187 ? -6.692  4.077   8.337   1.00 29.68 ? 187 LEU A CB  1 
ATOM   1412 C CG  . LEU A 1 187 ? -7.409  2.896   9.010   1.00 30.22 ? 187 LEU A CG  1 
ATOM   1413 C CD1 . LEU A 1 187 ? -7.965  3.321   10.367  1.00 28.51 ? 187 LEU A CD1 1 
ATOM   1414 C CD2 . LEU A 1 187 ? -8.480  2.249   8.124   1.00 27.43 ? 187 LEU A CD2 1 
ATOM   1415 N N   . SER A 1 188 ? -6.668  6.324   6.254   1.00 31.02 ? 188 SER A N   1 
ATOM   1416 C CA  . SER A 1 188 ? -6.249  7.612   5.721   1.00 32.04 ? 188 SER A CA  1 
ATOM   1417 C C   . SER A 1 188 ? -5.101  8.238   6.521   1.00 32.44 ? 188 SER A C   1 
ATOM   1418 O O   . SER A 1 188 ? -4.384  9.072   5.990   1.00 32.95 ? 188 SER A O   1 
ATOM   1419 C CB  . SER A 1 188 ? -7.434  8.576   5.543   1.00 31.92 ? 188 SER A CB  1 
ATOM   1420 O OG  . SER A 1 188 ? -7.766  9.249   6.747   1.00 33.23 ? 188 SER A OG  1 
ATOM   1421 N N   . ASN A 1 189 ? -4.914  7.818   7.777   1.00 32.87 ? 189 ASN A N   1 
ATOM   1422 C CA  . ASN A 1 189 ? -3.773  8.288   8.587   1.00 32.93 ? 189 ASN A CA  1 
ATOM   1423 C C   . ASN A 1 189 ? -2.521  7.433   8.416   1.00 32.92 ? 189 ASN A C   1 
ATOM   1424 O O   . ASN A 1 189 ? -1.492  7.706   9.024   1.00 32.77 ? 189 ASN A O   1 
ATOM   1425 C CB  . ASN A 1 189 ? -4.146  8.473   10.072  1.00 32.47 ? 189 ASN A CB  1 
ATOM   1426 C CG  . ASN A 1 189 ? -4.321  7.155   10.818  1.00 32.48 ? 189 ASN A CG  1 
ATOM   1427 O OD1 . ASN A 1 189 ? -4.495  6.098   10.220  1.00 31.77 ? 189 ASN A OD1 1 
ATOM   1428 N ND2 . ASN A 1 189 ? -4.278  7.222   12.147  1.00 32.46 ? 189 ASN A ND2 1 
ATOM   1429 N N   . GLY A 1 190 ? -2.633  6.406   7.575   1.00 33.47 ? 190 GLY A N   1 
ATOM   1430 C CA  . GLY A 1 190 ? -1.532  5.520   7.241   1.00 33.74 ? 190 GLY A CA  1 
ATOM   1431 C C   . GLY A 1 190 ? -1.503  4.257   8.066   1.00 34.08 ? 190 GLY A C   1 
ATOM   1432 O O   . GLY A 1 190 ? -0.569  3.463   7.960   1.00 34.23 ? 190 GLY A O   1 
ATOM   1433 N N   . THR A 1 191 ? -2.529  4.061   8.885   1.00 34.63 ? 191 THR A N   1 
ATOM   1434 C CA  . THR A 1 191 ? -2.611  2.892   9.767   1.00 35.54 ? 191 THR A CA  1 
ATOM   1435 C C   . THR A 1 191 ? -2.997  1.611   9.041   1.00 35.80 ? 191 THR A C   1 
ATOM   1436 O O   . THR A 1 191 ? -3.958  1.569   8.272   1.00 36.02 ? 191 THR A O   1 
ATOM   1437 C CB  . THR A 1 191 ? -3.581  3.162   10.947  1.00 35.60 ? 191 THR A CB  1 
ATOM   1438 O OG1 . THR A 1 191 ? -3.011  4.166   11.785  1.00 36.28 ? 191 THR A OG1 1 
ATOM   1439 C CG2 . THR A 1 191 ? -3.696  1.937   11.881  1.00 35.12 ? 191 THR A CG2 1 
ATOM   1440 N N   . LEU A 1 192 ? -2.246  0.560   9.329   1.00 36.58 ? 192 LEU A N   1 
ATOM   1441 C CA  . LEU A 1 192 ? -2.491  -0.752  8.769   1.00 36.88 ? 192 LEU A CA  1 
ATOM   1442 C C   . LEU A 1 192 ? -3.427  -1.547  9.672   1.00 37.74 ? 192 LEU A C   1 
ATOM   1443 O O   . LEU A 1 192 ? -3.146  -1.739  10.850  1.00 37.96 ? 192 LEU A O   1 
ATOM   1444 C CB  . LEU A 1 192 ? -1.156  -1.473  8.577   1.00 36.20 ? 192 LEU A CB  1 
ATOM   1445 C CG  . LEU A 1 192 ? -1.164  -2.966  8.258   1.00 35.12 ? 192 LEU A CG  1 
ATOM   1446 C CD1 . LEU A 1 192 ? -1.748  -3.226  6.879   1.00 33.64 ? 192 LEU A CD1 1 
ATOM   1447 C CD2 . LEU A 1 192 ? 0.243   -3.524  8.386   1.00 33.69 ? 192 LEU A CD2 1 
ATOM   1448 N N   . VAL A 1 193 ? -4.547  -1.998  9.120   1.00 38.89 ? 193 VAL A N   1 
ATOM   1449 C CA  . VAL A 1 193 ? -5.436  -2.923  9.835   1.00 39.93 ? 193 VAL A CA  1 
ATOM   1450 C C   . VAL A 1 193 ? -5.419  -4.294  9.140   1.00 40.90 ? 193 VAL A C   1 
ATOM   1451 O O   . VAL A 1 193 ? -6.230  -4.561  8.243   1.00 40.99 ? 193 VAL A O   1 
ATOM   1452 C CB  . VAL A 1 193 ? -6.891  -2.401  9.948   1.00 39.80 ? 193 VAL A CB  1 
ATOM   1453 C CG1 . VAL A 1 193 ? -7.564  -3.017  11.161  1.00 40.28 ? 193 VAL A CG1 1 
ATOM   1454 C CG2 . VAL A 1 193 ? -6.938  -0.876  10.008  1.00 39.12 ? 193 VAL A CG2 1 
ATOM   1455 N N   . PRO A 1 194 ? -4.487  -5.158  9.545   1.00 42.02 ? 194 PRO A N   1 
ATOM   1456 C CA  . PRO A 1 194 ? -4.248  -6.427  8.832   1.00 42.47 ? 194 PRO A CA  1 
ATOM   1457 C C   . PRO A 1 194 ? -5.468  -7.370  8.760   1.00 42.85 ? 194 PRO A C   1 
ATOM   1458 O O   . PRO A 1 194 ? -6.171  -7.641  9.744   1.00 42.82 ? 194 PRO A O   1 
ATOM   1459 C CB  . PRO A 1 194 ? -3.097  -7.076  9.627   1.00 42.34 ? 194 PRO A CB  1 
ATOM   1460 C CG  . PRO A 1 194 ? -2.459  -5.953  10.365  1.00 42.63 ? 194 PRO A CG  1 
ATOM   1461 C CD  . PRO A 1 194 ? -3.581  -4.995  10.702  1.00 42.21 ? 194 PRO A CD  1 
ATOM   1462 N N   . GLY A 1 195 ? -5.720  -7.859  7.556   1.00 43.01 ? 195 GLY A N   1 
ATOM   1463 C CA  . GLY A 1 195 ? -6.677  -8.928  7.381   1.00 42.99 ? 195 GLY A CA  1 
ATOM   1464 C C   . GLY A 1 195 ? -8.104  -8.474  7.182   1.00 42.67 ? 195 GLY A C   1 
ATOM   1465 O O   . GLY A 1 195 ? -8.380  -7.295  6.888   1.00 43.02 ? 195 GLY A O   1 
ATOM   1466 N N   . TYR A 1 196 ? -9.005  -9.438  7.360   1.00 41.87 ? 196 TYR A N   1 
ATOM   1467 C CA  . TYR A 1 196 ? -10.397 -9.316  6.968   1.00 40.50 ? 196 TYR A CA  1 
ATOM   1468 C C   . TYR A 1 196 ? -11.312 -8.867  8.117   1.00 39.65 ? 196 TYR A C   1 
ATOM   1469 O O   . TYR A 1 196 ? -11.302 -9.426  9.217   1.00 39.36 ? 196 TYR A O   1 
ATOM   1470 C CB  . TYR A 1 196 ? -10.869 -10.635 6.345   1.00 40.53 ? 196 TYR A CB  1 
ATOM   1471 C CG  . TYR A 1 196 ? -12.333 -10.679 5.970   1.00 40.49 ? 196 TYR A CG  1 
ATOM   1472 C CD1 . TYR A 1 196 ? -12.818 -10.012 4.837   1.00 39.14 ? 196 TYR A CD1 1 
ATOM   1473 C CD2 . TYR A 1 196 ? -13.234 -11.390 6.754   1.00 39.26 ? 196 TYR A CD2 1 
ATOM   1474 C CE1 . TYR A 1 196 ? -14.167 -10.051 4.514   1.00 38.93 ? 196 TYR A CE1 1 
ATOM   1475 C CE2 . TYR A 1 196 ? -14.569 -11.438 6.435   1.00 39.54 ? 196 TYR A CE2 1 
ATOM   1476 C CZ  . TYR A 1 196 ? -15.033 -10.774 5.319   1.00 39.10 ? 196 TYR A CZ  1 
ATOM   1477 O OH  . TYR A 1 196 ? -16.370 -10.854 5.039   1.00 39.04 ? 196 TYR A OH  1 
ATOM   1478 N N   . GLN A 1 197 ? -12.078 -7.819  7.832   1.00 38.29 ? 197 GLN A N   1 
ATOM   1479 C CA  . GLN A 1 197 ? -13.181 -7.400  8.672   1.00 37.10 ? 197 GLN A CA  1 
ATOM   1480 C C   . GLN A 1 197 ? -14.398 -7.312  7.759   1.00 35.86 ? 197 GLN A C   1 
ATOM   1481 O O   . GLN A 1 197 ? -14.358 -6.619  6.732   1.00 35.75 ? 197 GLN A O   1 
ATOM   1482 C CB  . GLN A 1 197 ? -12.903 -6.036  9.301   1.00 37.22 ? 197 GLN A CB  1 
ATOM   1483 C CG  . GLN A 1 197 ? -11.942 -6.055  10.468  1.00 38.77 ? 197 GLN A CG  1 
ATOM   1484 C CD  . GLN A 1 197 ? -11.774 -4.680  11.074  1.00 41.49 ? 197 GLN A CD  1 
ATOM   1485 O OE1 . GLN A 1 197 ? -10.752 -4.013  10.860  1.00 42.49 ? 197 GLN A OE1 1 
ATOM   1486 N NE2 . GLN A 1 197 ? -12.782 -4.236  11.817  1.00 41.83 ? 197 GLN A NE2 1 
ATOM   1487 N N   . PRO A 1 198 ? -15.464 -8.034  8.115   1.00 34.42 ? 198 PRO A N   1 
ATOM   1488 C CA  . PRO A 1 198 ? -16.750 -7.926  7.422   1.00 32.98 ? 198 PRO A CA  1 
ATOM   1489 C C   . PRO A 1 198 ? -17.224 -6.476  7.391   1.00 31.86 ? 198 PRO A C   1 
ATOM   1490 O O   . PRO A 1 198 ? -16.807 -5.699  8.247   1.00 31.26 ? 198 PRO A O   1 
ATOM   1491 C CB  . PRO A 1 198 ? -17.677 -8.770  8.287   1.00 33.14 ? 198 PRO A CB  1 
ATOM   1492 C CG  . PRO A 1 198 ? -16.789 -9.746  8.947   1.00 33.84 ? 198 PRO A CG  1 
ATOM   1493 C CD  . PRO A 1 198 ? -15.507 -9.025  9.205   1.00 34.19 ? 198 PRO A CD  1 
ATOM   1494 N N   . PRO A 1 199 ? -18.037 -6.119  6.397   1.00 30.97 ? 199 PRO A N   1 
ATOM   1495 C CA  . PRO A 1 199 ? -18.517 -4.739  6.215   1.00 30.70 ? 199 PRO A CA  1 
ATOM   1496 C C   . PRO A 1 199 ? -19.052 -4.067  7.464   1.00 30.12 ? 199 PRO A C   1 
ATOM   1497 O O   . PRO A 1 199 ? -18.732 -2.908  7.693   1.00 29.92 ? 199 PRO A O   1 
ATOM   1498 C CB  . PRO A 1 199 ? -19.636 -4.891  5.181   1.00 31.05 ? 199 PRO A CB  1 
ATOM   1499 C CG  . PRO A 1 199 ? -19.229 -6.115  4.371   1.00 31.08 ? 199 PRO A CG  1 
ATOM   1500 C CD  . PRO A 1 199 ? -18.505 -7.017  5.327   1.00 30.55 ? 199 PRO A CD  1 
ATOM   1501 N N   . LYS A 1 200 ? -19.846 -4.784  8.252   1.00 30.01 ? 200 LYS A N   1 
ATOM   1502 C CA  . LYS A 1 200 ? -20.445 -4.218  9.452   1.00 30.23 ? 200 LYS A CA  1 
ATOM   1503 C C   . LYS A 1 200 ? -19.399 -3.911  10.524  1.00 30.09 ? 200 LYS A C   1 
ATOM   1504 O O   . LYS A 1 200 ? -19.408 -2.832  11.114  1.00 30.30 ? 200 LYS A O   1 
ATOM   1505 C CB  . LYS A 1 200 ? -21.540 -5.133  9.992   1.00 30.05 ? 200 LYS A CB  1 
ATOM   1506 C CG  . LYS A 1 200 ? -22.301 -4.561  11.155  1.00 30.06 ? 200 LYS A CG  1 
ATOM   1507 C CD  . LYS A 1 200 ? -23.132 -5.648  11.832  1.00 31.65 ? 200 LYS A CD  1 
ATOM   1508 C CE  . LYS A 1 200 ? -24.160 -5.052  12.807  1.00 32.15 ? 200 LYS A CE  1 
ATOM   1509 N NZ  . LYS A 1 200 ? -23.564 -4.745  14.138  1.00 31.27 ? 200 LYS A NZ  1 
ATOM   1510 N N   . GLU A 1 201 ? -18.507 -4.864  10.772  1.00 30.41 ? 201 GLU A N   1 
ATOM   1511 C CA  . GLU A 1 201 ? -17.439 -4.690  11.749  1.00 30.87 ? 201 GLU A CA  1 
ATOM   1512 C C   . GLU A 1 201 ? -16.483 -3.588  11.306  1.00 30.14 ? 201 GLU A C   1 
ATOM   1513 O O   . GLU A 1 201 ? -15.986 -2.815  12.125  1.00 29.99 ? 201 GLU A O   1 
ATOM   1514 C CB  . GLU A 1 201 ? -16.692 -6.002  11.957  1.00 31.41 ? 201 GLU A CB  1 
ATOM   1515 C CG  . GLU A 1 201 ? -17.197 -6.797  13.149  1.00 34.29 ? 201 GLU A CG  1 
ATOM   1516 C CD  . GLU A 1 201 ? -18.181 -7.885  12.760  1.00 38.97 ? 201 GLU A CD  1 
ATOM   1517 O OE1 . GLU A 1 201 ? -18.511 -7.988  11.555  1.00 40.67 ? 201 GLU A OE1 1 
ATOM   1518 O OE2 . GLU A 1 201 ? -18.614 -8.647  13.663  1.00 40.82 ? 201 GLU A OE2 1 
ATOM   1519 N N   . MET A 1 202 ? -16.260 -3.531  9.997   1.00 29.39 ? 202 MET A N   1 
ATOM   1520 C CA  . MET A 1 202 ? -15.482 -2.493  9.346   1.00 29.13 ? 202 MET A CA  1 
ATOM   1521 C C   . MET A 1 202 ? -16.051 -1.083  9.537   1.00 28.49 ? 202 MET A C   1 
ATOM   1522 O O   . MET A 1 202 ? -15.317 -0.171  9.888   1.00 28.00 ? 202 MET A O   1 
ATOM   1523 C CB  . MET A 1 202 ? -15.336 -2.810  7.854   1.00 29.60 ? 202 MET A CB  1 
ATOM   1524 C CG  . MET A 1 202 ? -14.395 -1.865  7.112   1.00 31.53 ? 202 MET A CG  1 
ATOM   1525 S SD  . MET A 1 202 ? -12.721 -1.993  7.727   1.00 35.91 ? 202 MET A SD  1 
ATOM   1526 C CE  . MET A 1 202 ? -12.148 -3.322  6.642   1.00 34.60 ? 202 MET A CE  1 
ATOM   1527 N N   . LYS A 1 203 ? -17.343 -0.901  9.285   1.00 27.83 ? 203 LYS A N   1 
ATOM   1528 C CA  . LYS A 1 203 ? -17.971 0.374   9.549   1.00 27.78 ? 203 LYS A CA  1 
ATOM   1529 C C   . LYS A 1 203 ? -17.799 0.799   11.026  1.00 27.76 ? 203 LYS A C   1 
ATOM   1530 O O   . LYS A 1 203 ? -17.398 1.932   11.324  1.00 27.31 ? 203 LYS A O   1 
ATOM   1531 C CB  . LYS A 1 203 ? -19.451 0.330   9.150   1.00 27.88 ? 203 LYS A CB  1 
ATOM   1532 C CG  . LYS A 1 203 ? -20.171 1.656   9.284   1.00 27.06 ? 203 LYS A CG  1 
ATOM   1533 C CD  . LYS A 1 203 ? -19.753 2.642   8.185   1.00 27.53 ? 203 LYS A CD  1 
ATOM   1534 C CE  . LYS A 1 203 ? -20.340 4.036   8.396   1.00 28.36 ? 203 LYS A CE  1 
ATOM   1535 N NZ  . LYS A 1 203 ? -21.325 4.088   9.542   1.00 30.58 ? 203 LYS A NZ  1 
ATOM   1536 N N   . GLU A 1 204 ? -18.076 -0.124  11.937  1.00 28.01 ? 204 GLU A N   1 
ATOM   1537 C CA  . GLU A 1 204 ? -17.978 0.159   13.369  1.00 28.82 ? 204 GLU A CA  1 
ATOM   1538 C C   . GLU A 1 204 ? -16.563 0.489   13.816  1.00 29.12 ? 204 GLU A C   1 
ATOM   1539 O O   . GLU A 1 204 ? -16.365 1.407   14.603  1.00 29.75 ? 204 GLU A O   1 
ATOM   1540 C CB  . GLU A 1 204 ? -18.574 -0.977  14.202  1.00 28.69 ? 204 GLU A CB  1 
ATOM   1541 C CG  . GLU A 1 204 ? -20.101 -1.019  14.116  1.00 28.47 ? 204 GLU A CG  1 
ATOM   1542 C CD  . GLU A 1 204 ? -20.685 -2.389  14.386  1.00 28.03 ? 204 GLU A CD  1 
ATOM   1543 O OE1 . GLU A 1 204 ? -19.995 -3.235  14.982  1.00 28.28 ? 204 GLU A OE1 1 
ATOM   1544 O OE2 . GLU A 1 204 ? -21.848 -2.624  14.002  1.00 29.57 ? 204 GLU A OE2 1 
ATOM   1545 N N   . PHE A 1 205 ? -15.581 -0.247  13.302  1.00 29.51 ? 205 PHE A N   1 
ATOM   1546 C CA  . PHE A 1 205 ? -14.193 0.059   13.583  1.00 29.47 ? 205 PHE A CA  1 
ATOM   1547 C C   . PHE A 1 205 ? -13.817 1.468   13.109  1.00 29.86 ? 205 PHE A C   1 
ATOM   1548 O O   . PHE A 1 205 ? -13.283 2.258   13.896  1.00 30.15 ? 205 PHE A O   1 
ATOM   1549 C CB  . PHE A 1 205 ? -13.243 -0.978  12.972  1.00 29.47 ? 205 PHE A CB  1 
ATOM   1550 C CG  . PHE A 1 205 ? -11.828 -0.514  12.935  1.00 28.95 ? 205 PHE A CG  1 
ATOM   1551 C CD1 . PHE A 1 205 ? -11.100 -0.388  14.107  1.00 29.55 ? 205 PHE A CD1 1 
ATOM   1552 C CD2 . PHE A 1 205 ? -11.240 -0.144  11.739  1.00 29.45 ? 205 PHE A CD2 1 
ATOM   1553 C CE1 . PHE A 1 205 ? -9.797  0.077   14.090  1.00 29.43 ? 205 PHE A CE1 1 
ATOM   1554 C CE2 . PHE A 1 205 ? -9.948  0.312   11.704  1.00 29.13 ? 205 PHE A CE2 1 
ATOM   1555 C CZ  . PHE A 1 205 ? -9.223  0.433   12.889  1.00 30.22 ? 205 PHE A CZ  1 
ATOM   1556 N N   . LEU A 1 206 ? -14.090 1.771   11.835  1.00 29.70 ? 206 LEU A N   1 
ATOM   1557 C CA  . LEU A 1 206 ? -13.747 3.058   11.237  1.00 29.89 ? 206 LEU A CA  1 
ATOM   1558 C C   . LEU A 1 206 ? -14.419 4.239   11.928  1.00 30.52 ? 206 LEU A C   1 
ATOM   1559 O O   . LEU A 1 206 ? -13.817 5.310   12.046  1.00 30.33 ? 206 LEU A O   1 
ATOM   1560 C CB  . LEU A 1 206 ? -14.086 3.083   9.738   1.00 29.71 ? 206 LEU A CB  1 
ATOM   1561 C CG  . LEU A 1 206 ? -13.335 2.116   8.808   1.00 29.52 ? 206 LEU A CG  1 
ATOM   1562 C CD1 . LEU A 1 206 ? -14.080 1.952   7.482   1.00 25.60 ? 206 LEU A CD1 1 
ATOM   1563 C CD2 . LEU A 1 206 ? -11.883 2.563   8.603   1.00 28.87 ? 206 LEU A CD2 1 
ATOM   1564 N N   . ASP A 1 207 ? -15.673 4.049   12.342  1.00 31.30 ? 207 ASP A N   1 
ATOM   1565 C CA  . ASP A 1 207 ? -16.407 5.061   13.101  1.00 31.96 ? 207 ASP A CA  1 
ATOM   1566 C C   . ASP A 1 207 ? -15.711 5.344   14.422  1.00 32.41 ? 207 ASP A C   1 
ATOM   1567 O O   . ASP A 1 207 ? -15.412 6.497   14.724  1.00 32.58 ? 207 ASP A O   1 
ATOM   1568 C CB  . ASP A 1 207 ? -17.859 4.635   13.346  1.00 31.76 ? 207 ASP A CB  1 
ATOM   1569 C CG  . ASP A 1 207 ? -18.762 4.941   12.184  1.00 31.30 ? 207 ASP A CG  1 
ATOM   1570 O OD1 . ASP A 1 207 ? -18.348 5.687   11.274  1.00 31.56 ? 207 ASP A OD1 1 
ATOM   1571 O OD2 . ASP A 1 207 ? -19.912 4.475   12.088  1.00 31.79 ? 207 ASP A OD2 1 
ATOM   1572 N N   . GLU A 1 208 ? -15.450 4.283   15.189  1.00 33.16 ? 208 GLU A N   1 
ATOM   1573 C CA  . GLU A 1 208 ? -14.682 4.365   16.441  1.00 34.05 ? 208 GLU A CA  1 
ATOM   1574 C C   . GLU A 1 208 ? -13.299 4.999   16.255  1.00 34.48 ? 208 GLU A C   1 
ATOM   1575 O O   . GLU A 1 208 ? -13.005 5.990   16.903  1.00 34.59 ? 208 GLU A O   1 
ATOM   1576 C CB  . GLU A 1 208 ? -14.575 2.992   17.112  1.00 33.86 ? 208 GLU A CB  1 
ATOM   1577 C CG  . GLU A 1 208 ? -15.098 3.112   18.457  0.00 55.61 ? 208 GLU A CG  1 
ATOM   1578 C CD  . GLU A 1 208 ? -14.310 4.025   19.413  0.00 66.38 ? 208 GLU A CD  1 
ATOM   1579 O OE1 . GLU A 1 208 ? -13.114 3.701   19.771  0.00 69.25 ? 208 GLU A OE1 1 
ATOM   1580 O OE2 . GLU A 1 208 ? -14.840 5.113   19.860  0.00 61.02 ? 208 GLU A OE2 1 
ATOM   1581 N N   . HIS A 1 209 ? -12.474 4.443   15.358  1.00 35.34 ? 209 HIS A N   1 
ATOM   1582 C CA  . HIS A 1 209 ? -11.186 5.043   14.980  1.00 35.80 ? 209 HIS A CA  1 
ATOM   1583 C C   . HIS A 1 209 ? -11.307 6.527   14.653  1.00 36.61 ? 209 HIS A C   1 
ATOM   1584 O O   . HIS A 1 209 ? -10.476 7.318   15.078  1.00 36.73 ? 209 HIS A O   1 
ATOM   1585 C CB  . HIS A 1 209 ? -10.503 4.299   13.815  1.00 35.28 ? 209 HIS A CB  1 
ATOM   1586 C CG  . HIS A 1 209 ? -9.139  4.836   13.476  1.00 34.50 ? 209 HIS A CG  1 
ATOM   1587 N ND1 . HIS A 1 209 ? -7.972  4.269   13.946  1.00 33.87 ? 209 HIS A ND1 1 
ATOM   1588 C CD2 . HIS A 1 209 ? -8.759  5.908   12.736  1.00 32.67 ? 209 HIS A CD2 1 
ATOM   1589 C CE1 . HIS A 1 209 ? -6.934  4.960   13.502  1.00 32.14 ? 209 HIS A CE1 1 
ATOM   1590 N NE2 . HIS A 1 209 ? -7.384  5.960   12.768  1.00 30.82 ? 209 HIS A NE2 1 
ATOM   1591 N N   . GLN A 1 210 ? -12.338 6.906   13.911  1.00 37.96 ? 210 GLN A N   1 
ATOM   1592 C CA  . GLN A 1 210 ? -12.548 8.320   13.600  1.00 39.80 ? 210 GLN A CA  1 
ATOM   1593 C C   . GLN A 1 210 ? -12.770 9.163   14.866  1.00 41.10 ? 210 GLN A C   1 
ATOM   1594 O O   . GLN A 1 210 ? -12.110 10.177  15.047  1.00 41.23 ? 210 GLN A O   1 
ATOM   1595 C CB  . GLN A 1 210 ? -13.690 8.509   12.606  1.00 39.39 ? 210 GLN A CB  1 
ATOM   1596 C CG  . GLN A 1 210 ? -14.031 9.951   12.370  1.00 39.61 ? 210 GLN A CG  1 
ATOM   1597 C CD  . GLN A 1 210 ? -14.611 10.192  11.012  1.00 39.92 ? 210 GLN A CD  1 
ATOM   1598 O OE1 . GLN A 1 210 ? -15.743 9.783   10.732  1.00 39.29 ? 210 GLN A OE1 1 
ATOM   1599 N NE2 . GLN A 1 210 ? -13.848 10.863  10.157  1.00 39.83 ? 210 GLN A NE2 1 
ATOM   1600 N N   . LYS A 1 211 ? -13.691 8.730   15.727  1.00 42.84 ? 211 LYS A N   1 
ATOM   1601 C CA  . LYS A 1 211 ? -13.932 9.353   17.032  1.00 44.95 ? 211 LYS A CA  1 
ATOM   1602 C C   . LYS A 1 211 ? -12.648 9.542   17.854  1.00 46.14 ? 211 LYS A C   1 
ATOM   1603 O O   . LYS A 1 211 ? -12.400 10.629  18.382  1.00 46.26 ? 211 LYS A O   1 
ATOM   1604 C CB  . LYS A 1 211 ? -14.920 8.511   17.852  1.00 44.84 ? 211 LYS A CB  1 
ATOM   1605 C CG  . LYS A 1 211 ? -16.178 9.239   18.275  1.00 45.87 ? 211 LYS A CG  1 
ATOM   1606 C CD  . LYS A 1 211 ? -17.391 8.298   18.276  1.00 47.81 ? 211 LYS A CD  1 
ATOM   1607 C CE  . LYS A 1 211 ? -17.456 7.432   19.557  1.00 48.82 ? 211 LYS A CE  1 
ATOM   1608 N NZ  . LYS A 1 211 ? -16.984 7.770   20.813  0.00 61.85 ? 211 LYS A NZ  1 
ATOM   1609 N N   . MET A 1 212 ? -11.845 8.482   17.950  1.00 47.49 ? 212 MET A N   1 
ATOM   1610 C CA  . MET A 1 212 ? -10.672 8.451   18.817  1.00 48.97 ? 212 MET A CA  1 
ATOM   1611 C C   . MET A 1 212 ? -9.515  9.302   18.285  1.00 49.60 ? 212 MET A C   1 
ATOM   1612 O O   . MET A 1 212 ? -8.733  9.848   19.063  1.00 49.51 ? 212 MET A O   1 
ATOM   1613 C CB  . MET A 1 212 ? -10.218 7.006   19.027  1.00 48.98 ? 212 MET A CB  1 
ATOM   1614 C CG  . MET A 1 212 ? -11.211 6.147   19.801  1.00 51.15 ? 212 MET A CG  1 
ATOM   1615 S SD  . MET A 1 212 ? -10.559 4.483   20.172  1.00 56.65 ? 212 MET A SD  1 
ATOM   1616 C CE  . MET A 1 212 ? -12.070 3.530   20.539  1.00 55.70 ? 212 MET A CE  1 
ATOM   1617 N N   . THR A 1 213 ? -9.432  9.425   16.960  1.00 50.71 ? 213 THR A N   1 
ATOM   1618 C CA  . THR A 1 213 ? -8.324  10.113  16.289  1.00 51.70 ? 213 THR A CA  1 
ATOM   1619 C C   . THR A 1 213 ? -8.680  11.461  15.624  1.00 53.00 ? 213 THR A C   1 
ATOM   1620 O O   . THR A 1 213 ? -7.811  12.092  15.009  1.00 53.19 ? 213 THR A O   1 
ATOM   1621 C CB  . THR A 1 213 ? -7.681  9.183   15.235  1.00 51.33 ? 213 THR A CB  1 
ATOM   1622 O OG1 . THR A 1 213 ? -8.632  8.916   14.200  1.00 49.88 ? 213 THR A OG1 1 
ATOM   1623 C CG2 . THR A 1 213 ? -7.367  7.808   15.827  1.00 50.98 ? 213 THR A CG2 1 
ATOM   1624 N N   . SER A 1 214 ? -9.939  11.889  15.751  1.00 54.32 ? 214 SER A N   1 
ATOM   1625 C CA  . SER A 1 214 ? -10.447 13.121  15.129  1.00 55.90 ? 214 SER A CA  1 
ATOM   1626 C C   . SER A 1 214 ? -9.669  14.382  15.504  1.00 57.03 ? 214 SER A C   1 
ATOM   1627 O O   . SER A 1 214 ? -9.376  15.220  14.642  1.00 57.08 ? 214 SER A O   1 
ATOM   1628 C CB  . SER A 1 214 ? -11.921 13.328  15.483  1.00 55.89 ? 214 SER A CB  1 
ATOM   1629 O OG  . SER A 1 214 ? -12.177 12.892  16.810  1.00 56.01 ? 214 SER A OG  1 
ATOM   1630 N N   . GLY A 1 215 ? -9.341  14.513  16.788  1.00 58.18 ? 215 GLY A N   1 
ATOM   1631 C CA  . GLY A 1 215 ? -8.652  15.690  17.283  1.00 59.63 ? 215 GLY A CA  1 
ATOM   1632 C C   . GLY A 1 215 ? -9.643  16.674  17.881  1.00 60.56 ? 215 GLY A C   1 
ATOM   1633 O O   . GLY A 1 215 ? -9.482  17.894  17.735  1.00 60.90 ? 215 GLY A O   1 
ATOM   1634 N N   . LYS A 1 216 ? -10.660 16.123  18.552  1.00 61.22 ? 216 LYS A N   1 
ATOM   1635 C CA  . LYS A 1 216 ? -11.710 16.876  19.246  1.00 61.69 ? 216 LYS A CA  1 
ATOM   1636 C C   . LYS A 1 216 ? -12.522 17.742  18.284  1.00 61.84 ? 216 LYS A C   1 
ATOM   1637 O O   . LYS A 1 216 ? -13.042 17.263  17.270  1.00 61.94 ? 216 LYS A O   1 
ATOM   1638 C CB  . LYS A 1 216 ? -11.126 17.712  20.402  1.00 61.89 ? 216 LYS A CB  1 
ATOM   1639 C CG  . LYS A 1 216 ? -11.763 17.455  21.802  1.00 62.34 ? 216 LYS A CG  1 
ATOM   1640 C CD  . LYS A 1 216 ? -11.233 16.175  22.504  1.00 62.13 ? 216 LYS A CD  1 
ATOM   1641 C CE  . LYS A 1 216 ? -9.828  16.339  23.105  1.00 61.37 ? 216 LYS A CE  1 
ATOM   1642 N NZ  . LYS A 1 216 ? -8.949  15.130  22.950  1.00 59.91 ? 216 LYS A NZ  1 
ATOM   1643 O OXT . LYS A 1 216 ? -12.831 19.026  18.757  0.00 2.66  ? 216 LYS A OXT 1 
HETATM 1644 O O   . HOH B 2 .   ? -6.706  -6.756  -18.826 1.00 26.76 ? 217 HOH A O   1 
HETATM 1645 O O   . HOH B 2 .   ? -8.876  -3.292  -21.546 1.00 18.74 ? 218 HOH A O   1 
HETATM 1646 O O   . HOH B 2 .   ? -5.773  1.446   -16.789 1.00 34.04 ? 219 HOH A O   1 
HETATM 1647 O O   . HOH B 2 .   ? -16.618 4.072   -8.139  1.00 36.54 ? 220 HOH A O   1 
HETATM 1648 O O   . HOH B 2 .   ? -20.776 -7.313  7.790   1.00 23.45 ? 221 HOH A O   1 
HETATM 1649 O O   . HOH B 2 .   ? 3.835   -17.775 -9.648  1.00 35.71 ? 222 HOH A O   1 
HETATM 1650 O O   . HOH B 2 .   ? 0.182   -14.396 -4.818  1.00 26.93 ? 223 HOH A O   1 
HETATM 1651 O O   . HOH B 2 .   ? -8.326  5.768   -9.927  1.00 44.91 ? 224 HOH A O   1 
HETATM 1652 O O   . HOH B 2 .   ? -10.320 -7.744  -2.626  1.00 26.92 ? 225 HOH A O   1 
HETATM 1653 O O   . HOH B 2 .   ? -11.119 2.916   -10.528 1.00 25.14 ? 226 HOH A O   1 
HETATM 1654 O O   . HOH B 2 .   ? -5.894  12.473  -2.019  1.00 49.77 ? 227 HOH A O   1 
HETATM 1655 O O   . HOH B 2 .   ? 1.714   1.594   8.453   1.00 38.39 ? 228 HOH A O   1 
HETATM 1656 O O   . HOH B 2 .   ? -26.002 -4.869  1.060   1.00 24.99 ? 229 HOH A O   1 
HETATM 1657 O O   . HOH B 2 .   ? -2.199  -17.056 -13.766 1.00 33.96 ? 230 HOH A O   1 
HETATM 1658 O O   . HOH B 2 .   ? -21.464 -1.255  -5.058  1.00 36.74 ? 231 HOH A O   1 
HETATM 1659 O O   . HOH B 2 .   ? -20.611 -8.826  9.957   1.00 29.76 ? 232 HOH A O   1 
HETATM 1660 O O   . HOH B 2 .   ? -2.555  -13.596 3.100   1.00 25.64 ? 233 HOH A O   1 
HETATM 1661 O O   . HOH B 2 .   ? -17.961 -12.457 7.265   1.00 52.50 ? 234 HOH A O   1 
HETATM 1662 O O   . HOH B 2 .   ? 20.198  14.562  5.509   1.00 40.82 ? 235 HOH A O   1 
HETATM 1663 O O   . HOH B 2 .   ? -13.013 3.957   -17.659 1.00 43.87 ? 236 HOH A O   1 
HETATM 1664 O O   . HOH B 2 .   ? 10.711  1.487   -3.719  1.00 51.25 ? 237 HOH A O   1 
HETATM 1665 O O   . HOH B 2 .   ? -4.367  -6.148  13.519  1.00 43.06 ? 238 HOH A O   1 
HETATM 1666 O O   . HOH B 2 .   ? -23.424 -7.573  -1.622  1.00 39.76 ? 239 HOH A O   1 
HETATM 1667 O O   . HOH B 2 .   ? -17.664 1.807   -8.231  1.00 36.36 ? 240 HOH A O   1 
HETATM 1668 O O   . HOH B 2 .   ? -8.696  -4.700  8.386   1.00 38.29 ? 241 HOH A O   1 
HETATM 1669 O O   . HOH B 2 .   ? -23.109 -7.882  14.790  1.00 31.61 ? 242 HOH A O   1 
HETATM 1670 O O   . HOH B 2 .   ? 3.491   1.753   -11.235 1.00 37.75 ? 243 HOH A O   1 
HETATM 1671 O O   . HOH B 2 .   ? -20.520 2.621   14.050  1.00 36.38 ? 244 HOH A O   1 
HETATM 1672 O O   . HOH B 2 .   ? -18.247 -12.821 0.805   1.00 42.79 ? 245 HOH A O   1 
HETATM 1673 O O   . HOH B 2 .   ? 12.137  2.348   8.715   1.00 30.87 ? 246 HOH A O   1 
HETATM 1674 O O   . HOH B 2 .   ? -0.855  -7.197  6.627   1.00 17.30 ? 247 HOH A O   1 
HETATM 1675 O O   . HOH B 2 .   ? 0.102   -6.784  -19.101 1.00 29.27 ? 248 HOH A O   1 
HETATM 1676 O O   . HOH B 2 .   ? -1.102  -8.261  -23.751 1.00 34.88 ? 249 HOH A O   1 
HETATM 1677 O O   . HOH B 2 .   ? -15.224 -16.479 -19.731 1.00 29.84 ? 250 HOH A O   1 
HETATM 1678 O O   . HOH B 2 .   ? -10.531 2.376   -14.830 1.00 41.16 ? 251 HOH A O   1 
HETATM 1679 O O   . HOH B 2 .   ? -15.272 -14.565 -6.099  1.00 28.89 ? 252 HOH A O   1 
HETATM 1680 O O   . HOH B 2 .   ? -2.021  13.129  -3.728  1.00 37.81 ? 253 HOH A O   1 
HETATM 1681 O O   . HOH B 2 .   ? -1.908  -5.987  -25.233 1.00 32.79 ? 254 HOH A O   1 
HETATM 1682 O O   . HOH B 2 .   ? -3.545  -8.944  6.229   1.00 55.95 ? 255 HOH A O   1 
HETATM 1683 O O   . HOH B 2 .   ? -3.624  1.672   -13.451 1.00 40.71 ? 256 HOH A O   1 
HETATM 1684 O O   . HOH B 2 .   ? -21.260 -6.740  -3.525  1.00 36.30 ? 257 HOH A O   1 
HETATM 1685 O O   . HOH B 2 .   ? 0.108   3.227   -18.394 1.00 49.24 ? 258 HOH A O   1 
HETATM 1686 O O   . HOH B 2 .   ? -17.163 9.644   8.619   1.00 42.33 ? 259 HOH A O   1 
HETATM 1687 O O   . HOH B 2 .   ? -12.004 8.566   5.318   1.00 34.31 ? 260 HOH A O   1 
HETATM 1688 O O   . HOH B 2 .   ? -9.732  5.885   6.507   1.00 32.34 ? 261 HOH A O   1 
HETATM 1689 O O   . HOH B 2 .   ? -15.582 4.556   -17.056 0.50 27.47 ? 262 HOH A O   1 
HETATM 1690 O O   . HOH B 2 .   ? 22.487  13.992  4.374   1.00 43.32 ? 263 HOH A O   1 
HETATM 1691 O O   . HOH B 2 .   ? 11.455  9.332   5.845   1.00 30.88 ? 264 HOH A O   1 
HETATM 1692 O O   . HOH B 2 .   ? 14.725  -5.353  -0.806  1.00 40.32 ? 265 HOH A O   1 
HETATM 1693 O O   . HOH B 2 .   ? 9.157   -10.386 -4.902  1.00 35.99 ? 266 HOH A O   1 
HETATM 1694 O O   . HOH B 2 .   ? 8.997   0.354   6.432   1.00 31.78 ? 267 HOH A O   1 
HETATM 1695 O O   . HOH B 2 .   ? -5.373  -10.376 -15.734 1.00 30.21 ? 268 HOH A O   1 
HETATM 1696 O O   . HOH B 2 .   ? 28.702  6.245   9.468   1.00 42.30 ? 269 HOH A O   1 
HETATM 1697 O O   . HOH B 2 .   ? 9.333   1.342   9.089   1.00 31.52 ? 270 HOH A O   1 
HETATM 1698 O O   . HOH B 2 .   ? -19.572 8.990   -3.967  1.00 58.57 ? 271 HOH A O   1 
HETATM 1699 O O   . HOH B 2 .   ? -23.483 1.841   9.726   1.00 36.37 ? 272 HOH A O   1 
HETATM 1700 O O   . HOH B 2 .   ? -16.059 -16.794 -3.097  1.00 42.31 ? 273 HOH A O   1 
HETATM 1701 O O   . HOH B 2 .   ? -11.431 -19.855 6.466   1.00 52.79 ? 274 HOH A O   1 
HETATM 1702 O O   . HOH B 2 .   ? -6.693  -9.483  -17.650 1.00 23.52 ? 275 HOH A O   1 
HETATM 1703 O O   . HOH B 2 .   ? -7.623  -12.178 7.177   1.00 29.77 ? 276 HOH A O   1 
HETATM 1704 O O   . HOH B 2 .   ? 0.348   0.456   11.278  1.00 30.84 ? 277 HOH A O   1 
HETATM 1705 O O   . HOH B 2 .   ? -6.325  -6.267  11.874  1.00 35.73 ? 278 HOH A O   1 
HETATM 1706 O O   . HOH B 2 .   ? 10.602  -8.211  -0.406  1.00 51.46 ? 279 HOH A O   1 
HETATM 1707 O O   . HOH B 2 .   ? 4.759   3.820   -10.697 1.00 43.56 ? 280 HOH A O   1 
HETATM 1708 O O   . HOH B 2 .   ? 8.735   -13.384 -14.290 1.00 48.53 ? 281 HOH A O   1 
HETATM 1709 O O   . HOH B 2 .   ? -14.904 -17.845 5.779   1.00 46.04 ? 282 HOH A O   1 
HETATM 1710 O O   . HOH B 2 .   ? -8.813  -5.720  -20.045 1.00 29.38 ? 283 HOH A O   1 
HETATM 1711 O O   . HOH B 2 .   ? 4.100   -5.207  -13.058 1.00 33.04 ? 284 HOH A O   1 
HETATM 1712 O O   . HOH B 2 .   ? -18.410 -6.795  -6.790  1.00 29.96 ? 285 HOH A O   1 
HETATM 1713 O O   . HOH B 2 .   ? -10.760 7.054   10.674  1.00 48.85 ? 286 HOH A O   1 
HETATM 1714 O O   . HOH B 2 .   ? -11.447 6.694   8.029   1.00 29.17 ? 287 HOH A O   1 
# 
